data_8P20
#
_entry.id   8P20
#
_cell.length_a   58.620
_cell.length_b   75.750
_cell.length_c   129.400
_cell.angle_alpha   90.015
_cell.angle_beta   90.039
_cell.angle_gamma   90.031
#
_symmetry.space_group_name_H-M   'P 1'
#
loop_
_entity.id
_entity.type
_entity.pdbx_description
1 polymer TarM(Se)_G117R
2 non-polymer '[(2~{R},3~{S},4~{S})-2-[(2~{S},3~{S},4~{R},5~{R},6~{S})-6-(hydroxymethyl)-3,4,5-tris(oxidanyl)oxan-2-yl]oxy-3,4-bis(oxidanyl)-5-[oxidanyl-[(2~{R},3~{S},4~{S})-2,3,4-tris(oxidanyl)-5-[oxidanyl-[(2~{R},3~{S},4~{S})-2,3,4,5-tetrakis(oxidanyl)pentoxy]phosphoryl]oxy-pentoxy]phosphoryl]oxy-pentyl] [(2~{S},3~{R},4~{R})-2,3,4-tris(oxidanyl)-5-phosphonooxy-pentyl] hydrogen phosphate'
3 non-polymer 'CHLORIDE ION'
4 non-polymer BETA-MERCAPTOETHANOL
5 non-polymer "URIDINE-5'-DIPHOSPHATE"
6 non-polymer GLYCEROL
7 water water
#
_entity_poly.entity_id   1
_entity_poly.type   'polypeptide(L)'
_entity_poly.pdbx_seq_one_letter_code
;MHHHHHHSGENLYFQSMKQTYMIVNELDVNKGGMTTAMLTRSKFFLDNEISGDIITFDFKANYKDILKELVQSKKMDKRT
QMHNPFIYFKNISNLQHKKYNYTMTRNLSNLLKDSVEIKENSRISRFFNIMSREYLAYKRETEQETIFDLFKNNLRYKRI
YFYKGKIVKTEVFNSDNNLIAEQFYDDNGYLYLYRQINPEKKSIGKTYLVCKEKQFKNNVEFCSYFLDKLIPDINDNIII
CDGPGSFPKILKTNHKNVKKFAVIHVNHYKNFDDTGAVKKQEDYILRNANKINGVVMLTEAQKKDIIEKYKITNAYVISN
FINITDDYRDKNDNKVVGHISRLVPQKGLPYLIDVAKKVVEQDNSVEFHLYGTGEEKSKIENLIQESNLTNNVKLLGYTT
NAIEKIKDFRCVISTSQFEGQGLSLIEAMLLKKPVVAFDVKYGPSDFVKDGKNGYLIENKDIKKMANKILKLLHDKELSK
SLGKHGRDTIIDMYQPEKLMVKWKQLFN
;
_entity_poly.pdbx_strand_id   AAA,BBB,CCC,DDD
#
# COMPACT_ATOMS: atom_id res chain seq x y z
N MET A 17 35.12 54.61 -1.11
CA MET A 17 35.28 54.74 0.37
C MET A 17 35.10 53.38 1.03
N LYS A 18 35.21 53.32 2.37
CA LYS A 18 35.05 52.08 3.15
C LYS A 18 33.57 51.91 3.54
N GLN A 19 32.95 50.82 3.09
CA GLN A 19 31.54 50.47 3.41
C GLN A 19 31.53 49.35 4.45
N THR A 20 30.87 49.54 5.58
CA THR A 20 30.79 48.53 6.67
C THR A 20 29.45 47.80 6.60
N TYR A 21 29.39 46.58 7.13
CA TYR A 21 28.19 45.71 7.10
C TYR A 21 28.05 45.02 8.46
N MET A 22 27.19 45.56 9.34
CA MET A 22 26.92 44.99 10.68
C MET A 22 26.03 43.75 10.52
N ILE A 23 26.31 42.67 11.24
CA ILE A 23 25.58 41.37 11.11
C ILE A 23 24.81 41.09 12.41
N VAL A 24 23.51 40.78 12.28
CA VAL A 24 22.62 40.39 13.41
C VAL A 24 21.48 39.53 12.84
N ASN A 25 20.74 38.83 13.69
CA ASN A 25 19.65 37.93 13.23
C ASN A 25 18.37 38.75 12.97
N GLU A 26 17.98 39.62 13.90
CA GLU A 26 16.70 40.37 13.82
C GLU A 26 16.89 41.81 14.28
N LEU A 27 15.93 42.68 13.94
CA LEU A 27 15.93 44.11 14.33
C LEU A 27 14.49 44.56 14.59
N ASP A 28 14.00 44.37 15.83
CA ASP A 28 12.61 44.75 16.22
C ASP A 28 12.66 46.10 16.94
N VAL A 29 11.53 46.50 17.55
CA VAL A 29 11.40 47.83 18.23
C VAL A 29 11.67 47.68 19.73
N ASN A 30 11.36 46.52 20.32
CA ASN A 30 11.49 46.28 21.78
C ASN A 30 12.78 45.49 22.06
N LYS A 31 13.94 46.04 21.71
CA LYS A 31 15.26 45.35 21.81
C LYS A 31 16.08 45.97 22.95
N GLY A 32 17.38 45.68 23.01
CA GLY A 32 18.27 46.05 24.13
C GLY A 32 19.52 46.79 23.68
N GLY A 33 20.68 46.41 24.22
CA GLY A 33 21.96 47.13 24.07
C GLY A 33 22.58 46.95 22.69
N MET A 34 22.91 45.71 22.33
CA MET A 34 23.55 45.38 21.02
C MET A 34 22.92 46.24 19.92
N THR A 35 21.59 46.21 19.80
CA THR A 35 20.83 46.95 18.77
C THR A 35 21.23 48.43 18.81
N THR A 36 21.00 49.11 19.94
CA THR A 36 21.27 50.56 20.08
C THR A 36 22.74 50.84 19.70
N ALA A 37 23.68 50.03 20.18
CA ALA A 37 25.13 50.18 19.93
C ALA A 37 25.38 50.18 18.42
N MET A 38 24.91 49.15 17.72
CA MET A 38 25.11 48.99 16.25
C MET A 38 24.57 50.23 15.52
N LEU A 39 23.36 50.68 15.88
CA LEU A 39 22.69 51.79 15.17
C LEU A 39 23.40 53.12 15.49
N THR A 40 23.87 53.29 16.73
CA THR A 40 24.65 54.50 17.13
C THR A 40 26.00 54.46 16.40
N ARG A 41 26.63 53.29 16.32
CA ARG A 41 27.90 53.08 15.57
C ARG A 41 27.66 53.54 14.13
N SER A 42 26.58 53.07 13.50
CA SER A 42 26.23 53.37 12.09
C SER A 42 26.15 54.89 11.90
N LYS A 43 25.39 55.58 12.77
CA LYS A 43 25.18 57.05 12.67
C LYS A 43 26.53 57.77 12.72
N PHE A 44 27.35 57.47 13.73
CA PHE A 44 28.68 58.12 13.93
C PHE A 44 29.60 57.75 12.75
N PHE A 45 29.51 56.51 12.27
CA PHE A 45 30.27 56.04 11.07
C PHE A 45 29.87 56.89 9.86
N LEU A 46 28.56 57.05 9.64
CA LEU A 46 28.01 57.80 8.47
C LEU A 46 28.37 59.28 8.60
N ASP A 47 28.56 59.78 9.83
CA ASP A 47 28.98 61.18 10.09
C ASP A 47 30.48 61.31 9.78
N ASN A 48 31.18 60.20 9.60
CA ASN A 48 32.64 60.18 9.31
C ASN A 48 32.88 59.66 7.89
N GLU A 49 31.87 59.75 7.02
CA GLU A 49 31.93 59.35 5.59
C GLU A 49 32.20 57.84 5.46
N ILE A 50 31.78 57.04 6.45
CA ILE A 50 31.93 55.56 6.43
C ILE A 50 30.52 54.96 6.46
N SER A 51 30.11 54.28 5.38
CA SER A 51 28.75 53.68 5.26
C SER A 51 28.59 52.61 6.34
N GLY A 52 27.44 52.61 7.04
CA GLY A 52 27.11 51.64 8.10
C GLY A 52 25.77 51.00 7.83
N ASP A 53 25.75 49.75 7.37
CA ASP A 53 24.49 49.03 7.01
C ASP A 53 24.33 47.81 7.91
N ILE A 54 23.10 47.51 8.29
CA ILE A 54 22.77 46.34 9.16
C ILE A 54 22.30 45.20 8.26
N ILE A 55 22.77 43.98 8.52
CA ILE A 55 22.40 42.76 7.74
C ILE A 55 21.61 41.82 8.65
N THR A 56 20.28 41.83 8.56
CA THR A 56 19.39 40.91 9.32
C THR A 56 19.16 39.65 8.49
N PHE A 57 18.65 38.58 9.11
CA PHE A 57 18.46 37.26 8.47
C PHE A 57 17.10 36.65 8.85
N ASP A 58 16.07 37.46 9.03
CA ASP A 58 14.75 36.98 9.51
C ASP A 58 13.65 37.45 8.56
N PHE A 59 12.50 36.78 8.57
CA PHE A 59 11.33 37.18 7.76
C PHE A 59 10.40 38.05 8.61
N LYS A 60 10.36 39.35 8.32
CA LYS A 60 9.37 40.28 8.91
C LYS A 60 8.71 41.02 7.75
N ALA A 61 7.41 40.83 7.55
CA ALA A 61 6.60 41.47 6.48
C ALA A 61 6.45 42.96 6.79
N ASN A 62 6.53 43.35 8.07
CA ASN A 62 6.34 44.74 8.53
C ASN A 62 7.71 45.38 8.81
N TYR A 63 8.77 44.93 8.14
CA TYR A 63 10.15 45.42 8.42
C TYR A 63 10.23 46.92 8.11
N LYS A 64 9.61 47.36 7.01
CA LYS A 64 9.55 48.79 6.61
C LYS A 64 8.96 49.62 7.77
N ASP A 65 7.81 49.19 8.30
CA ASP A 65 7.08 49.91 9.38
C ASP A 65 7.93 49.89 10.66
N ILE A 66 8.58 48.77 10.98
CA ILE A 66 9.45 48.62 12.18
C ILE A 66 10.60 49.63 12.07
N LEU A 67 11.31 49.63 10.94
CA LEU A 67 12.49 50.52 10.71
C LEU A 67 12.02 51.98 10.72
N LYS A 68 10.79 52.26 10.26
CA LYS A 68 10.22 53.63 10.20
C LYS A 68 9.93 54.09 11.63
N GLU A 69 9.42 53.21 12.50
CA GLU A 69 9.18 53.53 13.92
C GLU A 69 10.54 53.74 14.60
N LEU A 70 11.55 52.96 14.23
CA LEU A 70 12.91 53.04 14.83
C LEU A 70 13.54 54.40 14.48
N VAL A 71 13.41 54.86 13.24
CA VAL A 71 14.02 56.15 12.81
C VAL A 71 13.20 57.31 13.37
N GLN A 72 11.89 57.11 13.56
CA GLN A 72 10.97 58.16 14.09
C GLN A 72 11.19 58.29 15.60
N SER A 73 11.60 57.21 16.27
CA SER A 73 11.88 57.19 17.73
C SER A 73 13.33 57.58 18.01
N LYS A 74 14.03 58.13 17.01
CA LYS A 74 15.44 58.60 17.13
C LYS A 74 16.32 57.45 17.64
N LYS A 75 16.11 56.24 17.14
CA LYS A 75 16.93 55.04 17.49
C LYS A 75 17.87 54.72 16.32
N MET A 76 17.48 55.07 15.09
CA MET A 76 18.24 54.75 13.86
C MET A 76 18.40 56.01 13.00
N ASP A 77 19.51 56.13 12.27
CA ASP A 77 19.74 57.24 11.32
C ASP A 77 19.04 56.90 10.00
N LYS A 78 18.57 57.92 9.28
CA LYS A 78 17.86 57.77 7.98
C LYS A 78 18.80 57.17 6.94
N ARG A 79 20.11 57.42 7.07
CA ARG A 79 21.14 56.99 6.09
C ARG A 79 21.51 55.52 6.33
N THR A 80 20.97 54.90 7.39
CA THR A 80 21.19 53.46 7.70
C THR A 80 20.22 52.62 6.86
N GLN A 81 20.75 51.66 6.11
CA GLN A 81 19.94 50.72 5.29
C GLN A 81 20.06 49.31 5.89
N MET A 82 18.94 48.62 6.05
CA MET A 82 18.91 47.23 6.57
C MET A 82 18.82 46.26 5.39
N HIS A 83 19.69 45.26 5.37
CA HIS A 83 19.71 44.20 4.32
C HIS A 83 19.12 42.91 4.90
N ASN A 84 18.38 42.17 4.08
CA ASN A 84 17.74 40.89 4.47
C ASN A 84 17.66 39.99 3.24
N PRO A 85 18.02 38.70 3.34
CA PRO A 85 17.89 37.78 2.20
C PRO A 85 16.45 37.62 1.73
N PHE A 86 15.48 37.78 2.65
CA PHE A 86 14.03 37.65 2.34
C PHE A 86 13.55 38.87 1.55
N ILE A 87 14.38 39.91 1.42
CA ILE A 87 14.07 41.12 0.62
C ILE A 87 14.94 41.13 -0.65
N TYR A 88 16.23 40.84 -0.53
CA TYR A 88 17.20 40.81 -1.66
C TYR A 88 16.70 39.85 -2.74
N PHE A 89 16.46 38.60 -2.37
CA PHE A 89 16.07 37.53 -3.32
C PHE A 89 14.62 37.75 -3.77
N LYS A 90 13.78 38.38 -2.94
CA LYS A 90 12.39 38.74 -3.32
C LYS A 90 12.45 39.73 -4.50
N ASN A 91 13.35 40.70 -4.43
CA ASN A 91 13.50 41.75 -5.47
C ASN A 91 13.98 41.12 -6.78
N ILE A 92 14.92 40.16 -6.69
CA ILE A 92 15.44 39.43 -7.88
C ILE A 92 14.28 38.65 -8.52
N SER A 93 13.44 38.00 -7.71
CA SER A 93 12.30 37.18 -8.20
C SER A 93 11.25 38.10 -8.86
N ASN A 94 11.19 39.36 -8.46
CA ASN A 94 10.20 40.34 -9.00
C ASN A 94 10.67 40.84 -10.36
N LEU A 95 11.93 40.56 -10.73
CA LEU A 95 12.52 40.95 -12.03
C LEU A 95 12.42 39.80 -13.04
N GLN A 96 12.01 38.61 -12.59
CA GLN A 96 12.01 37.39 -13.44
C GLN A 96 10.64 37.20 -14.10
N HIS A 97 9.61 37.92 -13.63
CA HIS A 97 8.24 37.91 -14.21
C HIS A 97 7.77 39.35 -14.40
N LYS A 98 6.54 39.56 -14.88
CA LYS A 98 6.02 40.88 -15.28
C LYS A 98 4.62 41.14 -14.71
N LYS A 99 3.80 40.10 -14.53
CA LYS A 99 2.41 40.23 -14.03
C LYS A 99 2.21 39.34 -12.80
N TYR A 100 1.14 39.60 -12.03
CA TYR A 100 0.80 38.86 -10.80
C TYR A 100 0.20 37.50 -11.20
N ASN A 101 0.65 36.42 -10.56
CA ASN A 101 0.21 35.04 -10.87
C ASN A 101 -1.27 34.89 -10.53
N TYR A 102 -1.67 35.26 -9.32
CA TYR A 102 -3.08 35.20 -8.82
C TYR A 102 -3.60 33.76 -8.92
N THR A 103 -2.71 32.76 -9.04
CA THR A 103 -3.10 31.33 -9.20
C THR A 103 -3.40 30.76 -7.82
N MET A 104 -2.49 30.94 -6.86
CA MET A 104 -2.66 30.49 -5.46
C MET A 104 -3.90 31.17 -4.88
N THR A 105 -4.07 32.46 -5.18
CA THR A 105 -5.23 33.27 -4.74
C THR A 105 -6.51 32.63 -5.31
N ARG A 106 -6.54 32.34 -6.61
CA ARG A 106 -7.70 31.74 -7.30
C ARG A 106 -8.01 30.38 -6.68
N ASN A 107 -6.98 29.58 -6.36
CA ASN A 107 -7.14 28.26 -5.69
C ASN A 107 -7.96 28.46 -4.42
N LEU A 108 -7.47 29.29 -3.49
CA LEU A 108 -8.13 29.52 -2.17
C LEU A 108 -9.54 30.08 -2.41
N SER A 109 -9.70 31.01 -3.36
CA SER A 109 -11.00 31.66 -3.68
C SER A 109 -12.00 30.59 -4.11
N ASN A 110 -11.58 29.62 -4.93
CA ASN A 110 -12.47 28.55 -5.47
C ASN A 110 -12.74 27.53 -4.36
N LEU A 111 -11.83 27.37 -3.40
CA LEU A 111 -12.00 26.43 -2.26
C LEU A 111 -12.96 27.07 -1.23
N LEU A 112 -12.89 28.40 -1.07
CA LEU A 112 -13.83 29.16 -0.20
C LEU A 112 -15.21 29.16 -0.86
N LYS A 113 -15.26 28.96 -2.19
CA LYS A 113 -16.53 28.75 -2.93
C LYS A 113 -16.93 27.29 -2.79
N ASP A 114 -18.19 26.95 -3.06
CA ASP A 114 -18.77 25.60 -2.83
C ASP A 114 -18.69 25.28 -1.33
N SER A 115 -18.37 26.26 -0.50
CA SER A 115 -18.30 26.15 0.97
C SER A 115 -19.21 27.21 1.60
N VAL A 116 -19.65 27.00 2.84
CA VAL A 116 -20.58 27.93 3.54
C VAL A 116 -19.78 28.72 4.60
N GLU A 117 -19.87 30.04 4.57
CA GLU A 117 -19.18 30.93 5.54
C GLU A 117 -19.96 30.88 6.87
N ILE A 118 -19.38 30.24 7.89
CA ILE A 118 -19.95 30.19 9.27
C ILE A 118 -19.09 31.09 10.15
N LYS A 119 -19.45 32.38 10.24
CA LYS A 119 -18.66 33.41 10.97
C LYS A 119 -18.95 33.32 12.47
N GLU A 120 -17.91 33.13 13.29
CA GLU A 120 -17.99 33.14 14.77
C GLU A 120 -18.06 34.60 15.22
N ASN A 121 -17.10 35.42 14.77
CA ASN A 121 -17.01 36.87 15.08
C ASN A 121 -17.07 37.64 13.76
N SER A 122 -16.67 38.91 13.75
CA SER A 122 -16.57 39.76 12.54
C SER A 122 -15.20 39.58 11.89
N ARG A 123 -14.30 38.84 12.54
CA ARG A 123 -12.91 38.58 12.05
C ARG A 123 -12.72 37.08 11.78
N ILE A 124 -13.16 36.23 12.72
CA ILE A 124 -12.97 34.75 12.63
C ILE A 124 -14.18 34.14 11.93
N SER A 125 -13.95 33.38 10.86
CA SER A 125 -15.01 32.68 10.08
C SER A 125 -14.52 31.29 9.66
N ARG A 126 -15.43 30.32 9.60
CA ARG A 126 -15.13 28.93 9.14
C ARG A 126 -15.83 28.69 7.80
N PHE A 127 -15.42 27.66 7.06
CA PHE A 127 -15.97 27.31 5.72
C PHE A 127 -16.23 25.81 5.65
N PHE A 128 -17.48 25.42 5.39
CA PHE A 128 -17.92 24.00 5.32
C PHE A 128 -18.30 23.65 3.88
N ASN A 129 -17.51 22.78 3.23
CA ASN A 129 -17.83 22.24 1.88
C ASN A 129 -18.60 20.93 2.08
N ILE A 130 -19.80 20.81 1.52
CA ILE A 130 -20.66 19.61 1.68
C ILE A 130 -20.06 18.45 0.88
N MET A 131 -19.21 18.75 -0.10
CA MET A 131 -18.45 17.75 -0.90
C MET A 131 -17.34 17.16 -0.02
N SER A 132 -16.70 18.00 0.80
CA SER A 132 -15.62 17.60 1.74
C SER A 132 -16.23 17.06 3.04
N ARG A 133 -17.51 17.37 3.30
CA ARG A 133 -18.30 16.85 4.45
C ARG A 133 -17.79 17.42 5.78
N GLU A 134 -16.82 18.34 5.77
CA GLU A 134 -16.20 18.87 7.01
C GLU A 134 -15.74 20.31 6.81
N TYR A 135 -15.40 21.00 7.90
CA TYR A 135 -14.80 22.36 7.89
C TYR A 135 -13.35 22.23 7.42
N LEU A 136 -13.05 22.72 6.23
CA LEU A 136 -11.71 22.55 5.60
C LEU A 136 -10.97 23.88 5.54
N ALA A 137 -11.45 24.93 6.23
CA ALA A 137 -10.85 26.28 6.17
C ALA A 137 -11.30 27.15 7.34
N TYR A 138 -10.39 27.96 7.86
CA TYR A 138 -10.65 28.98 8.91
C TYR A 138 -10.00 30.29 8.48
N LYS A 139 -10.62 31.43 8.78
CA LYS A 139 -10.13 32.75 8.33
C LYS A 139 -10.12 33.74 9.49
N ARG A 140 -9.06 34.53 9.62
CA ARG A 140 -8.99 35.68 10.56
C ARG A 140 -8.60 36.92 9.77
N GLU A 141 -9.58 37.75 9.41
CA GLU A 141 -9.37 39.03 8.70
C GLU A 141 -9.14 40.13 9.76
N THR A 142 -7.96 40.76 9.76
CA THR A 142 -7.65 41.90 10.66
C THR A 142 -7.65 43.19 9.82
N GLU A 143 -7.11 44.27 10.37
CA GLU A 143 -7.08 45.61 9.72
C GLU A 143 -5.98 45.65 8.64
N GLN A 144 -4.91 44.87 8.81
CA GLN A 144 -3.72 44.93 7.90
C GLN A 144 -3.40 43.56 7.31
N GLU A 145 -3.78 42.46 7.97
CA GLU A 145 -3.42 41.09 7.53
C GLU A 145 -4.65 40.17 7.57
N THR A 146 -4.69 39.17 6.70
CA THR A 146 -5.77 38.15 6.62
C THR A 146 -5.14 36.76 6.71
N ILE A 147 -5.51 35.96 7.70
CA ILE A 147 -4.89 34.62 7.89
C ILE A 147 -5.90 33.55 7.43
N PHE A 148 -5.43 32.52 6.74
CA PHE A 148 -6.25 31.39 6.24
C PHE A 148 -5.64 30.08 6.72
N ASP A 149 -6.16 29.51 7.80
CA ASP A 149 -5.69 28.21 8.34
C ASP A 149 -6.52 27.09 7.71
N LEU A 150 -5.88 26.22 6.92
CA LEU A 150 -6.57 25.12 6.20
C LEU A 150 -6.61 23.87 7.09
N PHE A 151 -7.70 23.10 7.01
CA PHE A 151 -7.94 21.93 7.87
C PHE A 151 -8.32 20.70 7.02
N LYS A 152 -7.92 19.52 7.49
CA LYS A 152 -8.31 18.21 6.87
C LYS A 152 -8.43 17.19 8.01
N ASN A 153 -9.61 16.59 8.17
CA ASN A 153 -9.92 15.66 9.29
C ASN A 153 -9.69 16.38 10.62
N ASN A 154 -10.13 17.65 10.71
CA ASN A 154 -10.05 18.50 11.92
C ASN A 154 -8.58 18.63 12.37
N LEU A 155 -7.64 18.64 11.43
CA LEU A 155 -6.19 18.81 11.72
C LEU A 155 -5.64 19.89 10.79
N ARG A 156 -5.13 21.00 11.36
CA ARG A 156 -4.53 22.11 10.60
C ARG A 156 -3.25 21.60 9.92
N TYR A 157 -3.08 21.87 8.63
CA TYR A 157 -1.92 21.43 7.83
C TYR A 157 -1.31 22.59 7.04
N LYS A 158 -2.01 23.71 6.89
CA LYS A 158 -1.53 24.86 6.09
C LYS A 158 -2.02 26.18 6.69
N ARG A 159 -1.24 27.25 6.48
CA ARG A 159 -1.59 28.63 6.94
C ARG A 159 -1.20 29.62 5.84
N ILE A 160 -2.19 30.28 5.22
CA ILE A 160 -1.95 31.25 4.12
C ILE A 160 -2.00 32.66 4.71
N TYR A 161 -0.84 33.32 4.84
CA TYR A 161 -0.72 34.72 5.33
C TYR A 161 -0.93 35.68 4.15
N PHE A 162 -1.87 36.61 4.29
CA PHE A 162 -2.12 37.70 3.31
C PHE A 162 -1.76 39.03 3.97
N TYR A 163 -0.76 39.74 3.45
CA TYR A 163 -0.34 41.08 3.96
C TYR A 163 -0.42 42.10 2.82
N LYS A 164 -1.07 43.23 3.07
CA LYS A 164 -1.25 44.35 2.11
C LYS A 164 -1.86 43.81 0.80
N GLY A 165 -2.87 42.94 0.92
CA GLY A 165 -3.63 42.38 -0.20
C GLY A 165 -2.74 41.57 -1.14
N LYS A 166 -1.90 40.70 -0.59
CA LYS A 166 -0.96 39.85 -1.38
C LYS A 166 -0.44 38.71 -0.50
N ILE A 167 -0.47 37.47 -1.03
CA ILE A 167 0.08 36.27 -0.33
C ILE A 167 1.59 36.49 -0.16
N VAL A 168 2.08 36.52 1.09
CA VAL A 168 3.50 36.81 1.42
C VAL A 168 4.18 35.55 1.95
N LYS A 169 3.47 34.75 2.75
CA LYS A 169 4.07 33.56 3.43
C LYS A 169 3.02 32.47 3.60
N THR A 170 3.45 31.21 3.52
CA THR A 170 2.60 30.03 3.81
C THR A 170 3.38 29.08 4.74
N GLU A 171 2.70 28.46 5.70
CA GLU A 171 3.33 27.54 6.69
C GLU A 171 2.67 26.17 6.59
N VAL A 172 3.45 25.10 6.51
CA VAL A 172 2.93 23.70 6.54
C VAL A 172 3.20 23.11 7.92
N PHE A 173 2.17 22.57 8.56
CA PHE A 173 2.23 21.96 9.91
C PHE A 173 2.02 20.45 9.80
N ASN A 174 2.27 19.71 10.88
CA ASN A 174 2.12 18.22 10.90
C ASN A 174 0.86 17.85 11.69
N SER A 175 0.76 16.60 12.13
CA SER A 175 -0.39 16.05 12.89
C SER A 175 -0.37 16.59 14.32
N ASP A 176 0.82 16.86 14.86
CA ASP A 176 1.01 17.43 16.22
C ASP A 176 0.86 18.95 16.14
N ASN A 177 0.61 19.49 14.94
CA ASN A 177 0.46 20.94 14.66
C ASN A 177 1.79 21.65 14.94
N ASN A 178 2.90 21.05 14.51
CA ASN A 178 4.26 21.64 14.61
C ASN A 178 4.72 22.03 13.20
N LEU A 179 5.34 23.20 13.03
CA LEU A 179 5.79 23.71 11.72
C LEU A 179 6.86 22.76 11.16
N ILE A 180 6.68 22.31 9.92
CA ILE A 180 7.64 21.39 9.23
C ILE A 180 8.14 22.02 7.92
N ALA A 181 7.49 23.09 7.45
CA ALA A 181 7.84 23.77 6.18
C ALA A 181 7.36 25.22 6.18
N GLU A 182 8.08 26.09 5.47
CA GLU A 182 7.79 27.54 5.38
C GLU A 182 8.06 28.01 3.94
N GLN A 183 7.11 28.68 3.31
CA GLN A 183 7.21 29.15 1.90
C GLN A 183 7.06 30.68 1.85
N PHE A 184 7.82 31.35 0.99
CA PHE A 184 7.83 32.84 0.89
C PHE A 184 7.58 33.25 -0.57
N TYR A 185 6.52 34.01 -0.81
CA TYR A 185 6.10 34.48 -2.16
C TYR A 185 6.58 35.92 -2.39
N ASP A 186 6.66 36.35 -3.65
CA ASP A 186 7.18 37.70 -4.02
C ASP A 186 5.99 38.65 -4.27
N ASP A 187 6.25 39.79 -4.93
CA ASP A 187 5.23 40.84 -5.20
C ASP A 187 4.52 40.55 -6.52
N ASN A 188 5.01 39.58 -7.30
CA ASN A 188 4.34 39.12 -8.54
C ASN A 188 3.55 37.84 -8.25
N GLY A 189 3.54 37.39 -6.98
CA GLY A 189 2.77 36.22 -6.53
C GLY A 189 3.46 34.90 -6.85
N TYR A 190 4.79 34.86 -6.78
CA TYR A 190 5.60 33.66 -7.11
C TYR A 190 6.47 33.27 -5.90
N LEU A 191 6.52 31.98 -5.60
CA LEU A 191 7.39 31.42 -4.52
C LEU A 191 8.85 31.53 -4.97
N TYR A 192 9.70 32.15 -4.16
CA TYR A 192 11.16 32.32 -4.43
C TYR A 192 11.98 31.58 -3.38
N LEU A 193 11.37 31.21 -2.26
CA LEU A 193 12.10 30.57 -1.12
C LEU A 193 11.21 29.53 -0.44
N TYR A 194 11.71 28.30 -0.29
CA TYR A 194 11.05 27.21 0.47
C TYR A 194 12.02 26.72 1.55
N ARG A 195 11.53 26.52 2.77
CA ARG A 195 12.36 26.12 3.93
C ARG A 195 11.76 24.90 4.61
N GLN A 196 12.59 23.92 4.96
CA GLN A 196 12.17 22.75 5.79
C GLN A 196 12.52 23.05 7.24
N ILE A 197 11.61 22.73 8.16
CA ILE A 197 11.79 23.01 9.62
C ILE A 197 11.79 21.68 10.37
N ASN A 198 12.86 21.36 11.09
CA ASN A 198 12.92 20.16 11.97
C ASN A 198 12.11 20.48 13.23
N PRO A 199 10.95 19.80 13.45
CA PRO A 199 10.09 20.11 14.59
C PRO A 199 10.61 19.55 15.92
N GLU A 200 11.59 18.64 15.87
CA GLU A 200 12.19 17.98 17.05
C GLU A 200 13.37 18.82 17.57
N LYS A 201 14.25 19.23 16.67
CA LYS A 201 15.43 20.10 16.99
C LYS A 201 15.01 21.57 16.91
N LYS A 202 13.75 21.85 16.55
CA LYS A 202 13.21 23.22 16.38
C LYS A 202 14.22 24.06 15.62
N SER A 203 14.68 23.59 14.45
CA SER A 203 15.75 24.22 13.65
C SER A 203 15.32 24.33 12.18
N ILE A 204 16.07 25.09 11.38
CA ILE A 204 15.87 25.24 9.91
C ILE A 204 16.71 24.17 9.19
N GLY A 205 16.26 23.73 8.01
CA GLY A 205 16.92 22.66 7.22
C GLY A 205 17.08 23.05 5.77
N LYS A 206 16.61 22.20 4.85
CA LYS A 206 16.78 22.38 3.38
C LYS A 206 16.13 23.69 2.95
N THR A 207 16.94 24.69 2.63
CA THR A 207 16.49 26.01 2.10
C THR A 207 16.54 25.94 0.57
N TYR A 208 15.45 26.27 -0.12
CA TYR A 208 15.34 26.16 -1.60
C TYR A 208 15.14 27.54 -2.23
N LEU A 209 16.16 28.04 -2.93
CA LEU A 209 16.09 29.33 -3.68
C LEU A 209 15.50 29.06 -5.07
N VAL A 210 14.17 28.96 -5.17
CA VAL A 210 13.46 28.61 -6.44
C VAL A 210 13.87 29.62 -7.52
N CYS A 211 14.00 30.90 -7.16
CA CYS A 211 14.33 32.00 -8.10
C CYS A 211 15.63 31.69 -8.85
N LYS A 212 16.60 31.04 -8.19
CA LYS A 212 17.92 30.72 -8.78
C LYS A 212 18.09 29.19 -8.88
N GLU A 213 17.03 28.43 -8.61
CA GLU A 213 17.06 26.94 -8.63
C GLU A 213 18.30 26.44 -7.88
N LYS A 214 18.58 27.00 -6.70
CA LYS A 214 19.69 26.60 -5.82
C LYS A 214 19.13 25.78 -4.65
N GLN A 215 19.99 25.08 -3.90
CA GLN A 215 19.58 24.21 -2.77
C GLN A 215 20.63 24.28 -1.66
N PHE A 216 20.23 24.69 -0.46
CA PHE A 216 21.10 24.80 0.73
C PHE A 216 20.60 23.82 1.80
N LYS A 217 21.48 23.39 2.70
CA LYS A 217 21.18 22.37 3.73
C LYS A 217 20.89 23.05 5.08
N ASN A 218 21.26 24.33 5.22
CA ASN A 218 21.04 25.12 6.46
C ASN A 218 20.87 26.59 6.08
N ASN A 219 20.24 27.37 6.97
CA ASN A 219 20.07 28.83 6.76
C ASN A 219 21.45 29.49 6.79
N VAL A 220 22.43 28.84 7.44
CA VAL A 220 23.85 29.31 7.47
C VAL A 220 24.32 29.46 6.02
N GLU A 221 24.18 28.40 5.21
CA GLU A 221 24.64 28.37 3.79
C GLU A 221 23.87 29.44 2.99
N PHE A 222 22.55 29.52 3.18
CA PHE A 222 21.66 30.46 2.44
C PHE A 222 22.10 31.89 2.73
N CYS A 223 22.36 32.22 4.00
CA CYS A 223 22.73 33.58 4.45
C CYS A 223 24.17 33.89 4.03
N SER A 224 25.05 32.88 4.01
CA SER A 224 26.44 33.02 3.53
C SER A 224 26.42 33.36 2.04
N TYR A 225 25.56 32.68 1.28
CA TYR A 225 25.34 32.92 -0.17
C TYR A 225 24.84 34.35 -0.36
N PHE A 226 23.87 34.77 0.46
CA PHE A 226 23.29 36.13 0.44
C PHE A 226 24.44 37.15 0.61
N LEU A 227 25.29 36.96 1.62
CA LEU A 227 26.40 37.89 1.93
C LEU A 227 27.43 37.85 0.78
N ASP A 228 27.62 36.68 0.15
CA ASP A 228 28.59 36.51 -0.95
C ASP A 228 28.09 37.26 -2.19
N LYS A 229 26.78 37.50 -2.29
CA LYS A 229 26.15 38.19 -3.44
C LYS A 229 26.00 39.68 -3.12
N LEU A 230 25.41 40.02 -1.97
CA LEU A 230 25.15 41.43 -1.55
C LEU A 230 26.48 42.17 -1.41
N ILE A 231 27.42 41.61 -0.65
CA ILE A 231 28.73 42.26 -0.37
C ILE A 231 29.76 41.74 -1.36
N PRO A 232 30.28 42.59 -2.28
CA PRO A 232 31.35 42.19 -3.20
C PRO A 232 32.67 41.91 -2.46
N ASP A 233 33.56 41.12 -3.06
CA ASP A 233 34.88 40.75 -2.46
C ASP A 233 35.88 41.88 -2.72
N ILE A 234 35.74 43.01 -2.02
CA ILE A 234 36.66 44.18 -2.12
C ILE A 234 37.26 44.44 -0.74
N ASN A 235 38.48 44.99 -0.70
CA ASN A 235 39.22 45.27 0.56
C ASN A 235 38.62 46.51 1.24
N ASP A 236 37.90 47.35 0.50
CA ASP A 236 37.25 48.56 1.05
C ASP A 236 35.85 48.20 1.58
N ASN A 237 35.54 46.90 1.70
CA ASN A 237 34.28 46.42 2.33
C ASN A 237 34.66 45.63 3.59
N ILE A 238 33.90 45.81 4.68
CA ILE A 238 34.21 45.19 6.01
C ILE A 238 32.93 44.69 6.65
N ILE A 239 32.95 43.47 7.20
CA ILE A 239 31.79 42.84 7.90
C ILE A 239 32.03 42.91 9.41
N ILE A 240 31.11 43.51 10.17
CA ILE A 240 31.19 43.56 11.66
C ILE A 240 30.06 42.72 12.23
N CYS A 241 30.33 41.47 12.61
CA CYS A 241 29.34 40.57 13.26
C CYS A 241 29.25 40.93 14.75
N ASP A 242 28.11 41.49 15.16
CA ASP A 242 27.85 41.89 16.57
C ASP A 242 27.03 40.81 17.26
N GLY A 243 26.32 39.97 16.49
CA GLY A 243 25.51 38.85 17.01
C GLY A 243 26.36 37.58 17.12
N PRO A 244 26.44 36.95 18.31
CA PRO A 244 27.31 35.77 18.49
C PRO A 244 26.81 34.49 17.81
N GLY A 245 25.53 34.46 17.41
CA GLY A 245 24.88 33.32 16.75
C GLY A 245 24.90 33.45 15.23
N SER A 246 25.34 34.59 14.71
CA SER A 246 25.41 34.87 13.25
C SER A 246 26.86 34.72 12.77
N PHE A 247 27.81 34.50 13.68
CA PHE A 247 29.26 34.38 13.36
C PHE A 247 29.47 33.22 12.39
N PRO A 248 28.96 31.99 12.65
CA PRO A 248 29.19 30.86 11.75
C PRO A 248 28.91 31.17 10.27
N LYS A 249 27.81 31.87 9.98
CA LYS A 249 27.38 32.21 8.61
C LYS A 249 28.46 33.11 7.97
N ILE A 250 28.99 34.07 8.73
CA ILE A 250 29.98 35.06 8.22
C ILE A 250 31.33 34.36 8.00
N LEU A 251 31.62 33.31 8.77
CA LEU A 251 32.90 32.56 8.70
C LEU A 251 32.93 31.73 7.42
N LYS A 252 31.77 31.21 7.00
CA LYS A 252 31.68 30.28 5.84
C LYS A 252 31.32 31.06 4.57
N THR A 253 31.92 32.24 4.37
CA THR A 253 31.77 33.04 3.13
C THR A 253 32.93 32.73 2.19
N ASN A 254 32.76 33.02 0.90
CA ASN A 254 33.81 32.78 -0.14
C ASN A 254 34.57 34.07 -0.39
N HIS A 255 34.55 35.00 0.57
CA HIS A 255 35.29 36.29 0.49
C HIS A 255 36.76 36.05 0.89
N LYS A 256 37.70 36.64 0.15
CA LYS A 256 39.16 36.55 0.44
C LYS A 256 39.74 37.95 0.65
N ASN A 257 38.95 39.01 0.44
CA ASN A 257 39.43 40.41 0.53
C ASN A 257 38.61 41.19 1.57
N VAL A 258 37.32 40.88 1.71
CA VAL A 258 36.41 41.57 2.68
C VAL A 258 36.94 41.33 4.09
N LYS A 259 37.20 42.40 4.85
CA LYS A 259 37.65 42.34 6.27
C LYS A 259 36.48 41.81 7.11
N LYS A 260 36.77 41.03 8.16
CA LYS A 260 35.73 40.41 9.03
C LYS A 260 36.09 40.67 10.50
N PHE A 261 35.30 41.47 11.19
CA PHE A 261 35.52 41.82 12.63
C PHE A 261 34.34 41.30 13.45
N ALA A 262 34.62 40.62 14.56
CA ALA A 262 33.60 40.12 15.50
C ALA A 262 33.61 40.97 16.76
N VAL A 263 32.45 41.14 17.39
CA VAL A 263 32.29 42.00 18.60
C VAL A 263 31.63 41.18 19.71
N ILE A 264 32.29 41.06 20.86
CA ILE A 264 31.73 40.37 22.06
C ILE A 264 30.99 41.42 22.88
N HIS A 265 29.66 41.31 22.96
CA HIS A 265 28.78 42.32 23.60
C HIS A 265 28.39 41.92 25.03
N VAL A 266 28.92 40.80 25.54
CA VAL A 266 28.52 40.25 26.87
C VAL A 266 29.65 39.39 27.44
N ASN A 267 29.60 39.12 28.75
CA ASN A 267 30.54 38.21 29.46
C ASN A 267 30.67 36.92 28.65
N HIS A 268 31.89 36.50 28.34
CA HIS A 268 32.17 35.29 27.51
C HIS A 268 32.06 34.02 28.36
N TYR A 269 31.82 34.15 29.67
CA TYR A 269 31.71 32.98 30.60
C TYR A 269 30.25 32.55 30.73
N LYS A 270 30.03 31.28 31.06
CA LYS A 270 28.66 30.71 31.28
C LYS A 270 27.93 31.59 32.31
N ASN A 271 26.70 32.00 31.98
CA ASN A 271 25.90 32.97 32.79
C ASN A 271 26.04 32.66 34.28
N PHE A 272 25.76 31.41 34.69
CA PHE A 272 25.73 30.99 36.11
C PHE A 272 27.04 30.28 36.49
N ASP A 273 27.34 29.18 35.80
CA ASP A 273 28.51 28.30 36.09
C ASP A 273 29.76 29.17 36.30
N ASP A 274 30.31 29.19 37.51
CA ASP A 274 31.54 29.94 37.85
C ASP A 274 32.75 28.98 37.77
N THR A 275 32.66 27.94 36.95
CA THR A 275 33.72 26.90 36.77
C THR A 275 34.71 27.39 35.70
N GLY A 276 34.48 28.56 35.12
CA GLY A 276 35.31 29.14 34.04
C GLY A 276 34.94 28.57 32.68
N ALA A 277 33.78 27.92 32.58
CA ALA A 277 33.22 27.42 31.30
C ALA A 277 32.79 28.62 30.45
N VAL A 278 33.07 28.57 29.14
CA VAL A 278 32.74 29.66 28.18
C VAL A 278 31.49 29.24 27.39
N LYS A 279 30.75 30.22 26.88
CA LYS A 279 29.50 29.99 26.10
C LYS A 279 29.90 29.50 24.70
N LYS A 280 29.22 28.47 24.19
CA LYS A 280 29.55 27.84 22.88
C LYS A 280 29.71 28.92 21.80
N GLN A 281 28.71 29.79 21.65
CA GLN A 281 28.68 30.87 20.61
C GLN A 281 29.96 31.71 20.74
N GLU A 282 30.24 32.23 21.94
CA GLU A 282 31.40 33.12 22.20
C GLU A 282 32.70 32.32 22.03
N ASP A 283 32.75 31.08 22.50
CA ASP A 283 33.93 30.19 22.36
C ASP A 283 34.24 30.02 20.88
N TYR A 284 33.21 29.78 20.06
CA TYR A 284 33.34 29.60 18.59
C TYR A 284 34.07 30.82 18.00
N ILE A 285 33.59 32.02 18.32
CA ILE A 285 34.16 33.31 17.82
C ILE A 285 35.63 33.38 18.26
N LEU A 286 35.89 33.16 19.55
CA LEU A 286 37.24 33.35 20.15
C LEU A 286 38.19 32.22 19.71
N ARG A 287 37.65 31.11 19.19
CA ARG A 287 38.47 29.97 18.71
C ARG A 287 38.83 30.14 17.24
N ASN A 288 37.90 30.68 16.44
CA ASN A 288 38.10 30.87 14.97
C ASN A 288 38.49 32.33 14.72
N ALA A 289 39.39 32.88 15.54
CA ALA A 289 39.83 34.30 15.44
C ALA A 289 41.03 34.40 14.50
N ASN A 290 41.69 33.27 14.21
CA ASN A 290 42.83 33.20 13.26
C ASN A 290 42.30 33.23 11.83
N LYS A 291 41.00 32.99 11.64
CA LYS A 291 40.34 32.93 10.31
C LYS A 291 39.62 34.25 10.03
N ILE A 292 39.54 35.15 11.03
CA ILE A 292 38.94 36.51 10.85
C ILE A 292 40.06 37.54 10.99
N ASN A 293 39.75 38.83 10.80
CA ASN A 293 40.75 39.93 10.80
C ASN A 293 40.95 40.47 12.21
N GLY A 294 40.05 40.14 13.16
CA GLY A 294 40.20 40.55 14.57
C GLY A 294 38.90 40.49 15.36
N VAL A 295 39.00 40.40 16.69
CA VAL A 295 37.84 40.40 17.63
C VAL A 295 37.90 41.68 18.47
N VAL A 296 36.77 42.41 18.54
CA VAL A 296 36.68 43.71 19.26
C VAL A 296 35.94 43.49 20.59
N MET A 297 36.60 43.73 21.72
CA MET A 297 35.97 43.71 23.06
C MET A 297 35.71 45.15 23.51
N LEU A 298 34.91 45.35 24.56
CA LEU A 298 34.49 46.69 25.02
C LEU A 298 35.37 47.13 26.20
N THR A 299 35.72 46.19 27.08
CA THR A 299 36.59 46.46 28.27
C THR A 299 37.93 45.74 28.07
N GLU A 300 38.99 46.27 28.67
CA GLU A 300 40.34 45.63 28.67
C GLU A 300 40.28 44.39 29.57
N ALA A 301 39.39 44.39 30.57
CA ALA A 301 39.17 43.25 31.49
C ALA A 301 38.80 42.01 30.67
N GLN A 302 37.85 42.15 29.74
CA GLN A 302 37.39 41.03 28.87
C GLN A 302 38.58 40.57 28.02
N LYS A 303 39.27 41.52 27.37
CA LYS A 303 40.43 41.24 26.49
C LYS A 303 41.42 40.35 27.26
N LYS A 304 41.76 40.72 28.50
CA LYS A 304 42.76 40.01 29.33
C LYS A 304 42.27 38.57 29.61
N ASP A 305 41.04 38.43 30.09
CA ASP A 305 40.48 37.11 30.50
C ASP A 305 40.29 36.22 29.26
N ILE A 306 40.21 36.81 28.07
CA ILE A 306 40.05 36.06 26.78
C ILE A 306 41.44 35.68 26.25
N ILE A 307 42.41 36.61 26.31
CA ILE A 307 43.82 36.34 25.91
C ILE A 307 44.28 35.06 26.62
N GLU A 308 43.91 34.90 27.89
CA GLU A 308 44.19 33.67 28.68
C GLU A 308 43.31 32.53 28.11
N LYS A 309 43.93 31.41 27.74
CA LYS A 309 43.26 30.17 27.28
C LYS A 309 42.82 30.27 25.82
N TYR A 310 43.20 31.34 25.10
CA TYR A 310 42.92 31.47 23.65
C TYR A 310 44.19 31.94 22.91
N LYS A 311 45.03 32.76 23.54
CA LYS A 311 46.32 33.25 22.98
C LYS A 311 46.05 33.95 21.64
N ILE A 312 44.90 34.62 21.50
CA ILE A 312 44.52 35.39 20.29
C ILE A 312 45.43 36.62 20.21
N THR A 313 46.10 36.85 19.08
CA THR A 313 47.01 37.99 18.87
C THR A 313 46.34 39.03 17.95
N ASN A 314 45.01 39.07 17.96
CA ASN A 314 44.22 39.98 17.09
C ASN A 314 43.04 40.54 17.90
N ALA A 315 43.25 40.84 19.18
CA ALA A 315 42.20 41.37 20.08
C ALA A 315 42.29 42.90 20.13
N TYR A 316 41.15 43.58 20.12
CA TYR A 316 41.05 45.07 20.16
C TYR A 316 40.05 45.48 21.24
N VAL A 317 40.32 46.58 21.94
CA VAL A 317 39.50 47.06 23.09
C VAL A 317 38.70 48.29 22.67
N ILE A 318 38.31 48.39 21.39
CA ILE A 318 37.46 49.51 20.89
C ILE A 318 36.10 49.40 21.58
N SER A 319 35.72 50.40 22.38
CA SER A 319 34.46 50.41 23.17
C SER A 319 33.28 50.75 22.25
N ASN A 320 32.06 50.71 22.80
CA ASN A 320 30.81 51.02 22.05
C ASN A 320 30.66 52.54 21.94
N PHE A 321 30.01 53.01 20.88
CA PHE A 321 29.65 54.43 20.68
C PHE A 321 28.41 54.73 21.52
N ILE A 322 28.46 55.80 22.31
CA ILE A 322 27.30 56.27 23.12
C ILE A 322 26.96 57.70 22.67
N ASN A 323 25.73 57.90 22.20
CA ASN A 323 25.19 59.24 21.84
C ASN A 323 25.37 60.15 23.07
N ILE A 324 26.08 61.27 22.91
CA ILE A 324 26.30 62.27 23.99
C ILE A 324 25.17 63.29 23.91
N THR A 325 23.99 62.96 24.45
CA THR A 325 22.78 63.83 24.48
C THR A 325 23.15 65.16 25.12
N ASP A 326 22.48 66.24 24.72
CA ASP A 326 22.76 67.62 25.18
C ASP A 326 22.38 67.73 26.67
N ASP A 327 22.96 68.69 27.39
CA ASP A 327 22.71 68.91 28.83
C ASP A 327 21.32 69.54 28.99
N TYR A 328 20.80 69.58 30.22
CA TYR A 328 19.43 70.09 30.53
C TYR A 328 19.39 70.61 31.97
N ARG A 329 18.19 71.02 32.41
CA ARG A 329 17.96 71.56 33.78
C ARG A 329 17.43 70.42 34.66
N ASP A 330 18.34 69.69 35.31
CA ASP A 330 17.98 68.63 36.29
C ASP A 330 17.83 69.27 37.66
N LYS A 331 16.62 69.28 38.21
CA LYS A 331 16.31 69.82 39.56
C LYS A 331 16.33 68.68 40.58
N ASN A 332 16.28 67.42 40.12
CA ASN A 332 16.23 66.21 40.98
C ASN A 332 15.18 66.42 42.08
N ASP A 333 13.92 66.62 41.69
CA ASP A 333 12.82 66.97 42.63
C ASP A 333 11.95 65.73 42.92
N ASN A 334 12.21 64.60 42.25
CA ASN A 334 11.40 63.36 42.38
C ASN A 334 12.29 62.26 42.96
N LYS A 335 11.85 61.62 44.05
CA LYS A 335 12.58 60.51 44.71
C LYS A 335 12.21 59.20 44.01
N VAL A 336 12.82 58.93 42.85
CA VAL A 336 12.51 57.72 42.04
C VAL A 336 13.81 57.08 41.53
N VAL A 337 14.01 55.80 41.83
CA VAL A 337 15.14 54.98 41.31
C VAL A 337 14.64 54.27 40.06
N GLY A 338 15.50 54.05 39.06
CA GLY A 338 15.08 53.50 37.76
C GLY A 338 15.99 52.37 37.29
N HIS A 339 15.40 51.33 36.67
CA HIS A 339 16.16 50.23 36.01
C HIS A 339 15.54 49.97 34.63
N ILE A 340 15.97 50.74 33.63
CA ILE A 340 15.49 50.61 32.22
C ILE A 340 16.35 49.53 31.53
N SER A 341 15.86 48.29 31.51
CA SER A 341 16.55 47.14 30.86
C SER A 341 15.53 46.03 30.58
N ARG A 342 15.94 45.02 29.82
CA ARG A 342 15.10 43.83 29.49
C ARG A 342 14.76 43.12 30.80
N LEU A 343 13.55 42.58 30.93
CA LEU A 343 13.16 41.80 32.13
C LEU A 343 13.70 40.37 31.95
N VAL A 344 15.02 40.21 32.05
CA VAL A 344 15.74 38.94 31.76
C VAL A 344 16.64 38.63 32.96
N PRO A 345 16.80 37.33 33.35
CA PRO A 345 17.66 36.95 34.47
C PRO A 345 19.10 37.51 34.47
N GLN A 346 19.64 37.89 33.31
CA GLN A 346 20.92 38.63 33.18
C GLN A 346 20.99 39.71 34.27
N LYS A 347 19.94 40.53 34.37
CA LYS A 347 19.80 41.60 35.39
C LYS A 347 19.19 40.95 36.64
N GLY A 348 19.82 41.12 37.80
CA GLY A 348 19.39 40.47 39.05
C GLY A 348 18.17 41.14 39.66
N LEU A 349 17.02 41.08 38.98
CA LEU A 349 15.73 41.65 39.45
C LEU A 349 15.43 41.17 40.88
N PRO A 350 15.56 39.86 41.21
CA PRO A 350 15.37 39.40 42.58
C PRO A 350 16.12 40.24 43.62
N TYR A 351 17.43 40.43 43.44
CA TYR A 351 18.29 41.20 44.37
C TYR A 351 17.81 42.65 44.45
N LEU A 352 17.29 43.20 43.34
CA LEU A 352 16.77 44.58 43.26
C LEU A 352 15.59 44.73 44.24
N ILE A 353 14.65 43.79 44.20
CA ILE A 353 13.43 43.81 45.06
C ILE A 353 13.85 43.58 46.51
N ASP A 354 14.94 42.84 46.73
CA ASP A 354 15.45 42.54 48.10
C ASP A 354 16.16 43.78 48.66
N VAL A 355 16.49 44.75 47.80
CA VAL A 355 17.12 46.04 48.23
C VAL A 355 16.04 47.11 48.33
N ALA A 356 14.99 47.01 47.51
CA ALA A 356 13.87 47.98 47.48
C ALA A 356 13.08 47.89 48.79
N LYS A 357 12.94 46.69 49.35
CA LYS A 357 12.26 46.48 50.66
C LYS A 357 13.07 47.20 51.75
N LYS A 358 14.40 47.12 51.70
CA LYS A 358 15.30 47.79 52.68
C LYS A 358 15.10 49.31 52.57
N VAL A 359 15.11 49.85 51.34
CA VAL A 359 14.95 51.31 51.08
C VAL A 359 13.58 51.75 51.63
N VAL A 360 12.51 51.01 51.30
CA VAL A 360 11.12 51.37 51.68
C VAL A 360 10.96 51.23 53.21
N GLU A 361 11.75 50.36 53.84
CA GLU A 361 11.73 50.19 55.32
C GLU A 361 12.12 51.51 55.98
N GLN A 362 13.06 52.25 55.37
CA GLN A 362 13.51 53.58 55.86
C GLN A 362 12.61 54.66 55.25
N ASP A 363 12.69 54.87 53.93
CA ASP A 363 11.86 55.87 53.21
C ASP A 363 10.82 55.13 52.36
N ASN A 364 9.58 55.07 52.82
CA ASN A 364 8.47 54.38 52.12
C ASN A 364 7.92 55.28 51.00
N SER A 365 8.53 56.45 50.79
CA SER A 365 8.10 57.42 49.74
C SER A 365 8.90 57.19 48.45
N VAL A 366 10.08 56.56 48.55
CA VAL A 366 10.96 56.26 47.39
C VAL A 366 10.24 55.26 46.49
N GLU A 367 10.14 55.55 45.19
CA GLU A 367 9.45 54.67 44.21
C GLU A 367 10.48 54.08 43.24
N PHE A 368 10.41 52.78 42.99
CA PHE A 368 11.31 52.06 42.04
C PHE A 368 10.58 51.85 40.72
N HIS A 369 10.64 52.83 39.81
CA HIS A 369 10.03 52.74 38.46
C HIS A 369 10.95 51.92 37.54
N LEU A 370 10.61 50.64 37.33
CA LEU A 370 11.38 49.72 36.45
C LEU A 370 10.77 49.75 35.05
N TYR A 371 11.59 49.93 34.02
CA TYR A 371 11.16 50.01 32.60
C TYR A 371 11.77 48.84 31.82
N GLY A 372 11.14 48.48 30.69
CA GLY A 372 11.58 47.38 29.81
C GLY A 372 10.60 46.22 29.85
N THR A 373 10.66 45.34 28.84
CA THR A 373 9.81 44.13 28.72
C THR A 373 10.70 42.89 28.68
N GLY A 374 10.14 41.72 28.97
CA GLY A 374 10.88 40.44 28.98
C GLY A 374 10.04 39.30 29.53
N GLU A 375 10.69 38.19 29.89
CA GLU A 375 10.05 36.93 30.31
C GLU A 375 9.85 36.93 31.83
N GLU A 376 10.71 37.61 32.59
CA GLU A 376 10.68 37.61 34.08
C GLU A 376 9.74 38.70 34.60
N LYS A 377 8.77 39.13 33.80
CA LYS A 377 7.74 40.12 34.24
C LYS A 377 6.88 39.48 35.33
N SER A 378 6.30 38.31 35.05
CA SER A 378 5.46 37.53 36.00
C SER A 378 6.24 37.28 37.29
N LYS A 379 7.49 36.83 37.19
CA LYS A 379 8.35 36.49 38.35
C LYS A 379 8.51 37.73 39.24
N ILE A 380 8.94 38.86 38.67
CA ILE A 380 9.20 40.11 39.45
C ILE A 380 7.89 40.58 40.09
N GLU A 381 6.77 40.47 39.35
CA GLU A 381 5.44 40.94 39.83
C GLU A 381 5.00 40.07 41.01
N ASN A 382 5.39 38.80 41.03
CA ASN A 382 5.06 37.85 42.13
C ASN A 382 5.80 38.29 43.39
N LEU A 383 7.09 38.63 43.27
CA LEU A 383 7.94 39.08 44.41
C LEU A 383 7.44 40.45 44.87
N ILE A 384 6.98 41.29 43.95
CA ILE A 384 6.42 42.64 44.26
C ILE A 384 5.14 42.46 45.08
N GLN A 385 4.31 41.48 44.72
CA GLN A 385 3.02 41.22 45.40
C GLN A 385 3.26 40.45 46.70
N GLU A 386 4.32 39.64 46.77
CA GLU A 386 4.68 38.85 47.97
C GLU A 386 5.03 39.84 49.09
N SER A 387 5.80 40.87 48.79
CA SER A 387 6.14 41.98 49.72
C SER A 387 5.06 43.07 49.62
N ASN A 388 5.17 44.12 50.43
CA ASN A 388 4.25 45.29 50.39
C ASN A 388 4.84 46.32 49.41
N LEU A 389 5.51 45.86 48.35
CA LEU A 389 6.24 46.75 47.40
C LEU A 389 5.36 47.01 46.17
N THR A 390 4.03 46.96 46.32
CA THR A 390 3.07 47.17 45.20
C THR A 390 2.99 48.65 44.86
N ASN A 391 3.10 49.53 45.85
CA ASN A 391 3.00 51.00 45.67
C ASN A 391 4.41 51.60 45.55
N ASN A 392 5.46 50.79 45.70
CA ASN A 392 6.87 51.26 45.69
C ASN A 392 7.55 50.78 44.40
N VAL A 393 7.73 49.47 44.25
CA VAL A 393 8.37 48.87 43.04
C VAL A 393 7.27 48.63 42.02
N LYS A 394 7.28 49.35 40.89
CA LYS A 394 6.25 49.26 39.84
C LYS A 394 6.92 49.11 38.47
N LEU A 395 6.59 48.04 37.74
CA LEU A 395 7.02 47.84 36.34
C LEU A 395 6.10 48.66 35.43
N LEU A 396 6.65 49.46 34.52
CA LEU A 396 5.86 50.39 33.67
C LEU A 396 5.83 49.90 32.22
N GLY A 397 6.88 49.20 31.77
CA GLY A 397 6.95 48.58 30.43
C GLY A 397 8.02 49.23 29.58
N TYR A 398 8.19 48.74 28.34
CA TYR A 398 9.21 49.22 27.38
C TYR A 398 8.97 50.71 27.11
N THR A 399 10.03 51.51 27.07
CA THR A 399 9.96 52.96 26.76
C THR A 399 10.77 53.22 25.48
N THR A 400 10.16 53.88 24.50
CA THR A 400 10.82 54.29 23.23
C THR A 400 11.66 55.54 23.52
N ASN A 401 11.27 56.32 24.53
CA ASN A 401 11.99 57.56 24.94
C ASN A 401 12.45 57.40 26.40
N ALA A 402 13.50 56.62 26.62
CA ALA A 402 14.09 56.39 27.96
C ALA A 402 14.72 57.70 28.46
N ILE A 403 15.24 58.52 27.54
CA ILE A 403 15.88 59.83 27.86
C ILE A 403 14.94 60.63 28.78
N GLU A 404 13.68 60.83 28.36
CA GLU A 404 12.66 61.59 29.13
C GLU A 404 12.50 60.94 30.51
N LYS A 405 12.39 59.60 30.56
CA LYS A 405 12.15 58.85 31.83
C LYS A 405 13.33 59.08 32.78
N ILE A 406 14.56 58.96 32.29
CA ILE A 406 15.79 59.10 33.12
C ILE A 406 15.91 60.56 33.58
N LYS A 407 15.56 61.50 32.70
CA LYS A 407 15.59 62.95 33.03
C LYS A 407 14.76 63.20 34.31
N ASP A 408 13.67 62.46 34.51
CA ASP A 408 12.78 62.62 35.68
C ASP A 408 13.08 61.51 36.71
N PHE A 409 14.36 61.19 36.93
CA PHE A 409 14.78 60.20 37.96
C PHE A 409 15.58 60.90 39.05
N ARG A 410 16.05 60.14 40.04
CA ARG A 410 16.95 60.63 41.11
C ARG A 410 18.28 59.87 41.03
N CYS A 411 18.22 58.54 40.97
CA CYS A 411 19.41 57.65 40.82
C CYS A 411 19.06 56.52 39.86
N VAL A 412 20.07 55.80 39.38
CA VAL A 412 19.88 54.58 38.54
C VAL A 412 20.66 53.43 39.20
N ILE A 413 20.01 52.27 39.34
CA ILE A 413 20.59 51.09 40.04
C ILE A 413 20.95 50.04 38.98
N SER A 414 21.81 49.08 39.35
CA SER A 414 22.16 47.90 38.51
C SER A 414 22.46 46.71 39.42
N THR A 415 21.66 45.66 39.32
CA THR A 415 21.81 44.43 40.14
C THR A 415 22.27 43.28 39.25
N SER A 416 22.92 43.57 38.13
CA SER A 416 23.33 42.55 37.12
C SER A 416 24.41 41.63 37.71
N GLN A 417 24.41 40.36 37.30
CA GLN A 417 25.40 39.34 37.73
C GLN A 417 26.40 39.12 36.59
N PHE A 418 26.07 39.58 35.38
CA PHE A 418 26.95 39.54 34.18
C PHE A 418 26.44 40.56 33.16
N GLU A 419 27.37 41.23 32.46
CA GLU A 419 27.03 42.29 31.47
C GLU A 419 28.24 42.61 30.59
N GLY A 420 28.06 43.49 29.61
CA GLY A 420 29.13 44.05 28.75
C GLY A 420 29.41 45.50 29.12
N GLN A 421 29.29 46.43 28.18
CA GLN A 421 29.60 47.86 28.39
C GLN A 421 28.65 48.46 29.43
N GLY A 422 27.35 48.20 29.34
CA GLY A 422 26.32 48.78 30.23
C GLY A 422 25.85 50.13 29.73
N LEU A 423 25.16 50.14 28.58
CA LEU A 423 24.71 51.37 27.87
C LEU A 423 23.75 52.17 28.76
N SER A 424 22.76 51.52 29.38
CA SER A 424 21.68 52.19 30.15
C SER A 424 22.28 53.02 31.29
N LEU A 425 23.33 52.52 31.94
CA LEU A 425 23.99 53.21 33.08
C LEU A 425 24.79 54.40 32.53
N ILE A 426 25.49 54.20 31.41
CA ILE A 426 26.33 55.24 30.75
C ILE A 426 25.42 56.40 30.31
N GLU A 427 24.28 56.09 29.69
CA GLU A 427 23.29 57.10 29.22
C GLU A 427 22.78 57.89 30.43
N ALA A 428 22.47 57.20 31.53
CA ALA A 428 22.00 57.82 32.79
C ALA A 428 23.05 58.81 33.27
N MET A 429 24.30 58.37 33.39
CA MET A 429 25.44 59.24 33.82
C MET A 429 25.50 60.47 32.90
N LEU A 430 25.33 60.27 31.58
CA LEU A 430 25.41 61.37 30.58
C LEU A 430 24.22 62.32 30.76
N LEU A 431 23.10 61.84 31.31
CA LEU A 431 21.92 62.69 31.62
C LEU A 431 22.04 63.22 33.05
N LYS A 432 23.27 63.45 33.53
CA LYS A 432 23.57 63.97 34.88
C LYS A 432 22.74 63.22 35.92
N LYS A 433 22.85 61.88 35.95
CA LYS A 433 22.17 61.03 36.95
C LYS A 433 23.20 60.20 37.69
N PRO A 434 23.21 60.21 39.05
CA PRO A 434 24.11 59.35 39.82
C PRO A 434 23.73 57.87 39.64
N VAL A 435 24.71 56.98 39.56
CA VAL A 435 24.48 55.54 39.29
C VAL A 435 25.15 54.71 40.40
N VAL A 436 24.36 53.88 41.09
CA VAL A 436 24.88 52.91 42.09
C VAL A 436 24.72 51.51 41.48
N ALA A 437 25.82 50.81 41.20
CA ALA A 437 25.81 49.53 40.46
C ALA A 437 26.62 48.47 41.20
N PHE A 438 26.22 47.20 41.06
CA PHE A 438 26.96 46.03 41.59
C PHE A 438 28.21 45.83 40.74
N ASP A 439 29.39 45.86 41.37
CA ASP A 439 30.67 45.56 40.67
C ASP A 439 30.48 44.21 39.96
N VAL A 440 30.45 44.23 38.63
CA VAL A 440 30.19 43.02 37.78
C VAL A 440 31.42 42.84 36.89
N LYS A 441 31.57 41.66 36.29
CA LYS A 441 32.75 41.32 35.44
C LYS A 441 32.57 41.94 34.05
N TYR A 442 33.65 42.50 33.51
CA TYR A 442 33.69 43.08 32.14
C TYR A 442 32.52 44.04 31.96
N GLY A 443 32.38 45.01 32.87
CA GLY A 443 31.22 45.93 32.89
C GLY A 443 31.52 47.27 33.55
N PRO A 444 30.67 47.70 34.51
CA PRO A 444 30.74 49.06 35.04
C PRO A 444 31.98 49.37 35.90
N SER A 445 32.91 48.42 36.02
CA SER A 445 34.18 48.60 36.77
C SER A 445 35.11 49.56 36.04
N ASP A 446 34.72 50.10 34.88
CA ASP A 446 35.61 50.95 34.04
C ASP A 446 35.13 52.41 34.03
N PHE A 447 33.89 52.71 34.44
CA PHE A 447 33.33 54.08 34.36
C PHE A 447 32.64 54.52 35.67
N VAL A 448 32.29 53.60 36.57
CA VAL A 448 31.69 53.98 37.88
C VAL A 448 32.83 54.21 38.89
N LYS A 449 33.02 55.46 39.33
CA LYS A 449 34.03 55.84 40.33
C LYS A 449 33.32 56.06 41.67
N ASP A 450 33.64 55.24 42.68
CA ASP A 450 33.01 55.31 44.02
C ASP A 450 33.26 56.69 44.63
N GLY A 451 32.23 57.53 44.70
CA GLY A 451 32.29 58.87 45.33
C GLY A 451 32.26 60.00 44.31
N LYS A 452 32.72 59.75 43.07
CA LYS A 452 32.83 60.81 42.03
C LYS A 452 31.52 60.90 41.24
N ASN A 453 31.09 59.81 40.61
CA ASN A 453 29.88 59.80 39.74
C ASN A 453 28.78 58.93 40.37
N GLY A 454 29.13 58.12 41.38
CA GLY A 454 28.19 57.20 42.05
C GLY A 454 28.92 56.29 43.01
N TYR A 455 28.37 55.11 43.30
CA TYR A 455 28.93 54.17 44.29
C TYR A 455 28.95 52.75 43.72
N LEU A 456 30.14 52.19 43.54
CA LEU A 456 30.35 50.79 43.08
C LEU A 456 30.19 49.85 44.28
N ILE A 457 29.15 49.03 44.29
CA ILE A 457 28.83 48.12 45.43
C ILE A 457 29.23 46.69 45.06
N GLU A 458 29.68 45.91 46.03
CA GLU A 458 30.09 44.49 45.83
C GLU A 458 28.85 43.70 45.37
N ASN A 459 29.02 42.72 44.47
CA ASN A 459 27.91 41.88 43.97
C ASN A 459 27.24 41.20 45.17
N LYS A 460 25.91 41.18 45.20
CA LYS A 460 25.09 40.55 46.27
C LYS A 460 25.42 41.19 47.63
N ASP A 461 25.44 42.52 47.69
CA ASP A 461 25.60 43.30 48.95
C ASP A 461 24.43 44.28 49.07
N ILE A 462 23.22 43.75 49.25
CA ILE A 462 21.96 44.55 49.34
C ILE A 462 22.15 45.72 50.31
N LYS A 463 22.69 45.44 51.50
CA LYS A 463 22.86 46.44 52.59
C LYS A 463 23.53 47.69 52.02
N LYS A 464 24.76 47.55 51.50
CA LYS A 464 25.57 48.70 51.03
C LYS A 464 24.82 49.41 49.89
N MET A 465 24.30 48.66 48.92
CA MET A 465 23.55 49.21 47.76
C MET A 465 22.43 50.10 48.27
N ALA A 466 21.61 49.59 49.21
CA ALA A 466 20.44 50.31 49.77
C ALA A 466 20.91 51.59 50.47
N ASN A 467 21.99 51.52 51.25
CA ASN A 467 22.51 52.67 52.04
C ASN A 467 22.91 53.79 51.08
N LYS A 468 23.51 53.45 49.93
CA LYS A 468 23.98 54.44 48.93
C LYS A 468 22.76 55.05 48.24
N ILE A 469 21.77 54.22 47.89
CA ILE A 469 20.48 54.70 47.31
C ILE A 469 19.85 55.68 48.30
N LEU A 470 19.83 55.32 49.59
CA LEU A 470 19.20 56.14 50.66
C LEU A 470 19.88 57.53 50.70
N LYS A 471 21.22 57.56 50.76
CA LYS A 471 22.01 58.81 50.80
C LYS A 471 21.58 59.73 49.65
N LEU A 472 21.43 59.18 48.43
CA LEU A 472 21.14 59.98 47.21
C LEU A 472 19.69 60.44 47.22
N LEU A 473 18.78 59.65 47.81
CA LEU A 473 17.33 59.97 47.87
C LEU A 473 17.06 60.98 48.98
N HIS A 474 18.07 61.26 49.82
CA HIS A 474 17.95 62.25 50.94
C HIS A 474 18.88 63.44 50.68
N ASP A 475 19.84 63.33 49.76
CA ASP A 475 20.75 64.44 49.40
C ASP A 475 20.67 64.66 47.88
N LYS A 476 19.69 65.44 47.44
CA LYS A 476 19.49 65.78 46.00
C LYS A 476 20.69 66.59 45.51
N GLU A 477 21.32 67.38 46.39
CA GLU A 477 22.53 68.19 46.07
C GLU A 477 23.63 67.25 45.58
N LEU A 478 23.99 66.24 46.37
CA LEU A 478 25.08 65.28 46.05
C LEU A 478 24.70 64.52 44.77
N SER A 479 23.42 64.20 44.58
CA SER A 479 22.92 63.50 43.37
C SER A 479 23.34 64.29 42.13
N LYS A 480 23.02 65.58 42.08
CA LYS A 480 23.36 66.48 40.94
C LYS A 480 24.89 66.53 40.78
N SER A 481 25.61 66.71 41.89
CA SER A 481 27.11 66.79 41.90
C SER A 481 27.68 65.52 41.26
N LEU A 482 27.27 64.35 41.75
CA LEU A 482 27.75 63.03 41.25
C LEU A 482 27.40 62.91 39.76
N GLY A 483 26.15 63.24 39.40
CA GLY A 483 25.65 63.18 38.02
C GLY A 483 26.51 64.01 37.07
N LYS A 484 26.86 65.24 37.48
CA LYS A 484 27.71 66.16 36.68
C LYS A 484 29.01 65.44 36.31
N HIS A 485 29.68 64.84 37.30
CA HIS A 485 30.96 64.11 37.09
C HIS A 485 30.72 62.94 36.14
N GLY A 486 29.56 62.29 36.24
CA GLY A 486 29.20 61.13 35.41
C GLY A 486 29.16 61.50 33.93
N ARG A 487 28.56 62.63 33.60
CA ARG A 487 28.47 63.11 32.20
C ARG A 487 29.88 63.32 31.66
N ASP A 488 30.71 64.06 32.42
CA ASP A 488 32.11 64.37 32.01
C ASP A 488 32.91 63.07 31.93
N THR A 489 32.65 62.11 32.83
CA THR A 489 33.31 60.79 32.82
C THR A 489 33.15 60.16 31.44
N ILE A 490 31.90 60.07 30.96
CA ILE A 490 31.56 59.47 29.64
C ILE A 490 32.26 60.26 28.54
N ILE A 491 32.14 61.59 28.56
CA ILE A 491 32.66 62.48 27.47
C ILE A 491 34.16 62.25 27.33
N ASP A 492 34.90 62.21 28.44
CA ASP A 492 36.38 62.05 28.42
C ASP A 492 36.74 60.65 27.90
N MET A 493 36.12 59.61 28.45
CA MET A 493 36.45 58.19 28.13
C MET A 493 35.94 57.85 26.73
N TYR A 494 34.61 57.81 26.55
CA TYR A 494 33.96 57.38 25.29
C TYR A 494 33.65 58.60 24.43
N GLN A 495 34.69 59.21 23.86
CA GLN A 495 34.55 60.32 22.88
C GLN A 495 34.32 59.71 21.51
N PRO A 496 33.18 60.00 20.83
CA PRO A 496 32.88 59.39 19.53
C PRO A 496 34.07 59.43 18.56
N GLU A 497 34.75 60.57 18.51
CA GLU A 497 35.95 60.79 17.65
C GLU A 497 37.02 59.73 17.98
N LYS A 498 37.32 59.55 19.27
CA LYS A 498 38.36 58.60 19.75
C LYS A 498 38.01 57.18 19.28
N LEU A 499 36.75 56.77 19.46
CA LEU A 499 36.29 55.40 19.11
C LEU A 499 36.39 55.21 17.60
N MET A 500 36.05 56.24 16.82
CA MET A 500 36.05 56.15 15.33
C MET A 500 37.49 55.98 14.83
N VAL A 501 38.46 56.66 15.45
CA VAL A 501 39.90 56.60 15.04
C VAL A 501 40.41 55.18 15.27
N LYS A 502 39.91 54.50 16.31
CA LYS A 502 40.28 53.10 16.65
C LYS A 502 39.67 52.16 15.61
N TRP A 503 38.42 52.41 15.18
CA TRP A 503 37.73 51.62 14.14
C TRP A 503 38.46 51.78 12.81
N LYS A 504 38.72 53.03 12.40
CA LYS A 504 39.42 53.35 11.12
C LYS A 504 40.78 52.66 11.08
N GLN A 505 41.46 52.55 12.23
CA GLN A 505 42.79 51.89 12.33
C GLN A 505 42.64 50.43 11.90
N LEU A 506 41.65 49.72 12.47
CA LEU A 506 41.39 48.28 12.16
C LEU A 506 40.96 48.15 10.70
N PHE A 507 40.23 49.13 10.16
CA PHE A 507 39.74 49.09 8.76
C PHE A 507 40.94 49.15 7.80
N ASN A 508 41.82 50.14 7.97
CA ASN A 508 42.99 50.34 7.09
C ASN A 508 44.24 49.85 7.82
N MET B 17 -28.92 17.78 2.79
CA MET B 17 -28.17 16.74 3.56
C MET B 17 -28.30 17.05 5.06
N LYS B 18 -28.60 16.04 5.88
CA LYS B 18 -28.79 16.18 7.34
C LYS B 18 -27.46 15.87 8.04
N GLN B 19 -27.06 16.71 9.00
CA GLN B 19 -25.79 16.53 9.77
C GLN B 19 -26.13 16.24 11.23
N THR B 20 -25.74 15.07 11.73
CA THR B 20 -26.04 14.62 13.11
C THR B 20 -24.83 14.88 14.01
N TYR B 21 -25.08 15.15 15.29
CA TYR B 21 -24.03 15.45 16.30
C TYR B 21 -24.27 14.59 17.54
N MET B 22 -23.42 13.58 17.76
CA MET B 22 -23.57 12.61 18.87
C MET B 22 -22.77 13.10 20.09
N ILE B 23 -23.46 13.63 21.11
CA ILE B 23 -22.81 14.23 22.31
C ILE B 23 -22.43 13.11 23.29
N VAL B 24 -21.20 13.17 23.82
CA VAL B 24 -20.68 12.22 24.85
C VAL B 24 -19.56 12.93 25.60
N ASN B 25 -19.11 12.41 26.75
CA ASN B 25 -18.06 13.07 27.56
C ASN B 25 -16.69 12.75 26.95
N GLU B 26 -16.37 11.48 26.74
CA GLU B 26 -15.02 11.04 26.27
C GLU B 26 -15.17 9.86 25.30
N LEU B 27 -14.10 9.57 24.56
CA LEU B 27 -14.04 8.44 23.61
C LEU B 27 -12.63 7.84 23.64
N ASP B 28 -12.38 6.89 24.54
CA ASP B 28 -11.07 6.21 24.69
C ASP B 28 -11.08 4.92 23.87
N VAL B 29 -10.04 4.10 23.99
CA VAL B 29 -9.88 2.85 23.21
C VAL B 29 -10.55 1.69 23.96
N ASN B 30 -10.34 1.60 25.29
CA ASN B 30 -10.87 0.49 26.13
C ASN B 30 -12.26 0.88 26.65
N LYS B 31 -13.23 1.08 25.77
CA LYS B 31 -14.59 1.55 26.14
C LYS B 31 -15.59 0.41 25.96
N GLY B 32 -16.87 0.66 26.29
CA GLY B 32 -17.94 -0.36 26.33
C GLY B 32 -18.82 -0.33 25.09
N GLY B 33 -20.15 -0.39 25.30
CA GLY B 33 -21.15 -0.59 24.25
C GLY B 33 -21.73 0.71 23.73
N MET B 34 -21.90 1.71 24.59
CA MET B 34 -22.38 3.05 24.17
C MET B 34 -21.51 3.52 23.00
N THR B 35 -20.19 3.37 23.12
CA THR B 35 -19.21 3.82 22.10
C THR B 35 -19.43 3.04 20.80
N THR B 36 -19.49 1.70 20.87
CA THR B 36 -19.70 0.84 19.68
C THR B 36 -20.96 1.33 18.94
N ALA B 37 -22.09 1.39 19.64
CA ALA B 37 -23.39 1.82 19.07
C ALA B 37 -23.21 3.16 18.36
N MET B 38 -22.76 4.18 19.11
CA MET B 38 -22.56 5.57 18.60
C MET B 38 -21.80 5.51 17.27
N LEU B 39 -20.65 4.83 17.25
CA LEU B 39 -19.74 4.79 16.08
C LEU B 39 -20.36 3.94 14.95
N THR B 40 -21.05 2.85 15.28
CA THR B 40 -21.74 1.99 14.28
C THR B 40 -22.88 2.79 13.65
N ARG B 41 -23.67 3.50 14.47
CA ARG B 41 -24.77 4.37 14.00
C ARG B 41 -24.21 5.37 12.98
N SER B 42 -23.12 6.04 13.33
CA SER B 42 -22.47 7.05 12.46
C SER B 42 -22.09 6.42 11.12
N LYS B 43 -21.46 5.24 11.14
CA LYS B 43 -21.00 4.55 9.91
C LYS B 43 -22.20 4.26 9.01
N PHE B 44 -23.28 3.72 9.57
CA PHE B 44 -24.51 3.37 8.81
C PHE B 44 -25.23 4.65 8.37
N PHE B 45 -25.15 5.72 9.17
CA PHE B 45 -25.69 7.05 8.82
C PHE B 45 -24.94 7.58 7.60
N LEU B 46 -23.60 7.55 7.66
CA LEU B 46 -22.71 8.07 6.59
C LEU B 46 -22.88 7.22 5.33
N ASP B 47 -23.19 5.92 5.49
CA ASP B 47 -23.47 5.01 4.34
C ASP B 47 -24.78 5.43 3.68
N ASN B 48 -25.67 6.10 4.43
CA ASN B 48 -26.98 6.60 3.91
C ASN B 48 -26.90 8.12 3.74
N GLU B 49 -25.70 8.66 3.57
CA GLU B 49 -25.45 10.11 3.29
C GLU B 49 -25.99 10.98 4.43
N ILE B 50 -25.67 10.62 5.68
CA ILE B 50 -25.98 11.45 6.89
C ILE B 50 -24.69 11.65 7.67
N SER B 51 -24.24 12.89 7.83
CA SER B 51 -22.94 13.22 8.50
C SER B 51 -23.04 12.90 10.00
N GLY B 52 -22.49 11.77 10.42
CA GLY B 52 -22.45 11.35 11.84
C GLY B 52 -21.17 11.81 12.51
N ASP B 53 -21.22 12.92 13.26
CA ASP B 53 -20.04 13.47 13.96
C ASP B 53 -20.26 13.36 15.47
N ILE B 54 -19.19 13.09 16.23
CA ILE B 54 -19.27 12.86 17.70
C ILE B 54 -18.76 14.11 18.41
N ILE B 55 -19.43 14.54 19.48
CA ILE B 55 -19.08 15.77 20.24
C ILE B 55 -18.61 15.36 21.63
N THR B 56 -17.29 15.20 21.82
CA THR B 56 -16.68 14.89 23.15
C THR B 56 -16.51 16.19 23.93
N PHE B 57 -16.32 16.10 25.25
CA PHE B 57 -16.17 17.27 26.15
C PHE B 57 -14.96 17.08 27.09
N ASP B 58 -14.06 16.15 26.79
CA ASP B 58 -12.92 15.80 27.67
C ASP B 58 -11.62 16.26 27.01
N PHE B 59 -10.64 16.69 27.81
CA PHE B 59 -9.31 17.09 27.33
C PHE B 59 -8.41 15.85 27.21
N LYS B 60 -8.06 15.49 25.97
CA LYS B 60 -7.06 14.42 25.70
C LYS B 60 -6.07 14.95 24.66
N ALA B 61 -4.80 15.08 25.03
CA ALA B 61 -3.71 15.56 24.15
C ALA B 61 -3.38 14.48 23.12
N ASN B 62 -3.83 13.24 23.35
CA ASN B 62 -3.54 12.08 22.49
C ASN B 62 -4.80 11.68 21.71
N TYR B 63 -5.81 12.56 21.66
CA TYR B 63 -7.10 12.25 21.00
C TYR B 63 -6.87 11.85 19.54
N LYS B 64 -5.95 12.53 18.86
CA LYS B 64 -5.58 12.24 17.45
C LYS B 64 -5.20 10.76 17.33
N ASP B 65 -4.28 10.29 18.19
CA ASP B 65 -3.74 8.92 18.13
C ASP B 65 -4.83 7.95 18.59
N ILE B 66 -5.64 8.33 19.59
CA ILE B 66 -6.75 7.50 20.11
C ILE B 66 -7.72 7.20 18.96
N LEU B 67 -8.16 8.24 18.24
CA LEU B 67 -9.15 8.10 17.12
C LEU B 67 -8.53 7.27 16.00
N LYS B 68 -7.24 7.48 15.71
CA LYS B 68 -6.52 6.74 14.64
C LYS B 68 -6.50 5.25 15.00
N GLU B 69 -6.24 4.93 16.26
CA GLU B 69 -6.25 3.52 16.77
C GLU B 69 -7.67 2.97 16.68
N LEU B 70 -8.67 3.78 17.00
CA LEU B 70 -10.10 3.36 17.00
C LEU B 70 -10.54 3.03 15.56
N VAL B 71 -9.95 3.70 14.57
CA VAL B 71 -10.30 3.51 13.14
C VAL B 71 -9.48 2.33 12.59
N GLN B 72 -8.22 2.21 13.01
CA GLN B 72 -7.32 1.10 12.58
C GLN B 72 -7.79 -0.21 13.21
N SER B 73 -8.53 -0.16 14.32
CA SER B 73 -9.12 -1.34 14.99
C SER B 73 -10.49 -1.66 14.37
N LYS B 74 -10.86 -0.97 13.29
CA LYS B 74 -12.15 -1.14 12.57
C LYS B 74 -13.32 -0.98 13.55
N LYS B 75 -13.22 -0.01 14.46
CA LYS B 75 -14.30 0.32 15.44
C LYS B 75 -14.85 1.72 15.14
N MET B 76 -14.21 2.46 14.22
CA MET B 76 -14.61 3.83 13.84
C MET B 76 -14.43 4.01 12.34
N ASP B 77 -15.33 4.75 11.68
CA ASP B 77 -15.26 5.03 10.23
C ASP B 77 -14.43 6.29 10.00
N LYS B 78 -13.70 6.37 8.88
CA LYS B 78 -12.83 7.51 8.52
C LYS B 78 -13.68 8.78 8.37
N ARG B 79 -14.92 8.63 7.92
CA ARG B 79 -15.84 9.77 7.63
C ARG B 79 -16.29 10.41 8.95
N THR B 80 -16.28 9.66 10.05
CA THR B 80 -16.69 10.15 11.40
C THR B 80 -15.64 11.14 11.90
N GLN B 81 -16.08 12.36 12.23
CA GLN B 81 -15.18 13.42 12.79
C GLN B 81 -15.57 13.67 14.25
N MET B 82 -14.59 13.82 15.13
CA MET B 82 -14.83 14.08 16.57
C MET B 82 -14.62 15.57 16.86
N HIS B 83 -15.59 16.20 17.52
CA HIS B 83 -15.52 17.62 17.92
C HIS B 83 -15.30 17.71 19.44
N ASN B 84 -14.27 18.44 19.86
CA ASN B 84 -13.92 18.65 21.29
C ASN B 84 -13.74 20.15 21.53
N PRO B 85 -14.26 20.70 22.64
CA PRO B 85 -14.06 22.12 22.95
C PRO B 85 -12.58 22.51 23.08
N PHE B 86 -11.73 21.57 23.50
CA PHE B 86 -10.28 21.81 23.71
C PHE B 86 -9.53 21.69 22.38
N ILE B 87 -10.24 21.47 21.26
CA ILE B 87 -9.65 21.46 19.90
C ILE B 87 -10.21 22.65 19.11
N TYR B 88 -11.52 22.90 19.18
CA TYR B 88 -12.22 23.99 18.46
C TYR B 88 -11.62 25.34 18.85
N PHE B 89 -11.64 25.66 20.15
CA PHE B 89 -11.19 26.98 20.68
C PHE B 89 -9.67 27.08 20.56
N LYS B 90 -8.95 25.96 20.64
CA LYS B 90 -7.48 25.93 20.47
C LYS B 90 -7.13 26.40 19.06
N ASN B 91 -7.86 25.91 18.05
CA ASN B 91 -7.65 26.25 16.62
C ASN B 91 -7.93 27.74 16.40
N ILE B 92 -9.00 28.26 17.01
CA ILE B 92 -9.37 29.71 16.92
C ILE B 92 -8.24 30.53 17.55
N SER B 93 -7.71 30.10 18.70
CA SER B 93 -6.63 30.81 19.44
C SER B 93 -5.34 30.80 18.61
N ASN B 94 -5.18 29.81 17.72
CA ASN B 94 -3.95 29.67 16.90
C ASN B 94 -3.99 30.67 15.75
N LEU B 95 -5.14 31.31 15.51
CA LEU B 95 -5.33 32.30 14.42
C LEU B 95 -5.10 33.72 14.95
N GLN B 96 -5.08 33.89 16.28
CA GLN B 96 -5.02 35.22 16.93
C GLN B 96 -3.56 35.68 17.04
N HIS B 97 -2.60 34.78 16.81
CA HIS B 97 -1.15 35.08 16.86
C HIS B 97 -0.45 34.45 15.64
N LYS B 98 0.84 34.70 15.47
CA LYS B 98 1.62 34.27 14.28
C LYS B 98 2.77 33.36 14.68
N LYS B 99 3.64 33.82 15.60
CA LYS B 99 4.85 33.07 16.04
C LYS B 99 4.57 32.38 17.38
N TYR B 100 5.51 31.56 17.86
CA TYR B 100 5.39 30.80 19.12
C TYR B 100 5.96 31.63 20.28
N ASN B 101 5.18 31.81 21.34
CA ASN B 101 5.62 32.52 22.58
C ASN B 101 6.31 31.50 23.49
N TYR B 102 7.64 31.50 23.52
CA TYR B 102 8.46 30.61 24.39
C TYR B 102 8.68 31.28 25.75
N THR B 103 7.74 32.11 26.21
CA THR B 103 7.86 32.86 27.49
C THR B 103 7.85 31.86 28.65
N MET B 104 6.82 31.00 28.71
CA MET B 104 6.66 29.98 29.78
C MET B 104 7.85 29.02 29.73
N THR B 105 8.22 28.56 28.54
CA THR B 105 9.36 27.64 28.31
C THR B 105 10.63 28.30 28.87
N ARG B 106 10.85 29.58 28.57
CA ARG B 106 12.06 30.35 28.97
C ARG B 106 12.01 30.59 30.49
N ASN B 107 10.84 30.92 31.04
CA ASN B 107 10.66 31.17 32.49
C ASN B 107 11.02 29.88 33.25
N LEU B 108 10.55 28.73 32.77
CA LEU B 108 10.86 27.40 33.36
C LEU B 108 12.35 27.13 33.21
N SER B 109 12.91 27.42 32.03
CA SER B 109 14.36 27.23 31.75
C SER B 109 15.17 28.12 32.71
N ASN B 110 14.62 29.26 33.12
CA ASN B 110 15.29 30.20 34.05
C ASN B 110 15.27 29.63 35.47
N LEU B 111 14.16 29.01 35.88
CA LEU B 111 14.07 28.32 37.19
C LEU B 111 14.97 27.08 37.15
N LEU B 112 15.12 26.47 35.98
CA LEU B 112 16.02 25.31 35.77
C LEU B 112 17.47 25.80 35.75
N LYS B 113 17.69 27.09 35.46
CA LYS B 113 19.03 27.73 35.54
C LYS B 113 19.28 28.13 37.00
N ASP B 114 20.54 28.34 37.38
CA ASP B 114 20.95 28.60 38.78
C ASP B 114 20.41 27.46 39.65
N SER B 115 20.31 26.25 39.09
CA SER B 115 19.80 25.04 39.77
C SER B 115 20.64 23.83 39.33
N VAL B 116 21.02 22.96 40.27
CA VAL B 116 21.85 21.75 40.00
C VAL B 116 20.90 20.59 39.69
N GLU B 117 21.19 19.83 38.62
CA GLU B 117 20.38 18.66 38.20
C GLU B 117 20.94 17.40 38.87
N ILE B 118 20.31 16.94 39.94
CA ILE B 118 20.66 15.65 40.60
C ILE B 118 19.67 14.61 40.07
N LYS B 119 20.16 13.60 39.33
CA LYS B 119 19.30 12.62 38.63
C LYS B 119 19.22 11.33 39.44
N GLU B 120 18.00 10.87 39.73
CA GLU B 120 17.74 9.56 40.41
C GLU B 120 17.82 8.45 39.35
N ASN B 121 16.92 8.49 38.37
CA ASN B 121 16.87 7.52 37.24
C ASN B 121 17.27 8.26 35.95
N SER B 122 17.12 7.61 34.80
CA SER B 122 17.35 8.20 33.45
C SER B 122 16.09 8.96 33.00
N ARG B 123 14.99 8.82 33.72
CA ARG B 123 13.69 9.49 33.40
C ARG B 123 13.37 10.55 34.46
N ILE B 124 13.58 10.24 35.74
CA ILE B 124 13.21 11.15 36.87
C ILE B 124 14.47 11.89 37.34
N SER B 125 14.42 13.22 37.33
CA SER B 125 15.55 14.11 37.75
C SER B 125 15.03 15.23 38.65
N ARG B 126 15.82 15.63 39.64
CA ARG B 126 15.46 16.70 40.61
C ARG B 126 16.37 17.90 40.35
N PHE B 127 15.93 19.10 40.74
CA PHE B 127 16.68 20.37 40.56
C PHE B 127 16.65 21.17 41.86
N PHE B 128 17.82 21.57 42.36
CA PHE B 128 17.96 22.32 43.64
C PHE B 128 18.70 23.63 43.38
N ASN B 129 18.11 24.75 43.77
CA ASN B 129 18.75 26.09 43.71
C ASN B 129 19.31 26.43 45.09
N ILE B 130 20.58 26.84 45.15
CA ILE B 130 21.26 27.25 46.42
C ILE B 130 20.71 28.60 46.86
N MET B 131 20.25 29.43 45.91
CA MET B 131 19.61 30.74 46.18
C MET B 131 18.31 30.50 46.95
N SER B 132 17.57 29.44 46.61
CA SER B 132 16.32 29.05 47.30
C SER B 132 16.64 28.06 48.43
N ARG B 133 17.83 27.45 48.40
CA ARG B 133 18.29 26.47 49.41
C ARG B 133 17.25 25.36 49.59
N GLU B 134 16.57 24.96 48.50
CA GLU B 134 15.53 23.89 48.53
C GLU B 134 15.32 23.34 47.11
N TYR B 135 14.76 22.14 47.01
CA TYR B 135 14.36 21.50 45.73
C TYR B 135 13.05 22.12 45.26
N LEU B 136 12.97 22.55 44.00
CA LEU B 136 11.79 23.27 43.48
C LEU B 136 11.29 22.67 42.16
N ALA B 137 11.94 21.62 41.63
CA ALA B 137 11.58 21.06 40.31
C ALA B 137 11.91 19.56 40.24
N TYR B 138 11.00 18.79 39.65
CA TYR B 138 11.15 17.34 39.38
C TYR B 138 10.70 17.07 37.95
N LYS B 139 11.61 16.58 37.08
CA LYS B 139 11.31 16.33 35.65
C LYS B 139 11.12 14.83 35.41
N ARG B 140 10.10 14.46 34.63
CA ARG B 140 9.88 13.05 34.22
C ARG B 140 9.86 12.98 32.69
N GLU B 141 11.05 12.93 32.07
CA GLU B 141 11.21 12.91 30.60
C GLU B 141 11.01 11.48 30.09
N THR B 142 9.97 11.25 29.28
CA THR B 142 9.68 9.93 28.65
C THR B 142 10.03 10.01 27.16
N GLU B 143 9.66 8.98 26.40
CA GLU B 143 9.93 8.90 24.94
C GLU B 143 9.07 9.94 24.19
N GLN B 144 7.89 10.29 24.72
CA GLN B 144 6.90 11.10 24.00
C GLN B 144 6.55 12.39 24.79
N GLU B 145 6.63 12.38 26.12
CA GLU B 145 6.16 13.52 26.96
C GLU B 145 7.06 13.73 28.17
N THR B 146 7.32 14.99 28.52
CA THR B 146 8.08 15.40 29.73
C THR B 146 7.14 16.10 30.71
N ILE B 147 7.33 15.90 32.01
CA ILE B 147 6.45 16.48 33.08
C ILE B 147 7.33 17.18 34.10
N PHE B 148 6.98 18.41 34.49
CA PHE B 148 7.72 19.22 35.49
C PHE B 148 6.81 19.48 36.69
N ASP B 149 7.05 18.79 37.81
CA ASP B 149 6.33 19.03 39.09
C ASP B 149 7.10 20.07 39.89
N LEU B 150 6.48 21.23 40.16
CA LEU B 150 7.12 22.35 40.89
C LEU B 150 6.81 22.24 42.38
N PHE B 151 7.80 22.48 43.24
CA PHE B 151 7.67 22.30 44.71
C PHE B 151 8.06 23.59 45.45
N LYS B 152 7.42 23.85 46.59
CA LYS B 152 7.71 25.01 47.48
C LYS B 152 7.60 24.54 48.93
N ASN B 153 8.73 24.49 49.65
CA ASN B 153 8.81 23.96 51.03
C ASN B 153 8.34 22.50 51.02
N ASN B 154 8.80 21.71 50.04
CA ASN B 154 8.45 20.28 49.84
C ASN B 154 6.93 20.14 49.76
N LEU B 155 6.28 21.01 48.98
CA LEU B 155 4.81 20.94 48.72
C LEU B 155 4.55 21.30 47.26
N ARG B 156 4.17 20.31 46.44
CA ARG B 156 3.90 20.49 44.99
C ARG B 156 2.79 21.53 44.82
N TYR B 157 3.00 22.52 43.96
CA TYR B 157 2.01 23.60 43.69
C TYR B 157 1.67 23.68 42.20
N LYS B 158 2.47 23.06 41.32
CA LYS B 158 2.24 23.16 39.85
C LYS B 158 2.80 21.94 39.12
N ARG B 159 2.25 21.65 37.93
CA ARG B 159 2.71 20.55 37.05
C ARG B 159 2.67 21.05 35.61
N ILE B 160 3.80 21.01 34.91
CA ILE B 160 3.91 21.49 33.49
C ILE B 160 4.02 20.28 32.57
N TYR B 161 2.96 19.99 31.82
CA TYR B 161 2.92 18.92 30.79
C TYR B 161 3.55 19.43 29.49
N PHE B 162 4.64 18.82 29.02
CA PHE B 162 5.30 19.16 27.75
C PHE B 162 5.14 17.99 26.77
N TYR B 163 4.15 18.07 25.88
CA TYR B 163 3.86 17.04 24.86
C TYR B 163 4.33 17.54 23.49
N LYS B 164 5.10 16.71 22.78
CA LYS B 164 5.64 17.03 21.42
C LYS B 164 6.37 18.38 21.45
N GLY B 165 7.15 18.63 22.50
CA GLY B 165 7.94 19.86 22.70
C GLY B 165 7.08 21.10 22.72
N LYS B 166 5.90 21.01 23.35
CA LYS B 166 4.93 22.13 23.46
C LYS B 166 4.19 22.03 24.79
N ILE B 167 3.97 23.16 25.47
CA ILE B 167 3.14 23.24 26.71
C ILE B 167 1.69 22.92 26.30
N VAL B 168 1.18 21.78 26.72
CA VAL B 168 -0.22 21.34 26.42
C VAL B 168 -1.12 21.79 27.57
N LYS B 169 -0.70 21.55 28.82
CA LYS B 169 -1.53 21.80 30.01
C LYS B 169 -0.65 22.11 31.22
N THR B 170 -1.18 22.86 32.18
CA THR B 170 -0.56 23.11 33.50
C THR B 170 -1.61 22.85 34.57
N GLU B 171 -1.24 22.17 35.67
CA GLU B 171 -2.17 21.83 36.77
C GLU B 171 -1.66 22.52 38.05
N VAL B 172 -2.54 23.23 38.75
CA VAL B 172 -2.20 23.90 40.04
C VAL B 172 -2.81 23.07 41.17
N PHE B 173 -2.02 22.79 42.21
CA PHE B 173 -2.43 21.96 43.38
C PHE B 173 -2.41 22.80 44.64
N ASN B 174 -3.03 22.31 45.72
CA ASN B 174 -3.10 23.02 47.03
C ASN B 174 -2.02 22.45 47.96
N SER B 175 -2.17 22.67 49.28
CA SER B 175 -1.23 22.20 50.32
C SER B 175 -1.45 20.71 50.61
N ASP B 176 -2.57 20.15 50.15
CA ASP B 176 -2.91 18.71 50.34
C ASP B 176 -2.65 17.97 49.02
N ASN B 177 -2.03 18.64 48.04
CA ASN B 177 -1.72 18.09 46.70
C ASN B 177 -3.00 17.62 46.02
N ASN B 178 -4.03 18.49 46.01
CA ASN B 178 -5.31 18.23 45.29
C ASN B 178 -5.47 19.31 44.23
N LEU B 179 -5.90 18.93 43.01
CA LEU B 179 -6.01 19.88 41.86
C LEU B 179 -7.00 20.98 42.22
N ILE B 180 -6.61 22.25 42.00
CA ILE B 180 -7.48 23.43 42.28
C ILE B 180 -7.62 24.28 41.01
N ALA B 181 -6.81 24.05 39.98
CA ALA B 181 -6.85 24.85 38.72
C ALA B 181 -6.22 24.07 37.56
N GLU B 182 -6.72 24.31 36.35
CA GLU B 182 -6.27 23.65 35.10
C GLU B 182 -6.15 24.72 34.00
N GLN B 183 -4.95 24.89 33.43
CA GLN B 183 -4.68 25.90 32.38
C GLN B 183 -4.23 25.18 31.11
N PHE B 184 -4.84 25.47 29.97
CA PHE B 184 -4.56 24.80 28.67
C PHE B 184 -3.95 25.83 27.70
N TYR B 185 -2.81 25.48 27.10
CA TYR B 185 -2.07 26.36 26.14
C TYR B 185 -2.35 25.89 24.71
N ASP B 186 -2.10 26.74 23.71
CA ASP B 186 -2.41 26.43 22.29
C ASP B 186 -1.12 25.99 21.57
N ASP B 187 -1.12 26.03 20.24
CA ASP B 187 0.01 25.56 19.40
C ASP B 187 0.95 26.74 19.10
N ASN B 188 0.60 27.94 19.53
CA ASN B 188 1.47 29.14 19.39
C ASN B 188 2.05 29.50 20.76
N GLY B 189 1.75 28.69 21.79
CA GLY B 189 2.28 28.87 23.17
C GLY B 189 1.51 29.94 23.93
N TYR B 190 0.19 30.00 23.78
CA TYR B 190 -0.69 31.00 24.43
C TYR B 190 -1.84 30.29 25.14
N LEU B 191 -2.21 30.79 26.32
CA LEU B 191 -3.36 30.26 27.11
C LEU B 191 -4.66 30.61 26.38
N TYR B 192 -5.59 29.67 26.24
CA TYR B 192 -6.92 29.90 25.63
C TYR B 192 -8.03 29.51 26.60
N LEU B 193 -7.73 28.75 27.66
CA LEU B 193 -8.73 28.27 28.64
C LEU B 193 -8.07 28.03 30.00
N TYR B 194 -8.66 28.57 31.08
CA TYR B 194 -8.23 28.30 32.47
C TYR B 194 -9.47 28.04 33.34
N ARG B 195 -9.50 26.90 34.03
CA ARG B 195 -10.68 26.46 34.84
C ARG B 195 -10.23 26.29 36.30
N GLN B 196 -11.14 26.53 37.24
CA GLN B 196 -10.93 26.27 38.69
C GLN B 196 -11.55 24.91 39.02
N ILE B 197 -10.92 24.14 39.90
CA ILE B 197 -11.41 22.78 40.30
C ILE B 197 -11.67 22.79 41.80
N ASN B 198 -12.83 22.27 42.22
CA ASN B 198 -13.16 22.09 43.67
C ASN B 198 -12.57 20.76 44.11
N PRO B 199 -11.61 20.75 45.06
CA PRO B 199 -11.00 19.50 45.53
C PRO B 199 -11.85 18.77 46.57
N GLU B 200 -13.00 19.34 46.94
CA GLU B 200 -13.90 18.76 47.98
C GLU B 200 -15.18 18.24 47.32
N LYS B 201 -15.68 18.92 46.28
CA LYS B 201 -16.88 18.48 45.51
C LYS B 201 -16.43 17.76 44.23
N LYS B 202 -15.12 17.70 43.99
CA LYS B 202 -14.52 17.03 42.80
C LYS B 202 -15.30 17.43 41.55
N SER B 203 -15.54 18.73 41.36
CA SER B 203 -16.34 19.28 40.23
C SER B 203 -15.56 20.41 39.55
N ILE B 204 -15.93 20.73 38.30
CA ILE B 204 -15.36 21.86 37.53
C ILE B 204 -16.11 23.15 37.93
N GLY B 205 -15.41 24.28 37.96
CA GLY B 205 -15.95 25.58 38.39
C GLY B 205 -15.83 26.64 37.31
N LYS B 206 -15.53 27.88 37.71
CA LYS B 206 -15.44 29.05 36.80
C LYS B 206 -14.44 28.74 35.69
N THR B 207 -14.92 28.65 34.44
CA THR B 207 -14.08 28.41 33.24
C THR B 207 -13.88 29.77 32.54
N TYR B 208 -12.68 30.05 32.04
CA TYR B 208 -12.34 31.35 31.40
C TYR B 208 -11.72 31.11 30.02
N LEU B 209 -12.45 31.47 28.96
CA LEU B 209 -11.95 31.43 27.55
C LEU B 209 -11.26 32.77 27.24
N VAL B 210 -9.94 32.84 27.41
CA VAL B 210 -9.16 34.11 27.26
C VAL B 210 -9.20 34.54 25.78
N CYS B 211 -9.23 33.57 24.86
CA CYS B 211 -9.23 33.82 23.38
C CYS B 211 -10.42 34.70 22.99
N LYS B 212 -11.54 34.61 23.71
CA LYS B 212 -12.76 35.43 23.47
C LYS B 212 -13.06 36.28 24.71
N GLU B 213 -12.15 36.33 25.68
CA GLU B 213 -12.31 37.11 26.94
C GLU B 213 -13.71 36.88 27.52
N LYS B 214 -14.14 35.61 27.63
CA LYS B 214 -15.49 35.22 28.14
C LYS B 214 -15.32 34.45 29.45
N GLN B 215 -16.35 34.48 30.30
CA GLN B 215 -16.33 33.83 31.64
C GLN B 215 -17.60 32.99 31.82
N PHE B 216 -17.44 31.73 32.24
CA PHE B 216 -18.56 30.80 32.55
C PHE B 216 -18.42 30.34 34.00
N LYS B 217 -19.47 29.77 34.58
CA LYS B 217 -19.52 29.33 35.99
C LYS B 217 -19.31 27.81 36.08
N ASN B 218 -19.63 27.09 35.01
CA ASN B 218 -19.51 25.60 34.96
C ASN B 218 -19.08 25.17 33.57
N ASN B 219 -18.62 23.92 33.44
CA ASN B 219 -18.24 23.33 32.13
C ASN B 219 -19.50 23.15 31.28
N VAL B 220 -20.68 23.04 31.91
CA VAL B 220 -21.97 22.85 31.19
C VAL B 220 -22.27 24.12 30.39
N GLU B 221 -22.03 25.30 30.98
CA GLU B 221 -22.22 26.60 30.30
C GLU B 221 -21.20 26.73 29.16
N PHE B 222 -19.95 26.39 29.42
CA PHE B 222 -18.83 26.46 28.45
C PHE B 222 -19.15 25.53 27.27
N CYS B 223 -19.67 24.34 27.56
CA CYS B 223 -19.96 23.29 26.54
C CYS B 223 -21.20 23.68 25.74
N SER B 224 -22.19 24.31 26.38
CA SER B 224 -23.40 24.80 25.70
C SER B 224 -23.01 25.90 24.70
N TYR B 225 -22.10 26.78 25.11
CA TYR B 225 -21.55 27.87 24.26
C TYR B 225 -20.77 27.26 23.09
N PHE B 226 -19.97 26.23 23.36
CA PHE B 226 -19.16 25.52 22.34
C PHE B 226 -20.10 25.01 21.23
N LEU B 227 -21.21 24.38 21.62
CA LEU B 227 -22.17 23.78 20.66
C LEU B 227 -23.04 24.88 20.04
N ASP B 228 -23.12 26.05 20.68
CA ASP B 228 -23.86 27.22 20.12
C ASP B 228 -23.08 27.78 18.92
N LYS B 229 -21.75 27.59 18.91
CA LYS B 229 -20.86 28.12 17.85
C LYS B 229 -20.64 27.05 16.78
N LEU B 230 -20.11 25.89 17.19
CA LEU B 230 -19.79 24.77 16.26
C LEU B 230 -21.03 24.39 15.44
N ILE B 231 -22.16 24.15 16.12
CA ILE B 231 -23.42 23.72 15.46
C ILE B 231 -24.29 24.96 15.22
N PRO B 232 -24.51 25.35 13.94
CA PRO B 232 -25.39 26.47 13.62
C PRO B 232 -26.87 26.13 13.81
N ASP B 233 -27.72 27.14 14.03
CA ASP B 233 -29.16 26.95 14.31
C ASP B 233 -29.89 26.71 12.98
N ILE B 234 -29.89 25.46 12.50
CA ILE B 234 -30.60 25.05 11.25
C ILE B 234 -31.38 23.76 11.54
N ASN B 235 -32.48 23.53 10.84
CA ASN B 235 -33.39 22.38 11.09
C ASN B 235 -32.72 21.09 10.61
N ASP B 236 -31.84 21.18 9.61
CA ASP B 236 -31.14 20.00 9.02
C ASP B 236 -29.99 19.57 9.94
N ASN B 237 -29.76 20.27 11.04
CA ASN B 237 -28.75 19.87 12.05
C ASN B 237 -29.47 19.18 13.22
N ILE B 238 -28.95 18.04 13.68
CA ILE B 238 -29.61 17.22 14.74
C ILE B 238 -28.60 16.92 15.85
N ILE B 239 -29.02 17.02 17.11
CA ILE B 239 -28.20 16.68 18.30
C ILE B 239 -28.74 15.37 18.88
N ILE B 240 -27.90 14.33 18.96
CA ILE B 240 -28.27 13.02 19.58
C ILE B 240 -27.36 12.81 20.80
N CYS B 241 -27.87 13.09 22.01
CA CYS B 241 -27.10 12.91 23.26
C CYS B 241 -27.17 11.44 23.69
N ASP B 242 -26.04 10.73 23.58
CA ASP B 242 -25.92 9.30 23.97
C ASP B 242 -25.52 9.23 25.46
N GLY B 243 -24.75 10.20 25.93
CA GLY B 243 -24.24 10.26 27.31
C GLY B 243 -25.25 10.91 28.25
N PRO B 244 -25.78 10.19 29.27
CA PRO B 244 -26.78 10.77 30.18
C PRO B 244 -26.31 12.00 30.97
N GLY B 245 -25.00 12.12 31.22
CA GLY B 245 -24.42 13.24 32.00
C GLY B 245 -24.17 14.46 31.14
N SER B 246 -24.17 14.31 29.81
CA SER B 246 -23.93 15.41 28.84
C SER B 246 -25.26 16.00 28.38
N PHE B 247 -26.39 15.53 28.91
CA PHE B 247 -27.75 15.99 28.52
C PHE B 247 -27.98 17.42 29.05
N PRO B 248 -27.73 17.72 30.34
CA PRO B 248 -27.86 19.10 30.84
C PRO B 248 -27.08 20.12 30.00
N LYS B 249 -25.94 19.70 29.43
CA LYS B 249 -25.04 20.58 28.64
C LYS B 249 -25.60 20.77 27.22
N ILE B 250 -26.84 20.35 26.96
CA ILE B 250 -27.46 20.43 25.60
C ILE B 250 -28.89 20.98 25.71
N LEU B 251 -29.45 21.05 26.93
CA LEU B 251 -30.80 21.61 27.17
C LEU B 251 -30.70 23.13 27.30
N LYS B 252 -29.49 23.65 27.54
CA LYS B 252 -29.22 25.08 27.76
C LYS B 252 -28.87 25.76 26.43
N THR B 253 -28.45 24.99 25.42
CA THR B 253 -27.96 25.55 24.12
C THR B 253 -29.03 26.53 23.61
N ASN B 254 -28.62 27.74 23.23
CA ASN B 254 -29.53 28.82 22.76
C ASN B 254 -29.90 28.52 21.30
N HIS B 255 -30.54 27.36 21.06
CA HIS B 255 -31.03 26.94 19.73
C HIS B 255 -32.55 26.92 19.74
N LYS B 256 -33.17 26.96 18.55
CA LYS B 256 -34.65 26.90 18.40
C LYS B 256 -35.01 26.22 17.07
N ASN B 257 -34.03 25.77 16.29
CA ASN B 257 -34.24 25.12 14.97
C ASN B 257 -33.56 23.74 14.96
N VAL B 258 -32.42 23.60 15.62
CA VAL B 258 -31.65 22.32 15.69
C VAL B 258 -32.50 21.28 16.42
N LYS B 259 -32.74 20.12 15.80
CA LYS B 259 -33.50 18.99 16.41
C LYS B 259 -32.65 18.41 17.55
N LYS B 260 -33.29 17.97 18.64
CA LYS B 260 -32.58 17.45 19.84
C LYS B 260 -33.20 16.14 20.30
N PHE B 261 -32.45 15.05 20.23
CA PHE B 261 -32.87 13.71 20.70
C PHE B 261 -31.88 13.20 21.75
N ALA B 262 -32.31 12.30 22.62
CA ALA B 262 -31.47 11.67 23.66
C ALA B 262 -31.82 10.18 23.75
N VAL B 263 -30.81 9.31 23.68
CA VAL B 263 -31.02 7.83 23.68
C VAL B 263 -30.59 7.28 25.05
N ILE B 264 -31.53 6.61 25.74
CA ILE B 264 -31.25 5.92 27.03
C ILE B 264 -30.57 4.59 26.69
N HIS B 265 -29.33 4.37 27.16
CA HIS B 265 -28.50 3.19 26.78
C HIS B 265 -28.49 2.12 27.87
N VAL B 266 -29.17 2.34 28.99
CA VAL B 266 -29.10 1.41 30.17
C VAL B 266 -30.45 1.42 30.90
N ASN B 267 -30.69 0.43 31.76
CA ASN B 267 -31.92 0.37 32.59
C ASN B 267 -32.00 1.68 33.38
N HIS B 268 -33.10 2.42 33.21
CA HIS B 268 -33.31 3.77 33.78
C HIS B 268 -33.50 3.69 35.31
N TYR B 269 -33.71 2.49 35.86
CA TYR B 269 -34.01 2.30 37.30
C TYR B 269 -32.71 2.28 38.12
N LYS B 270 -32.80 2.64 39.40
CA LYS B 270 -31.65 2.62 40.34
C LYS B 270 -31.12 1.19 40.43
N ASN B 271 -29.81 1.01 40.23
CA ASN B 271 -29.17 -0.33 40.21
C ASN B 271 -29.46 -1.05 41.53
N PHE B 272 -30.05 -2.25 41.47
CA PHE B 272 -30.40 -3.08 42.65
C PHE B 272 -31.26 -2.27 43.63
N ASP B 273 -32.49 -1.92 43.21
CA ASP B 273 -33.47 -1.18 44.04
C ASP B 273 -34.88 -1.38 43.47
N ASP B 274 -35.58 -2.41 43.92
CA ASP B 274 -36.96 -2.77 43.46
C ASP B 274 -37.97 -1.77 44.04
N THR B 275 -37.51 -0.70 44.69
CA THR B 275 -38.37 0.37 45.25
C THR B 275 -39.02 1.16 44.11
N GLY B 276 -38.46 1.07 42.90
CA GLY B 276 -38.96 1.75 41.69
C GLY B 276 -38.35 3.14 41.53
N ALA B 277 -37.26 3.42 42.25
CA ALA B 277 -36.48 4.67 42.12
C ALA B 277 -35.75 4.68 40.78
N VAL B 278 -35.61 5.85 40.16
CA VAL B 278 -34.84 6.06 38.90
C VAL B 278 -33.59 6.88 39.22
N LYS B 279 -32.61 6.90 38.31
CA LYS B 279 -31.32 7.59 38.54
C LYS B 279 -31.48 9.05 38.11
N LYS B 280 -30.81 9.97 38.81
CA LYS B 280 -30.93 11.44 38.60
C LYS B 280 -30.79 11.77 37.11
N GLN B 281 -29.68 11.34 36.48
CA GLN B 281 -29.34 11.64 35.07
C GLN B 281 -30.52 11.25 34.17
N GLU B 282 -30.95 9.98 34.25
CA GLU B 282 -32.03 9.43 33.38
C GLU B 282 -33.35 10.12 33.71
N ASP B 283 -33.63 10.37 34.99
CA ASP B 283 -34.85 11.09 35.44
C ASP B 283 -34.88 12.46 34.76
N TYR B 284 -33.76 13.18 34.75
CA TYR B 284 -33.63 14.53 34.15
C TYR B 284 -33.98 14.46 32.66
N ILE B 285 -33.43 13.46 31.96
CA ILE B 285 -33.67 13.27 30.49
C ILE B 285 -35.16 13.03 30.27
N LEU B 286 -35.79 12.23 31.13
CA LEU B 286 -37.21 11.80 30.99
C LEU B 286 -38.15 12.91 31.51
N ARG B 287 -37.65 13.81 32.37
CA ARG B 287 -38.44 14.94 32.93
C ARG B 287 -38.39 16.13 31.98
N ASN B 288 -37.26 16.31 31.28
CA ASN B 288 -37.05 17.44 30.34
C ASN B 288 -37.31 16.96 28.91
N ALA B 289 -38.16 15.95 28.74
CA ALA B 289 -38.53 15.38 27.43
C ALA B 289 -39.48 16.33 26.70
N ASN B 290 -40.08 17.28 27.43
CA ASN B 290 -41.02 18.27 26.85
C ASN B 290 -40.23 19.37 26.16
N LYS B 291 -38.97 19.59 26.56
CA LYS B 291 -38.11 20.67 26.01
C LYS B 291 -37.24 20.10 24.87
N ILE B 292 -37.34 18.80 24.58
CA ILE B 292 -36.57 18.15 23.48
C ILE B 292 -37.55 17.66 22.40
N ASN B 293 -37.03 17.14 21.29
CA ASN B 293 -37.84 16.71 20.12
C ASN B 293 -38.28 15.24 20.31
N GLY B 294 -37.57 14.46 21.12
CA GLY B 294 -37.93 13.06 21.41
C GLY B 294 -36.88 12.31 22.20
N VAL B 295 -37.27 11.23 22.87
CA VAL B 295 -36.37 10.34 23.67
C VAL B 295 -36.38 8.95 23.04
N VAL B 296 -35.21 8.42 22.67
CA VAL B 296 -35.07 7.12 21.97
C VAL B 296 -34.74 6.03 23.00
N MET B 297 -35.57 4.99 23.09
CA MET B 297 -35.30 3.80 23.93
C MET B 297 -34.84 2.68 23.00
N LEU B 298 -34.14 1.67 23.51
CA LEU B 298 -33.58 0.56 22.68
C LEU B 298 -34.57 -0.61 22.65
N THR B 299 -35.41 -0.74 23.68
CA THR B 299 -36.46 -1.80 23.79
C THR B 299 -37.82 -1.13 23.94
N GLU B 300 -38.90 -1.86 23.64
CA GLU B 300 -40.29 -1.38 23.86
C GLU B 300 -40.63 -1.57 25.34
N ALA B 301 -39.96 -2.50 26.02
CA ALA B 301 -40.11 -2.76 27.47
C ALA B 301 -39.77 -1.49 28.25
N GLN B 302 -38.65 -0.84 27.89
CA GLN B 302 -38.21 0.42 28.52
C GLN B 302 -39.27 1.49 28.27
N LYS B 303 -39.64 1.68 27.01
CA LYS B 303 -40.67 2.68 26.59
C LYS B 303 -41.92 2.50 27.44
N LYS B 304 -42.36 1.25 27.63
CA LYS B 304 -43.60 0.91 28.38
C LYS B 304 -43.50 1.48 29.80
N ASP B 305 -42.51 1.01 30.58
CA ASP B 305 -42.37 1.38 32.01
C ASP B 305 -42.17 2.90 32.13
N ILE B 306 -41.52 3.53 31.14
CA ILE B 306 -41.20 4.99 31.17
C ILE B 306 -42.49 5.81 31.08
N ILE B 307 -43.37 5.49 30.11
CA ILE B 307 -44.61 6.28 29.83
C ILE B 307 -45.68 5.92 30.87
N GLU B 308 -45.39 5.01 31.80
CA GLU B 308 -46.32 4.61 32.88
C GLU B 308 -46.04 5.44 34.14
N LYS B 309 -45.00 6.27 34.14
CA LYS B 309 -44.59 7.07 35.32
C LYS B 309 -44.20 8.50 34.94
N TYR B 310 -43.87 8.77 33.67
CA TYR B 310 -43.43 10.10 33.20
C TYR B 310 -44.40 10.66 32.15
N LYS B 311 -45.12 9.79 31.45
CA LYS B 311 -46.14 10.17 30.43
C LYS B 311 -45.48 10.99 29.31
N ILE B 312 -44.20 10.75 29.03
CA ILE B 312 -43.48 11.35 27.86
C ILE B 312 -44.29 11.02 26.60
N THR B 313 -44.79 12.04 25.89
CA THR B 313 -45.65 11.87 24.69
C THR B 313 -44.80 11.96 23.43
N ASN B 314 -43.48 11.78 23.53
CA ASN B 314 -42.53 11.90 22.39
C ASN B 314 -41.46 10.82 22.50
N ALA B 315 -41.84 9.60 22.87
CA ALA B 315 -40.91 8.46 23.07
C ALA B 315 -40.69 7.73 21.75
N TYR B 316 -39.55 7.06 21.61
CA TYR B 316 -39.16 6.29 20.40
C TYR B 316 -38.55 4.95 20.83
N VAL B 317 -38.53 3.96 19.95
CA VAL B 317 -38.05 2.58 20.26
C VAL B 317 -37.05 2.13 19.20
N ILE B 318 -36.36 3.06 18.53
CA ILE B 318 -35.34 2.75 17.49
C ILE B 318 -34.20 1.99 18.17
N SER B 319 -33.88 0.79 17.69
CA SER B 319 -32.84 -0.09 18.29
C SER B 319 -31.45 0.40 17.88
N ASN B 320 -30.41 -0.12 18.53
CA ASN B 320 -28.99 0.20 18.21
C ASN B 320 -28.60 -0.57 16.95
N PHE B 321 -27.94 0.11 15.99
CA PHE B 321 -27.38 -0.51 14.77
C PHE B 321 -26.29 -1.51 15.20
N ILE B 322 -26.36 -2.73 14.69
CA ILE B 322 -25.34 -3.79 14.94
C ILE B 322 -24.66 -4.10 13.61
N ASN B 323 -23.32 -4.16 13.61
CA ASN B 323 -22.54 -4.45 12.38
C ASN B 323 -22.78 -5.92 11.99
N ILE B 324 -23.61 -6.14 10.98
CA ILE B 324 -23.89 -7.50 10.43
C ILE B 324 -22.56 -8.07 9.93
N THR B 325 -22.07 -9.15 10.57
CA THR B 325 -20.80 -9.81 10.21
C THR B 325 -21.04 -10.68 8.98
N ASP B 326 -20.01 -11.39 8.51
CA ASP B 326 -20.14 -12.35 7.39
C ASP B 326 -20.16 -13.77 7.97
N ASP B 327 -21.07 -14.62 7.50
CA ASP B 327 -21.13 -16.05 7.91
C ASP B 327 -19.77 -16.68 7.59
N TYR B 328 -19.13 -17.28 8.60
CA TYR B 328 -17.82 -17.95 8.47
C TYR B 328 -18.03 -19.46 8.61
N ARG B 329 -17.01 -20.25 8.30
CA ARG B 329 -17.05 -21.73 8.40
C ARG B 329 -16.04 -22.17 9.47
N ASP B 330 -16.44 -22.15 10.74
CA ASP B 330 -15.61 -22.67 11.87
C ASP B 330 -16.49 -23.57 12.74
N LYS B 331 -15.90 -24.63 13.30
CA LYS B 331 -16.59 -25.60 14.18
C LYS B 331 -16.42 -25.15 15.63
N ASN B 332 -17.44 -25.36 16.46
CA ASN B 332 -17.39 -25.11 17.93
C ASN B 332 -16.69 -26.30 18.60
N ASP B 333 -15.54 -26.72 18.07
CA ASP B 333 -14.75 -27.87 18.55
C ASP B 333 -13.97 -27.47 19.81
N ASN B 334 -14.14 -26.23 20.28
CA ASN B 334 -13.44 -25.70 21.47
C ASN B 334 -14.47 -25.57 22.61
N LYS B 335 -14.26 -26.30 23.71
CA LYS B 335 -15.16 -26.28 24.89
C LYS B 335 -14.83 -25.05 25.74
N VAL B 336 -15.25 -23.86 25.29
CA VAL B 336 -14.92 -22.56 25.94
C VAL B 336 -16.17 -21.67 25.97
N VAL B 337 -16.54 -21.16 27.14
CA VAL B 337 -17.63 -20.17 27.32
C VAL B 337 -17.00 -18.77 27.30
N GLY B 338 -17.76 -17.75 26.92
CA GLY B 338 -17.24 -16.37 26.73
C GLY B 338 -18.04 -15.33 27.48
N HIS B 339 -17.37 -14.28 27.96
CA HIS B 339 -18.02 -13.08 28.58
C HIS B 339 -17.16 -11.85 28.36
N ILE B 340 -17.07 -11.38 27.12
CA ILE B 340 -16.33 -10.14 26.75
C ILE B 340 -17.17 -8.93 27.16
N SER B 341 -17.01 -8.46 28.40
CA SER B 341 -17.79 -7.32 28.97
C SER B 341 -16.96 -6.60 30.04
N ARG B 342 -17.28 -5.32 30.28
CA ARG B 342 -16.57 -4.47 31.27
C ARG B 342 -16.65 -5.15 32.64
N LEU B 343 -15.53 -5.22 33.37
CA LEU B 343 -15.49 -5.83 34.72
C LEU B 343 -16.20 -4.86 35.69
N VAL B 344 -17.54 -4.92 35.73
CA VAL B 344 -18.39 -3.99 36.52
C VAL B 344 -19.49 -4.83 37.17
N PRO B 345 -19.96 -4.50 38.41
CA PRO B 345 -21.06 -5.22 39.04
C PRO B 345 -22.34 -5.34 38.19
N GLN B 346 -22.47 -4.53 37.14
CA GLN B 346 -23.61 -4.57 36.19
C GLN B 346 -23.69 -5.96 35.54
N LYS B 347 -22.54 -6.56 35.22
CA LYS B 347 -22.46 -7.84 34.47
C LYS B 347 -22.56 -9.03 35.44
N GLY B 348 -22.82 -8.79 36.73
CA GLY B 348 -22.98 -9.83 37.76
C GLY B 348 -21.91 -10.91 37.65
N LEU B 349 -20.64 -10.49 37.57
CA LEU B 349 -19.47 -11.41 37.46
C LEU B 349 -19.46 -12.45 38.58
N PRO B 350 -19.70 -12.09 39.87
CA PRO B 350 -19.77 -13.09 40.94
C PRO B 350 -20.67 -14.30 40.65
N TYR B 351 -21.81 -14.09 39.97
CA TYR B 351 -22.77 -15.17 39.62
C TYR B 351 -22.16 -16.08 38.54
N LEU B 352 -21.35 -15.51 37.64
CA LEU B 352 -20.69 -16.27 36.55
C LEU B 352 -19.66 -17.23 37.16
N ILE B 353 -18.96 -16.77 38.21
CA ILE B 353 -17.96 -17.62 38.96
C ILE B 353 -18.73 -18.79 39.58
N ASP B 354 -19.93 -18.54 40.12
CA ASP B 354 -20.78 -19.58 40.76
C ASP B 354 -21.17 -20.62 39.70
N VAL B 355 -21.65 -20.15 38.54
CA VAL B 355 -22.03 -21.04 37.40
C VAL B 355 -20.82 -21.91 37.05
N ALA B 356 -19.63 -21.30 36.95
CA ALA B 356 -18.39 -21.99 36.51
C ALA B 356 -18.05 -23.11 37.50
N LYS B 357 -18.20 -22.88 38.80
CA LYS B 357 -17.93 -23.90 39.85
C LYS B 357 -18.76 -25.15 39.53
N LYS B 358 -20.06 -24.98 39.31
CA LYS B 358 -21.01 -26.10 39.05
C LYS B 358 -20.63 -26.78 37.73
N VAL B 359 -20.34 -25.98 36.70
CA VAL B 359 -20.00 -26.51 35.33
C VAL B 359 -18.71 -27.32 35.43
N VAL B 360 -17.72 -26.84 36.17
CA VAL B 360 -16.38 -27.50 36.29
C VAL B 360 -16.50 -28.72 37.20
N GLU B 361 -17.53 -28.78 38.06
CA GLU B 361 -17.79 -29.95 38.93
C GLU B 361 -18.04 -31.17 38.05
N GLN B 362 -18.67 -30.99 36.89
CA GLN B 362 -18.97 -32.08 35.93
C GLN B 362 -17.82 -32.18 34.92
N ASP B 363 -17.67 -31.18 34.05
CA ASP B 363 -16.58 -31.15 33.04
C ASP B 363 -15.53 -30.14 33.47
N ASN B 364 -14.33 -30.61 33.82
CA ASN B 364 -13.20 -29.76 34.27
C ASN B 364 -12.44 -29.24 33.05
N SER B 365 -12.90 -29.56 31.83
CA SER B 365 -12.25 -29.15 30.57
C SER B 365 -12.83 -27.82 30.07
N VAL B 366 -14.05 -27.48 30.48
CA VAL B 366 -14.73 -26.21 30.11
C VAL B 366 -13.89 -25.05 30.64
N GLU B 367 -13.43 -24.15 29.76
CA GLU B 367 -12.58 -22.99 30.13
C GLU B 367 -13.39 -21.70 29.94
N PHE B 368 -13.83 -21.08 31.03
CA PHE B 368 -14.59 -19.79 31.00
C PHE B 368 -13.62 -18.66 30.65
N HIS B 369 -13.65 -18.18 29.40
CA HIS B 369 -12.79 -17.07 28.91
C HIS B 369 -13.52 -15.73 29.11
N LEU B 370 -13.08 -14.94 30.09
CA LEU B 370 -13.67 -13.61 30.39
C LEU B 370 -12.72 -12.52 29.89
N TYR B 371 -13.21 -11.64 29.00
CA TYR B 371 -12.43 -10.50 28.44
C TYR B 371 -13.04 -9.19 28.94
N GLY B 372 -12.22 -8.13 29.01
CA GLY B 372 -12.67 -6.79 29.40
C GLY B 372 -11.76 -6.16 30.44
N THR B 373 -11.92 -4.86 30.69
CA THR B 373 -11.14 -4.08 31.69
C THR B 373 -12.11 -3.26 32.53
N GLY B 374 -11.98 -3.33 33.85
CA GLY B 374 -12.85 -2.62 34.81
C GLY B 374 -12.26 -2.58 36.21
N GLU B 375 -13.11 -2.29 37.21
CA GLU B 375 -12.66 -2.09 38.62
C GLU B 375 -12.87 -3.37 39.43
N GLU B 376 -13.57 -4.37 38.89
CA GLU B 376 -13.93 -5.60 39.64
C GLU B 376 -12.92 -6.71 39.38
N LYS B 377 -11.86 -6.44 38.60
CA LYS B 377 -10.80 -7.43 38.27
C LYS B 377 -10.32 -8.08 39.56
N SER B 378 -9.85 -7.27 40.52
CA SER B 378 -9.35 -7.72 41.84
C SER B 378 -10.37 -8.68 42.48
N LYS B 379 -11.62 -8.24 42.62
CA LYS B 379 -12.70 -9.03 43.27
C LYS B 379 -12.81 -10.39 42.57
N ILE B 380 -13.00 -10.40 41.25
CA ILE B 380 -13.20 -11.65 40.45
C ILE B 380 -11.97 -12.55 40.63
N GLU B 381 -10.76 -11.97 40.54
CA GLU B 381 -9.48 -12.74 40.65
C GLU B 381 -9.44 -13.48 41.98
N ASN B 382 -9.96 -12.89 43.05
CA ASN B 382 -9.97 -13.50 44.41
C ASN B 382 -11.01 -14.61 44.45
N LEU B 383 -12.17 -14.40 43.82
CA LEU B 383 -13.25 -15.43 43.73
C LEU B 383 -12.77 -16.57 42.82
N ILE B 384 -11.82 -16.28 41.92
CA ILE B 384 -11.21 -17.28 41.01
C ILE B 384 -10.20 -18.11 41.80
N GLN B 385 -9.41 -17.44 42.65
CA GLN B 385 -8.43 -18.12 43.55
C GLN B 385 -9.19 -19.12 44.43
N GLU B 386 -10.31 -18.69 45.02
CA GLU B 386 -11.18 -19.58 45.84
C GLU B 386 -11.95 -20.48 44.88
N SER B 387 -12.46 -21.61 45.39
CA SER B 387 -13.17 -22.65 44.58
C SER B 387 -12.26 -23.20 43.48
N ASN B 388 -10.94 -22.92 43.57
CA ASN B 388 -9.92 -23.45 42.63
C ASN B 388 -10.45 -23.39 41.19
N LEU B 389 -10.84 -22.19 40.72
CA LEU B 389 -11.30 -21.98 39.33
C LEU B 389 -10.25 -21.18 38.56
N THR B 390 -8.96 -21.43 38.84
CA THR B 390 -7.82 -20.68 38.26
C THR B 390 -7.52 -21.21 36.87
N ASN B 391 -7.79 -22.50 36.62
CA ASN B 391 -7.49 -23.17 35.33
C ASN B 391 -8.78 -23.23 34.48
N ASN B 392 -9.91 -22.81 35.04
CA ASN B 392 -11.22 -22.83 34.34
C ASN B 392 -11.58 -21.38 33.96
N VAL B 393 -11.81 -20.52 34.95
CA VAL B 393 -12.14 -19.09 34.70
C VAL B 393 -10.82 -18.34 34.57
N LYS B 394 -10.58 -17.69 33.43
CA LYS B 394 -9.33 -16.94 33.16
C LYS B 394 -9.69 -15.53 32.67
N LEU B 395 -9.10 -14.50 33.29
CA LEU B 395 -9.24 -13.09 32.84
C LEU B 395 -8.07 -12.78 31.89
N LEU B 396 -8.37 -12.42 30.64
CA LEU B 396 -7.33 -12.21 29.60
C LEU B 396 -7.11 -10.70 29.37
N GLY B 397 -8.19 -9.91 29.28
CA GLY B 397 -8.12 -8.45 29.18
C GLY B 397 -8.96 -7.91 28.03
N TYR B 398 -8.94 -6.58 27.83
CA TYR B 398 -9.72 -5.90 26.77
C TYR B 398 -9.22 -6.41 25.42
N THR B 399 -10.14 -6.83 24.55
CA THR B 399 -9.82 -7.32 23.18
C THR B 399 -10.26 -6.26 22.17
N THR B 400 -9.35 -5.84 21.30
CA THR B 400 -9.63 -4.89 20.19
C THR B 400 -10.25 -5.67 19.02
N ASN B 401 -10.04 -6.98 18.98
CA ASN B 401 -10.57 -7.88 17.92
C ASN B 401 -11.46 -8.94 18.58
N ALA B 402 -12.59 -8.51 19.16
CA ALA B 402 -13.55 -9.38 19.87
C ALA B 402 -14.15 -10.40 18.89
N ILE B 403 -14.32 -10.01 17.63
CA ILE B 403 -14.89 -10.88 16.55
C ILE B 403 -14.09 -12.19 16.50
N GLU B 404 -12.77 -12.11 16.40
CA GLU B 404 -11.88 -13.31 16.30
C GLU B 404 -12.02 -14.14 17.58
N LYS B 405 -12.07 -13.50 18.75
CA LYS B 405 -12.13 -14.19 20.07
C LYS B 405 -13.48 -14.89 20.20
N ILE B 406 -14.57 -14.24 19.77
CA ILE B 406 -15.96 -14.81 19.84
C ILE B 406 -16.04 -16.02 18.91
N LYS B 407 -15.39 -15.95 17.75
CA LYS B 407 -15.39 -17.05 16.74
C LYS B 407 -14.88 -18.34 17.41
N ASP B 408 -13.86 -18.25 18.27
CA ASP B 408 -13.23 -19.43 18.91
C ASP B 408 -13.94 -19.75 20.23
N PHE B 409 -15.27 -19.67 20.26
CA PHE B 409 -16.09 -20.00 21.47
C PHE B 409 -17.08 -21.10 21.14
N ARG B 410 -17.76 -21.63 22.17
CA ARG B 410 -18.84 -22.64 22.03
C ARG B 410 -20.17 -22.03 22.47
N CYS B 411 -20.12 -21.04 23.38
CA CYS B 411 -21.31 -20.34 23.92
C CYS B 411 -20.88 -18.99 24.50
N VAL B 412 -21.83 -18.07 24.69
CA VAL B 412 -21.57 -16.78 25.37
C VAL B 412 -22.60 -16.66 26.51
N ILE B 413 -22.15 -16.26 27.70
CA ILE B 413 -23.01 -16.16 28.91
C ILE B 413 -23.25 -14.67 29.20
N SER B 414 -24.34 -14.37 29.91
CA SER B 414 -24.67 -13.00 30.39
C SER B 414 -25.39 -13.08 31.73
N THR B 415 -24.64 -12.92 32.81
CA THR B 415 -25.16 -12.99 34.20
C THR B 415 -25.51 -11.58 34.66
N SER B 416 -25.69 -10.64 33.72
CA SER B 416 -26.00 -9.21 34.01
C SER B 416 -27.28 -9.12 34.84
N GLN B 417 -27.32 -8.20 35.80
CA GLN B 417 -28.52 -7.93 36.63
C GLN B 417 -29.34 -6.82 35.97
N PHE B 418 -28.71 -6.05 35.07
CA PHE B 418 -29.36 -4.98 34.27
C PHE B 418 -28.49 -4.66 33.05
N GLU B 419 -29.11 -4.44 31.90
CA GLU B 419 -28.40 -4.17 30.63
C GLU B 419 -29.22 -3.22 29.75
N GLY B 420 -28.63 -2.80 28.63
CA GLY B 420 -29.29 -1.96 27.62
C GLY B 420 -29.75 -2.78 26.43
N GLN B 421 -29.01 -2.73 25.33
CA GLN B 421 -29.34 -3.47 24.08
C GLN B 421 -28.70 -4.86 24.13
N GLY B 422 -27.64 -5.04 24.91
CA GLY B 422 -26.85 -6.30 24.94
C GLY B 422 -26.13 -6.53 23.61
N LEU B 423 -25.33 -5.55 23.19
CA LEU B 423 -24.59 -5.59 21.89
C LEU B 423 -23.61 -6.77 21.88
N SER B 424 -22.99 -7.09 23.02
CA SER B 424 -22.01 -8.21 23.15
C SER B 424 -22.71 -9.54 22.84
N LEU B 425 -23.92 -9.73 23.40
CA LEU B 425 -24.73 -10.95 23.17
C LEU B 425 -25.19 -10.98 21.71
N ILE B 426 -25.66 -9.84 21.20
CA ILE B 426 -26.19 -9.73 19.81
C ILE B 426 -25.06 -10.08 18.83
N GLU B 427 -23.85 -9.56 19.06
CA GLU B 427 -22.68 -9.79 18.19
C GLU B 427 -22.34 -11.28 18.17
N ALA B 428 -22.38 -11.95 19.34
CA ALA B 428 -22.10 -13.39 19.46
C ALA B 428 -23.08 -14.16 18.58
N MET B 429 -24.38 -13.86 18.70
CA MET B 429 -25.45 -14.50 17.89
C MET B 429 -25.13 -14.33 16.41
N LEU B 430 -24.78 -13.10 16.00
CA LEU B 430 -24.50 -12.76 14.58
C LEU B 430 -23.30 -13.59 14.11
N LEU B 431 -22.37 -13.93 15.00
CA LEU B 431 -21.20 -14.80 14.68
C LEU B 431 -21.57 -16.27 14.91
N LYS B 432 -22.85 -16.63 14.76
CA LYS B 432 -23.36 -18.02 14.86
C LYS B 432 -22.84 -18.68 16.14
N LYS B 433 -22.95 -17.99 17.28
CA LYS B 433 -22.63 -18.56 18.62
C LYS B 433 -23.91 -18.58 19.46
N PRO B 434 -24.24 -19.73 20.11
CA PRO B 434 -25.41 -19.80 20.99
C PRO B 434 -25.19 -18.97 22.27
N VAL B 435 -26.26 -18.44 22.85
CA VAL B 435 -26.17 -17.53 24.02
C VAL B 435 -27.12 -18.01 25.12
N VAL B 436 -26.57 -18.31 26.31
CA VAL B 436 -27.35 -18.64 27.53
C VAL B 436 -27.23 -17.45 28.48
N ALA B 437 -28.31 -16.68 28.68
CA ALA B 437 -28.24 -15.40 29.42
C ALA B 437 -29.35 -15.35 30.48
N PHE B 438 -29.18 -14.45 31.47
CA PHE B 438 -30.19 -14.18 32.53
C PHE B 438 -31.24 -13.24 31.95
N ASP B 439 -32.52 -13.45 32.32
CA ASP B 439 -33.65 -12.63 31.84
C ASP B 439 -33.75 -11.37 32.70
N VAL B 440 -32.77 -10.47 32.57
CA VAL B 440 -32.71 -9.16 33.27
C VAL B 440 -33.61 -8.17 32.54
N LYS B 441 -33.87 -7.01 33.14
CA LYS B 441 -34.75 -5.96 32.56
C LYS B 441 -34.08 -5.39 31.31
N TYR B 442 -34.83 -5.26 30.22
CA TYR B 442 -34.35 -4.72 28.91
C TYR B 442 -33.08 -5.49 28.52
N GLY B 443 -33.22 -6.78 28.25
CA GLY B 443 -32.08 -7.68 28.00
C GLY B 443 -32.34 -8.65 26.86
N PRO B 444 -31.85 -9.90 26.98
CA PRO B 444 -32.12 -10.94 26.01
C PRO B 444 -33.63 -11.21 25.84
N SER B 445 -34.45 -10.53 26.65
CA SER B 445 -35.92 -10.65 26.65
C SER B 445 -36.51 -10.27 25.29
N ASP B 446 -35.72 -9.68 24.38
CA ASP B 446 -36.22 -9.17 23.07
C ASP B 446 -35.60 -9.93 21.88
N PHE B 447 -34.53 -10.71 22.08
CA PHE B 447 -33.84 -11.39 20.96
C PHE B 447 -33.53 -12.86 21.27
N VAL B 448 -33.27 -13.23 22.53
CA VAL B 448 -32.92 -14.65 22.88
C VAL B 448 -34.22 -15.47 22.94
N LYS B 449 -34.32 -16.48 22.07
CA LYS B 449 -35.48 -17.41 21.98
C LYS B 449 -35.04 -18.76 22.57
N ASP B 450 -35.74 -19.24 23.59
CA ASP B 450 -35.39 -20.51 24.30
C ASP B 450 -35.57 -21.69 23.34
N GLY B 451 -34.50 -22.45 23.09
CA GLY B 451 -34.51 -23.67 22.25
C GLY B 451 -34.31 -23.36 20.78
N LYS B 452 -34.26 -22.09 20.38
CA LYS B 452 -34.14 -21.69 18.95
C LYS B 452 -32.75 -21.07 18.70
N ASN B 453 -32.36 -20.05 19.46
CA ASN B 453 -31.08 -19.34 19.26
C ASN B 453 -30.22 -19.43 20.54
N GLY B 454 -30.81 -19.86 21.64
CA GLY B 454 -30.14 -19.97 22.95
C GLY B 454 -31.11 -20.38 24.04
N TYR B 455 -30.88 -19.93 25.27
CA TYR B 455 -31.72 -20.29 26.45
C TYR B 455 -31.87 -19.06 27.35
N LEU B 456 -33.12 -18.64 27.59
CA LEU B 456 -33.45 -17.49 28.47
C LEU B 456 -33.59 -18.00 29.90
N ILE B 457 -32.50 -17.99 30.68
CA ILE B 457 -32.48 -18.50 32.07
C ILE B 457 -32.99 -17.39 32.99
N GLU B 458 -33.63 -17.76 34.10
CA GLU B 458 -34.17 -16.80 35.09
C GLU B 458 -33.00 -16.22 35.89
N ASN B 459 -33.11 -14.96 36.32
CA ASN B 459 -32.03 -14.29 37.10
C ASN B 459 -31.85 -15.04 38.43
N LYS B 460 -30.60 -15.26 38.84
CA LYS B 460 -30.21 -15.97 40.09
C LYS B 460 -30.65 -17.45 40.01
N ASP B 461 -30.76 -18.01 38.81
CA ASP B 461 -31.00 -19.48 38.61
C ASP B 461 -29.72 -20.08 38.03
N ILE B 462 -28.63 -20.05 38.80
CA ILE B 462 -27.30 -20.58 38.38
C ILE B 462 -27.44 -22.03 37.93
N LYS B 463 -28.33 -22.80 38.56
CA LYS B 463 -28.55 -24.24 38.27
C LYS B 463 -28.90 -24.41 36.78
N LYS B 464 -30.06 -23.90 36.37
CA LYS B 464 -30.57 -24.07 34.96
C LYS B 464 -29.52 -23.53 33.98
N MET B 465 -28.90 -22.38 34.29
CA MET B 465 -27.89 -21.74 33.41
C MET B 465 -26.76 -22.74 33.14
N ALA B 466 -26.16 -23.29 34.20
CA ALA B 466 -25.03 -24.25 34.11
C ALA B 466 -25.48 -25.48 33.31
N ASN B 467 -26.70 -25.97 33.55
CA ASN B 467 -27.23 -27.20 32.89
C ASN B 467 -27.38 -26.94 31.39
N LYS B 468 -27.71 -25.71 30.99
CA LYS B 468 -27.91 -25.34 29.56
C LYS B 468 -26.53 -25.14 28.92
N ILE B 469 -25.56 -24.60 29.67
CA ILE B 469 -24.16 -24.42 29.20
C ILE B 469 -23.53 -25.82 29.04
N LEU B 470 -23.91 -26.78 29.89
CA LEU B 470 -23.40 -28.17 29.80
C LEU B 470 -23.99 -28.84 28.56
N LYS B 471 -25.30 -28.71 28.36
CA LYS B 471 -26.01 -29.29 27.18
C LYS B 471 -25.30 -28.80 25.91
N LEU B 472 -24.94 -27.52 25.85
CA LEU B 472 -24.33 -26.89 24.65
C LEU B 472 -22.87 -27.32 24.53
N LEU B 473 -22.13 -27.36 25.65
CA LEU B 473 -20.68 -27.71 25.67
C LEU B 473 -20.52 -29.23 25.55
N HIS B 474 -21.63 -29.99 25.54
CA HIS B 474 -21.59 -31.47 25.34
C HIS B 474 -22.22 -31.83 23.99
N ASP B 475 -22.91 -30.89 23.34
CA ASP B 475 -23.52 -31.11 22.00
C ASP B 475 -23.15 -29.94 21.09
N LYS B 476 -22.02 -30.05 20.38
CA LYS B 476 -21.56 -29.04 19.41
C LYS B 476 -22.61 -28.87 18.31
N GLU B 477 -23.42 -29.90 18.06
CA GLU B 477 -24.46 -29.90 17.00
C GLU B 477 -25.52 -28.85 17.33
N LEU B 478 -26.13 -28.94 18.51
CA LEU B 478 -27.21 -28.00 18.94
C LEU B 478 -26.63 -26.59 19.04
N SER B 479 -25.35 -26.47 19.41
CA SER B 479 -24.65 -25.16 19.49
C SER B 479 -24.71 -24.47 18.14
N LYS B 480 -24.30 -25.16 17.07
CA LYS B 480 -24.25 -24.61 15.69
C LYS B 480 -25.67 -24.27 15.24
N SER B 481 -26.63 -25.17 15.43
CA SER B 481 -28.05 -25.00 15.02
C SER B 481 -28.59 -23.71 15.67
N LEU B 482 -28.45 -23.60 16.99
CA LEU B 482 -28.93 -22.43 17.77
C LEU B 482 -28.22 -21.17 17.26
N GLY B 483 -26.90 -21.23 17.09
CA GLY B 483 -26.08 -20.09 16.61
C GLY B 483 -26.60 -19.55 15.28
N LYS B 484 -26.88 -20.43 14.32
CA LYS B 484 -27.38 -20.05 12.98
C LYS B 484 -28.67 -19.23 13.13
N HIS B 485 -29.60 -19.70 13.97
CA HIS B 485 -30.91 -19.01 14.19
C HIS B 485 -30.66 -17.64 14.85
N GLY B 486 -29.65 -17.53 15.71
CA GLY B 486 -29.26 -16.27 16.36
C GLY B 486 -28.92 -15.21 15.32
N ARG B 487 -28.07 -15.56 14.35
CA ARG B 487 -27.67 -14.67 13.24
C ARG B 487 -28.93 -14.22 12.49
N ASP B 488 -29.79 -15.18 12.13
CA ASP B 488 -31.06 -14.91 11.40
C ASP B 488 -31.92 -13.96 12.24
N THR B 489 -32.05 -14.23 13.55
CA THR B 489 -32.85 -13.39 14.48
C THR B 489 -32.37 -11.95 14.41
N ILE B 490 -31.06 -11.73 14.56
CA ILE B 490 -30.46 -10.37 14.56
C ILE B 490 -30.69 -9.72 13.20
N ILE B 491 -30.41 -10.44 12.11
CA ILE B 491 -30.52 -9.89 10.72
C ILE B 491 -31.97 -9.43 10.46
N ASP B 492 -32.96 -10.22 10.89
CA ASP B 492 -34.39 -9.92 10.63
C ASP B 492 -34.85 -8.76 11.52
N MET B 493 -34.66 -8.87 12.83
CA MET B 493 -35.17 -7.88 13.82
C MET B 493 -34.41 -6.56 13.67
N TYR B 494 -33.08 -6.61 13.71
CA TYR B 494 -32.21 -5.39 13.70
C TYR B 494 -31.54 -5.26 12.33
N GLN B 495 -32.35 -5.06 11.28
CA GLN B 495 -31.85 -4.80 9.90
C GLN B 495 -31.40 -3.33 9.82
N PRO B 496 -30.12 -3.06 9.49
CA PRO B 496 -29.62 -1.68 9.46
C PRO B 496 -30.51 -0.74 8.61
N GLU B 497 -31.15 -1.27 7.57
CA GLU B 497 -32.00 -0.48 6.64
C GLU B 497 -33.29 -0.05 7.35
N LYS B 498 -33.85 -0.92 8.20
CA LYS B 498 -35.14 -0.67 8.90
C LYS B 498 -34.94 0.36 10.02
N LEU B 499 -33.79 0.30 10.72
CA LEU B 499 -33.46 1.20 11.83
C LEU B 499 -33.20 2.60 11.28
N MET B 500 -32.55 2.69 10.11
CA MET B 500 -32.21 3.98 9.46
C MET B 500 -33.49 4.71 9.07
N VAL B 501 -34.50 3.98 8.58
CA VAL B 501 -35.81 4.57 8.16
C VAL B 501 -36.41 5.30 9.36
N LYS B 502 -36.42 4.66 10.53
CA LYS B 502 -37.01 5.23 11.77
C LYS B 502 -36.26 6.52 12.14
N TRP B 503 -34.93 6.51 12.04
CA TRP B 503 -34.09 7.71 12.33
C TRP B 503 -34.45 8.84 11.36
N LYS B 504 -34.56 8.54 10.07
CA LYS B 504 -34.84 9.56 9.01
C LYS B 504 -36.21 10.18 9.26
N GLN B 505 -37.18 9.39 9.73
CA GLN B 505 -38.55 9.87 10.06
C GLN B 505 -38.45 10.89 11.19
N LEU B 506 -37.61 10.63 12.18
CA LEU B 506 -37.40 11.54 13.34
C LEU B 506 -36.66 12.79 12.87
N PHE B 507 -35.82 12.67 11.84
CA PHE B 507 -35.01 13.80 11.31
C PHE B 507 -35.90 14.75 10.51
N ASN B 508 -37.12 14.35 10.17
CA ASN B 508 -38.12 15.21 9.49
C ASN B 508 -39.02 15.86 10.53
N MET C 17 7.28 -15.74 -4.51
CA MET C 17 7.57 -14.51 -5.32
C MET C 17 7.75 -14.91 -6.80
N LYS C 18 7.72 -13.93 -7.70
CA LYS C 18 7.84 -14.14 -9.17
C LYS C 18 9.32 -14.08 -9.57
N GLN C 19 9.71 -14.92 -10.53
CA GLN C 19 11.10 -14.96 -11.07
C GLN C 19 11.06 -14.68 -12.58
N THR C 20 11.66 -13.56 -13.01
CA THR C 20 11.67 -13.15 -14.43
C THR C 20 12.96 -13.66 -15.09
N TYR C 21 12.91 -13.87 -16.41
CA TYR C 21 14.03 -14.41 -17.21
C TYR C 21 14.21 -13.55 -18.46
N MET C 22 15.03 -12.50 -18.37
CA MET C 22 15.37 -11.62 -19.52
C MET C 22 16.22 -12.41 -20.51
N ILE C 23 15.82 -12.49 -21.77
CA ILE C 23 16.52 -13.32 -22.79
C ILE C 23 17.25 -12.42 -23.79
N VAL C 24 18.57 -12.63 -23.94
CA VAL C 24 19.43 -11.97 -24.96
C VAL C 24 20.46 -13.02 -25.40
N ASN C 25 21.36 -12.69 -26.34
CA ASN C 25 22.34 -13.69 -26.86
C ASN C 25 23.69 -13.47 -26.20
N GLU C 26 24.06 -12.23 -25.90
CA GLU C 26 25.41 -11.89 -25.38
C GLU C 26 25.30 -10.78 -24.33
N LEU C 27 26.20 -10.78 -23.34
CA LEU C 27 26.30 -9.72 -22.30
C LEU C 27 27.77 -9.37 -22.09
N ASP C 28 28.32 -8.49 -22.93
CA ASP C 28 29.76 -8.09 -22.88
C ASP C 28 29.90 -6.77 -22.13
N VAL C 29 31.11 -6.21 -22.09
CA VAL C 29 31.44 -4.95 -21.36
C VAL C 29 31.17 -3.74 -22.27
N ASN C 30 31.50 -3.85 -23.56
CA ASN C 30 31.41 -2.73 -24.55
C ASN C 30 29.99 -2.70 -25.15
N LYS C 31 28.95 -2.78 -24.32
CA LYS C 31 27.54 -2.88 -24.80
C LYS C 31 26.86 -1.52 -24.67
N GLY C 32 25.58 -1.43 -25.06
CA GLY C 32 24.84 -0.16 -25.18
C GLY C 32 23.64 -0.10 -24.26
N GLY C 33 22.47 0.22 -24.82
CA GLY C 33 21.25 0.57 -24.07
C GLY C 33 20.44 -0.65 -23.64
N MET C 34 20.22 -1.60 -24.55
CA MET C 34 19.40 -2.81 -24.25
C MET C 34 19.93 -3.40 -22.94
N THR C 35 21.25 -3.57 -22.82
CA THR C 35 21.92 -4.12 -21.62
C THR C 35 21.58 -3.25 -20.41
N THR C 36 21.83 -1.94 -20.46
CA THR C 36 21.60 -1.03 -19.31
C THR C 36 20.15 -1.21 -18.83
N ALA C 37 19.19 -1.18 -19.75
CA ALA C 37 17.74 -1.33 -19.43
C ALA C 37 17.51 -2.67 -18.74
N MET C 38 17.99 -3.77 -19.32
CA MET C 38 17.79 -5.14 -18.79
C MET C 38 18.36 -5.23 -17.37
N LEU C 39 19.60 -4.78 -17.18
CA LEU C 39 20.31 -4.88 -15.87
C LEU C 39 19.66 -3.93 -14.85
N THR C 40 19.18 -2.77 -15.28
CA THR C 40 18.47 -1.80 -14.40
C THR C 40 17.11 -2.38 -14.02
N ARG C 41 16.37 -2.94 -14.99
CA ARG C 41 15.07 -3.61 -14.76
C ARG C 41 15.26 -4.67 -13.68
N SER C 42 16.27 -5.54 -13.85
CA SER C 42 16.59 -6.64 -12.90
C SER C 42 16.83 -6.06 -11.51
N LYS C 43 17.66 -5.02 -11.39
CA LYS C 43 18.03 -4.39 -10.10
C LYS C 43 16.75 -3.87 -9.43
N PHE C 44 15.92 -3.13 -10.15
CA PHE C 44 14.68 -2.51 -9.59
C PHE C 44 13.66 -3.61 -9.29
N PHE C 45 13.61 -4.65 -10.12
CA PHE C 45 12.75 -5.85 -9.89
C PHE C 45 13.17 -6.51 -8.57
N LEU C 46 14.47 -6.75 -8.40
CA LEU C 46 15.05 -7.42 -7.21
C LEU C 46 14.78 -6.54 -5.98
N ASP C 47 14.79 -5.22 -6.15
CA ASP C 47 14.47 -4.27 -5.05
C ASP C 47 12.98 -4.37 -4.73
N ASN C 48 12.17 -4.88 -5.67
CA ASN C 48 10.71 -5.10 -5.47
C ASN C 48 10.44 -6.57 -5.17
N GLU C 49 11.46 -7.30 -4.69
CA GLU C 49 11.37 -8.73 -4.30
C GLU C 49 10.93 -9.60 -5.49
N ILE C 50 11.15 -9.15 -6.72
CA ILE C 50 10.86 -9.94 -7.95
C ILE C 50 12.21 -10.33 -8.57
N SER C 51 12.53 -11.63 -8.60
CA SER C 51 13.84 -12.14 -9.09
C SER C 51 14.01 -11.77 -10.57
N GLY C 52 15.23 -11.37 -10.95
CA GLY C 52 15.59 -10.99 -12.33
C GLY C 52 16.86 -11.67 -12.77
N ASP C 53 16.79 -12.53 -13.79
CA ASP C 53 17.95 -13.32 -14.26
C ASP C 53 18.05 -13.22 -15.78
N ILE C 54 19.24 -12.87 -16.29
CA ILE C 54 19.52 -12.74 -17.74
C ILE C 54 19.84 -14.13 -18.29
N ILE C 55 19.34 -14.47 -19.48
CA ILE C 55 19.59 -15.78 -20.15
C ILE C 55 20.31 -15.51 -21.48
N THR C 56 21.64 -15.60 -21.48
CA THR C 56 22.48 -15.46 -22.70
C THR C 56 22.55 -16.81 -23.41
N PHE C 57 23.00 -16.84 -24.66
CA PHE C 57 23.04 -18.08 -25.49
C PHE C 57 24.37 -18.21 -26.23
N ASP C 58 25.42 -17.52 -25.80
CA ASP C 58 26.74 -17.51 -26.51
C ASP C 58 27.80 -18.13 -25.61
N PHE C 59 28.88 -18.65 -26.21
CA PHE C 59 30.03 -19.24 -25.49
C PHE C 59 31.06 -18.15 -25.21
N LYS C 60 31.23 -17.79 -23.94
CA LYS C 60 32.31 -16.89 -23.48
C LYS C 60 32.99 -17.58 -22.30
N ALA C 61 34.22 -18.05 -22.49
CA ALA C 61 35.03 -18.71 -21.45
C ALA C 61 35.24 -17.75 -20.27
N ASN C 62 35.31 -16.45 -20.54
CA ASN C 62 35.60 -15.40 -19.52
C ASN C 62 34.30 -14.73 -19.08
N TYR C 63 33.14 -15.39 -19.20
CA TYR C 63 31.83 -14.79 -18.84
C TYR C 63 31.82 -14.38 -17.36
N LYS C 64 32.50 -15.17 -16.51
CA LYS C 64 32.66 -14.88 -15.06
C LYS C 64 33.33 -13.51 -14.90
N ASP C 65 34.47 -13.30 -15.57
CA ASP C 65 35.28 -12.07 -15.45
C ASP C 65 34.49 -10.91 -16.06
N ILE C 66 33.72 -11.15 -17.12
CA ILE C 66 32.92 -10.10 -17.82
C ILE C 66 31.86 -9.58 -16.83
N LEU C 67 31.07 -10.47 -16.24
CA LEU C 67 29.99 -10.10 -15.29
C LEU C 67 30.61 -9.42 -14.06
N LYS C 68 31.81 -9.84 -13.65
CA LYS C 68 32.52 -9.25 -12.48
C LYS C 68 32.96 -7.82 -12.83
N GLU C 69 33.35 -7.58 -14.09
CA GLU C 69 33.79 -6.25 -14.56
C GLU C 69 32.58 -5.38 -14.89
N LEU C 70 31.37 -5.94 -14.85
CA LEU C 70 30.11 -5.19 -15.09
C LEU C 70 29.45 -4.86 -13.75
N VAL C 71 29.69 -5.67 -12.72
CA VAL C 71 29.16 -5.42 -11.36
C VAL C 71 30.13 -4.45 -10.65
N GLN C 72 31.42 -4.48 -11.03
CA GLN C 72 32.46 -3.58 -10.45
C GLN C 72 32.35 -2.20 -11.11
N SER C 73 31.88 -2.15 -12.36
CA SER C 73 31.68 -0.90 -13.13
C SER C 73 30.34 -0.26 -12.74
N LYS C 74 29.65 -0.81 -11.73
CA LYS C 74 28.33 -0.32 -11.25
C LYS C 74 27.35 -0.27 -12.43
N LYS C 75 27.37 -1.29 -13.29
CA LYS C 75 26.45 -1.40 -14.46
C LYS C 75 25.55 -2.63 -14.27
N MET C 76 25.65 -3.31 -13.13
CA MET C 76 24.86 -4.53 -12.81
C MET C 76 24.87 -4.76 -11.31
N ASP C 77 23.93 -5.57 -10.81
CA ASP C 77 23.82 -5.92 -9.36
C ASP C 77 24.35 -7.34 -9.15
N LYS C 78 24.71 -7.68 -7.92
CA LYS C 78 25.24 -9.02 -7.53
C LYS C 78 24.09 -10.02 -7.51
N ARG C 79 22.87 -9.53 -7.26
CA ARG C 79 21.65 -10.39 -7.20
C ARG C 79 21.23 -10.78 -8.63
N THR C 80 21.80 -10.12 -9.64
CA THR C 80 21.53 -10.45 -11.07
C THR C 80 22.41 -11.64 -11.46
N GLN C 81 21.79 -12.81 -11.67
CA GLN C 81 22.52 -14.03 -12.13
C GLN C 81 22.27 -14.18 -13.64
N MET C 82 23.21 -14.82 -14.33
CA MET C 82 23.10 -15.04 -15.81
C MET C 82 23.14 -16.54 -16.09
N HIS C 83 22.09 -17.06 -16.73
CA HIS C 83 22.02 -18.48 -17.17
C HIS C 83 22.52 -18.56 -18.61
N ASN C 84 23.36 -19.56 -18.91
CA ASN C 84 23.93 -19.78 -20.27
C ASN C 84 23.94 -21.28 -20.53
N PRO C 85 23.46 -21.74 -21.70
CA PRO C 85 23.42 -23.16 -22.03
C PRO C 85 24.79 -23.86 -21.96
N PHE C 86 25.87 -23.14 -22.29
CA PHE C 86 27.25 -23.69 -22.30
C PHE C 86 27.75 -23.82 -20.85
N ILE C 87 27.02 -23.27 -19.88
CA ILE C 87 27.38 -23.37 -18.44
C ILE C 87 26.48 -24.42 -17.78
N TYR C 88 25.17 -24.36 -18.02
CA TYR C 88 24.16 -25.27 -17.41
C TYR C 88 24.55 -26.73 -17.70
N PHE C 89 24.73 -27.07 -18.98
CA PHE C 89 24.98 -28.47 -19.43
C PHE C 89 26.42 -28.87 -19.07
N LYS C 90 27.34 -27.91 -18.97
CA LYS C 90 28.74 -28.19 -18.57
C LYS C 90 28.74 -28.69 -17.13
N ASN C 91 27.92 -28.09 -16.27
CA ASN C 91 27.81 -28.47 -14.83
C ASN C 91 27.21 -29.89 -14.74
N ILE C 92 26.25 -30.21 -15.61
CA ILE C 92 25.60 -31.55 -15.65
C ILE C 92 26.65 -32.59 -16.08
N SER C 93 27.45 -32.27 -17.10
CA SER C 93 28.51 -33.17 -17.63
C SER C 93 29.61 -33.37 -16.57
N ASN C 94 29.75 -32.43 -15.65
CA ASN C 94 30.81 -32.47 -14.60
C ASN C 94 30.34 -33.36 -13.45
N LEU C 95 29.09 -33.85 -13.48
CA LEU C 95 28.51 -34.72 -12.42
C LEU C 95 28.54 -36.18 -12.86
N GLN C 96 28.88 -36.47 -14.12
CA GLN C 96 28.84 -37.84 -14.68
C GLN C 96 30.21 -38.51 -14.55
N HIS C 97 31.26 -37.74 -14.27
CA HIS C 97 32.65 -38.25 -14.07
C HIS C 97 33.22 -37.63 -12.79
N LYS C 98 34.32 -38.18 -12.28
CA LYS C 98 34.93 -37.77 -10.98
C LYS C 98 36.36 -37.28 -11.19
N LYS C 99 37.13 -37.96 -12.05
CA LYS C 99 38.55 -37.61 -12.33
C LYS C 99 38.64 -36.88 -13.68
N TYR C 100 39.78 -36.26 -13.96
CA TYR C 100 40.03 -35.50 -15.22
C TYR C 100 40.53 -36.46 -16.30
N ASN C 101 39.91 -36.41 -17.47
CA ASN C 101 40.35 -37.20 -18.66
C ASN C 101 41.41 -36.38 -19.39
N TYR C 102 42.69 -36.69 -19.15
CA TYR C 102 43.85 -36.00 -19.78
C TYR C 102 44.19 -36.67 -21.12
N THR C 103 43.24 -37.37 -21.74
CA THR C 103 43.44 -38.07 -23.04
C THR C 103 43.79 -37.04 -24.10
N MET C 104 42.94 -36.03 -24.30
CA MET C 104 43.15 -34.94 -25.29
C MET C 104 44.53 -34.32 -25.05
N THR C 105 44.80 -33.91 -23.81
CA THR C 105 46.07 -33.25 -23.39
C THR C 105 47.24 -34.18 -23.77
N ARG C 106 47.17 -35.46 -23.38
CA ARG C 106 48.24 -36.45 -23.63
C ARG C 106 48.48 -36.55 -25.14
N ASN C 107 47.42 -36.71 -25.93
CA ASN C 107 47.51 -36.82 -27.42
C ASN C 107 48.27 -35.61 -27.95
N LEU C 108 47.81 -34.40 -27.62
CA LEU C 108 48.43 -33.12 -28.09
C LEU C 108 49.90 -33.10 -27.64
N SER C 109 50.17 -33.37 -26.36
CA SER C 109 51.53 -33.35 -25.77
C SER C 109 52.43 -34.34 -26.52
N ASN C 110 51.90 -35.50 -26.91
CA ASN C 110 52.66 -36.57 -27.60
C ASN C 110 52.97 -36.13 -29.04
N LEU C 111 52.10 -35.31 -29.63
CA LEU C 111 52.30 -34.77 -31.01
C LEU C 111 53.27 -33.59 -30.94
N LEU C 112 53.29 -32.87 -29.83
CA LEU C 112 54.28 -31.77 -29.60
C LEU C 112 55.64 -32.41 -29.32
N LYS C 113 55.66 -33.63 -28.77
CA LYS C 113 56.90 -34.43 -28.62
C LYS C 113 57.16 -35.13 -29.96
N ASP C 114 58.35 -35.71 -30.15
CA ASP C 114 58.77 -36.28 -31.45
C ASP C 114 58.54 -35.22 -32.53
N SER C 115 58.74 -33.94 -32.19
CA SER C 115 58.53 -32.77 -33.06
C SER C 115 59.42 -31.62 -32.59
N VAL C 116 60.32 -31.13 -33.44
CA VAL C 116 61.30 -30.05 -33.08
C VAL C 116 60.51 -28.77 -32.84
N GLU C 117 60.80 -28.07 -31.73
CA GLU C 117 60.17 -26.77 -31.38
C GLU C 117 61.00 -25.65 -32.00
N ILE C 118 60.44 -24.94 -32.99
CA ILE C 118 61.07 -23.75 -33.63
C ILE C 118 60.24 -22.52 -33.24
N LYS C 119 60.62 -21.84 -32.16
CA LYS C 119 59.88 -20.68 -31.59
C LYS C 119 60.19 -19.43 -32.43
N GLU C 120 59.15 -18.75 -32.93
CA GLU C 120 59.28 -17.46 -33.65
C GLU C 120 59.55 -16.37 -32.60
N ASN C 121 58.60 -16.18 -31.67
CA ASN C 121 58.68 -15.20 -30.56
C ASN C 121 58.84 -15.96 -29.24
N SER C 122 58.47 -15.34 -28.12
CA SER C 122 58.40 -16.00 -26.79
C SER C 122 56.97 -16.47 -26.52
N ARG C 123 56.06 -16.28 -27.49
CA ARG C 123 54.64 -16.69 -27.39
C ARG C 123 54.28 -17.62 -28.54
N ILE C 124 54.65 -17.26 -29.77
CA ILE C 124 54.33 -18.05 -31.00
C ILE C 124 55.45 -19.06 -31.25
N SER C 125 55.12 -20.35 -31.27
CA SER C 125 56.08 -21.45 -31.55
C SER C 125 55.55 -22.33 -32.67
N ARG C 126 56.42 -23.09 -33.34
CA ARG C 126 56.05 -24.05 -34.41
C ARG C 126 56.68 -25.41 -34.09
N PHE C 127 55.96 -26.50 -34.35
CA PHE C 127 56.43 -27.88 -34.07
C PHE C 127 56.55 -28.65 -35.38
N PHE C 128 57.74 -29.16 -35.69
CA PHE C 128 58.03 -29.87 -36.97
C PHE C 128 58.35 -31.34 -36.69
N ASN C 129 57.47 -32.25 -37.10
CA ASN C 129 57.70 -33.71 -37.01
C ASN C 129 58.51 -34.13 -38.24
N ILE C 130 59.64 -34.83 -38.04
CA ILE C 130 60.50 -35.35 -39.14
C ILE C 130 59.80 -36.57 -39.76
N MET C 131 59.07 -37.33 -38.93
CA MET C 131 58.26 -38.51 -39.35
C MET C 131 57.24 -38.06 -40.39
N SER C 132 56.76 -36.81 -40.30
CA SER C 132 55.77 -36.23 -41.24
C SER C 132 56.44 -35.22 -42.17
N ARG C 133 57.70 -34.85 -41.89
CA ARG C 133 58.45 -33.82 -42.66
C ARG C 133 57.55 -32.61 -42.92
N GLU C 134 56.83 -32.14 -41.89
CA GLU C 134 55.83 -31.04 -41.99
C GLU C 134 55.66 -30.37 -40.62
N TYR C 135 55.32 -29.09 -40.61
CA TYR C 135 54.95 -28.34 -39.39
C TYR C 135 53.49 -28.66 -39.05
N LEU C 136 53.26 -29.64 -38.19
CA LEU C 136 51.90 -30.17 -37.90
C LEU C 136 51.22 -29.38 -36.77
N ALA C 137 51.91 -28.42 -36.16
CA ALA C 137 51.38 -27.69 -34.99
C ALA C 137 52.02 -26.30 -34.85
N TYR C 138 51.24 -25.35 -34.34
CA TYR C 138 51.67 -23.97 -34.01
C TYR C 138 51.14 -23.63 -32.62
N LYS C 139 51.91 -22.88 -31.82
CA LYS C 139 51.54 -22.53 -30.42
C LYS C 139 51.36 -21.02 -30.28
N ARG C 140 50.61 -20.59 -29.28
CA ARG C 140 50.36 -19.16 -28.97
C ARG C 140 50.15 -19.01 -27.46
N GLU C 141 51.25 -18.95 -26.69
CA GLU C 141 51.21 -18.82 -25.22
C GLU C 141 50.92 -17.35 -24.85
N THR C 142 49.65 -17.00 -24.67
CA THR C 142 49.21 -15.65 -24.25
C THR C 142 49.04 -15.62 -22.73
N GLU C 143 48.55 -14.51 -22.17
CA GLU C 143 48.29 -14.33 -20.73
C GLU C 143 47.04 -15.14 -20.35
N GLN C 144 47.21 -16.22 -19.57
CA GLN C 144 46.11 -17.08 -19.06
C GLN C 144 45.30 -17.67 -20.21
N GLU C 145 45.94 -17.93 -21.36
CA GLU C 145 45.29 -18.51 -22.56
C GLU C 145 46.34 -19.00 -23.55
N THR C 146 46.53 -20.32 -23.67
CA THR C 146 47.44 -20.93 -24.68
C THR C 146 46.58 -21.51 -25.81
N ILE C 147 46.95 -21.23 -27.06
CA ILE C 147 46.20 -21.72 -28.26
C ILE C 147 47.14 -22.55 -29.12
N PHE C 148 46.69 -23.72 -29.58
CA PHE C 148 47.46 -24.63 -30.47
C PHE C 148 46.70 -24.82 -31.78
N ASP C 149 47.26 -24.35 -32.89
CA ASP C 149 46.67 -24.50 -34.25
C ASP C 149 47.28 -25.73 -34.91
N LEU C 150 46.45 -26.74 -35.22
CA LEU C 150 46.89 -28.01 -35.87
C LEU C 150 46.88 -27.82 -37.39
N PHE C 151 47.97 -28.20 -38.07
CA PHE C 151 48.17 -27.97 -39.52
C PHE C 151 48.53 -29.29 -40.23
N LYS C 152 47.94 -29.54 -41.40
CA LYS C 152 48.28 -30.70 -42.26
C LYS C 152 48.41 -30.21 -43.71
N ASN C 153 49.56 -30.44 -44.34
CA ASN C 153 49.88 -29.95 -45.71
C ASN C 153 49.81 -28.41 -45.70
N ASN C 154 50.35 -27.78 -44.65
CA ASN C 154 50.39 -26.30 -44.46
C ASN C 154 48.98 -25.72 -44.56
N LEU C 155 47.96 -26.50 -44.13
CA LEU C 155 46.54 -26.04 -44.11
C LEU C 155 45.94 -26.35 -42.74
N ARG C 156 45.63 -25.32 -41.97
CA ARG C 156 45.06 -25.45 -40.60
C ARG C 156 43.75 -26.23 -40.70
N TYR C 157 43.61 -27.31 -39.92
CA TYR C 157 42.41 -28.17 -39.89
C TYR C 157 41.76 -28.14 -38.50
N LYS C 158 42.51 -27.73 -37.47
CA LYS C 158 42.00 -27.74 -36.07
C LYS C 158 42.66 -26.64 -35.25
N ARG C 159 42.04 -26.29 -34.11
CA ARG C 159 42.54 -25.28 -33.16
C ARG C 159 42.09 -25.67 -31.74
N ILE C 160 43.03 -25.86 -30.82
CA ILE C 160 42.70 -26.25 -29.41
C ILE C 160 42.91 -25.01 -28.53
N TYR C 161 41.92 -24.69 -27.70
CA TYR C 161 41.94 -23.55 -26.75
C TYR C 161 42.26 -24.08 -25.35
N PHE C 162 43.24 -23.48 -24.67
CA PHE C 162 43.61 -23.83 -23.27
C PHE C 162 43.46 -22.58 -22.38
N TYR C 163 42.29 -22.41 -21.79
CA TYR C 163 41.98 -21.29 -20.86
C TYR C 163 42.05 -21.81 -19.42
N LYS C 164 42.93 -21.22 -18.60
CA LYS C 164 43.15 -21.57 -17.17
C LYS C 164 43.69 -23.00 -17.05
N GLY C 165 44.58 -23.39 -17.96
CA GLY C 165 45.33 -24.66 -17.89
C GLY C 165 44.51 -25.88 -18.31
N LYS C 166 43.30 -25.67 -18.85
CA LYS C 166 42.42 -26.79 -19.27
C LYS C 166 41.79 -26.47 -20.63
N ILE C 167 41.60 -27.50 -21.46
CA ILE C 167 40.93 -27.37 -22.80
C ILE C 167 39.48 -26.96 -22.56
N VAL C 168 39.06 -25.84 -23.15
CA VAL C 168 37.69 -25.27 -22.99
C VAL C 168 36.88 -25.62 -24.24
N LYS C 169 37.47 -25.47 -25.43
CA LYS C 169 36.78 -25.70 -26.72
C LYS C 169 37.82 -26.00 -27.80
N THR C 170 37.43 -26.72 -28.86
CA THR C 170 38.27 -26.96 -30.07
C THR C 170 37.45 -26.56 -31.31
N GLU C 171 38.12 -25.99 -32.31
CA GLU C 171 37.48 -25.55 -33.57
C GLU C 171 38.04 -26.37 -34.73
N VAL C 172 37.20 -26.75 -35.69
CA VAL C 172 37.60 -27.48 -36.92
C VAL C 172 37.31 -26.57 -38.12
N PHE C 173 38.24 -26.46 -39.06
CA PHE C 173 38.13 -25.57 -40.25
C PHE C 173 38.16 -26.40 -41.53
N ASN C 174 37.96 -25.76 -42.68
CA ASN C 174 37.99 -26.42 -44.01
C ASN C 174 39.32 -26.07 -44.70
N SER C 175 39.38 -26.21 -46.03
CA SER C 175 40.57 -25.90 -46.86
C SER C 175 40.70 -24.39 -47.04
N ASP C 176 39.63 -23.63 -46.77
CA ASP C 176 39.61 -22.15 -46.92
C ASP C 176 39.63 -21.51 -45.52
N ASN C 177 40.11 -22.24 -44.51
CA ASN C 177 40.17 -21.81 -43.09
C ASN C 177 38.85 -21.14 -42.70
N ASN C 178 37.74 -21.89 -42.76
CA ASN C 178 36.41 -21.41 -42.31
C ASN C 178 35.87 -22.41 -41.29
N LEU C 179 35.39 -21.94 -40.14
CA LEU C 179 34.90 -22.81 -39.04
C LEU C 179 33.76 -23.68 -39.58
N ILE C 180 33.97 -25.00 -39.65
CA ILE C 180 32.94 -25.97 -40.12
C ILE C 180 32.37 -26.74 -38.93
N ALA C 181 33.04 -26.70 -37.77
CA ALA C 181 32.61 -27.44 -36.57
C ALA C 181 33.20 -26.82 -35.30
N GLU C 182 32.42 -26.80 -34.22
CA GLU C 182 32.83 -26.29 -32.89
C GLU C 182 32.55 -27.36 -31.83
N GLN C 183 33.52 -27.65 -30.98
CA GLN C 183 33.40 -28.67 -29.91
C GLN C 183 33.63 -27.98 -28.56
N PHE C 184 32.87 -28.35 -27.53
CA PHE C 184 32.94 -27.73 -26.18
C PHE C 184 33.19 -28.82 -25.15
N TYR C 185 34.18 -28.62 -24.28
CA TYR C 185 34.62 -29.63 -23.27
C TYR C 185 34.27 -29.13 -21.87
N ASP C 186 34.17 -30.05 -20.90
CA ASP C 186 33.78 -29.72 -19.50
C ASP C 186 35.05 -29.51 -18.66
N ASP C 187 34.91 -29.44 -17.33
CA ASP C 187 36.03 -29.18 -16.40
C ASP C 187 36.60 -30.53 -15.93
N ASN C 188 36.08 -31.65 -16.44
CA ASN C 188 36.62 -33.00 -16.16
C ASN C 188 37.32 -33.53 -17.41
N GLY C 189 37.32 -32.75 -18.51
CA GLY C 189 38.02 -33.06 -19.77
C GLY C 189 37.19 -33.95 -20.68
N TYR C 190 35.90 -33.66 -20.83
CA TYR C 190 34.95 -34.47 -21.65
C TYR C 190 34.12 -33.55 -22.54
N LEU C 191 33.92 -33.95 -23.80
CA LEU C 191 33.05 -33.24 -24.76
C LEU C 191 31.60 -33.36 -24.30
N TYR C 192 30.86 -32.26 -24.25
CA TYR C 192 29.42 -32.25 -23.86
C TYR C 192 28.56 -31.63 -24.96
N LEU C 193 29.18 -30.96 -25.94
CA LEU C 193 28.43 -30.27 -27.03
C LEU C 193 29.32 -30.11 -28.27
N TYR C 194 28.93 -30.71 -29.39
CA TYR C 194 29.61 -30.50 -30.70
C TYR C 194 28.56 -30.15 -31.76
N ARG C 195 28.82 -29.07 -32.51
CA ARG C 195 27.88 -28.55 -33.54
C ARG C 195 28.65 -28.28 -34.83
N GLN C 196 27.98 -28.34 -35.96
CA GLN C 196 28.56 -28.04 -37.30
C GLN C 196 28.13 -26.63 -37.69
N ILE C 197 29.03 -25.85 -38.28
CA ILE C 197 28.75 -24.44 -38.68
C ILE C 197 28.80 -24.35 -40.20
N ASN C 198 27.70 -23.96 -40.84
CA ASN C 198 27.65 -23.72 -42.30
C ASN C 198 28.69 -22.66 -42.64
N PRO C 199 29.77 -23.01 -43.39
CA PRO C 199 30.81 -22.04 -43.72
C PRO C 199 30.43 -21.20 -44.93
N GLU C 200 29.15 -21.24 -45.33
CA GLU C 200 28.63 -20.53 -46.53
C GLU C 200 27.47 -19.61 -46.14
N LYS C 201 26.74 -19.93 -45.07
CA LYS C 201 25.59 -19.12 -44.58
C LYS C 201 25.88 -18.59 -43.18
N LYS C 202 27.08 -18.85 -42.63
CA LYS C 202 27.49 -18.44 -41.26
C LYS C 202 26.34 -18.74 -40.28
N SER C 203 25.97 -20.01 -40.14
CA SER C 203 24.83 -20.46 -39.31
C SER C 203 25.17 -21.74 -38.55
N ILE C 204 24.87 -21.79 -37.25
CA ILE C 204 25.01 -23.01 -36.40
C ILE C 204 24.02 -24.06 -36.94
N GLY C 205 24.48 -25.29 -37.14
CA GLY C 205 23.68 -26.40 -37.70
C GLY C 205 23.33 -27.43 -36.65
N LYS C 206 23.44 -28.72 -37.01
CA LYS C 206 23.08 -29.85 -36.12
C LYS C 206 23.91 -29.76 -34.83
N THR C 207 23.26 -29.48 -33.70
CA THR C 207 23.89 -29.44 -32.36
C THR C 207 23.75 -30.82 -31.72
N TYR C 208 24.73 -31.25 -30.92
CA TYR C 208 24.73 -32.61 -30.30
C TYR C 208 25.21 -32.54 -28.85
N LEU C 209 24.27 -32.63 -27.89
CA LEU C 209 24.58 -32.71 -26.44
C LEU C 209 25.07 -34.11 -26.12
N VAL C 210 26.38 -34.30 -25.93
CA VAL C 210 26.99 -35.64 -25.70
C VAL C 210 26.68 -36.08 -24.27
N CYS C 211 26.42 -35.12 -23.37
CA CYS C 211 26.12 -35.36 -21.93
C CYS C 211 24.72 -36.00 -21.80
N LYS C 212 23.82 -35.75 -22.75
CA LYS C 212 22.43 -36.26 -22.73
C LYS C 212 22.17 -37.15 -23.93
N GLU C 213 23.18 -37.39 -24.78
CA GLU C 213 23.08 -38.21 -26.02
C GLU C 213 21.83 -37.78 -26.81
N LYS C 214 21.61 -36.47 -26.95
CA LYS C 214 20.46 -35.89 -27.70
C LYS C 214 20.98 -35.30 -29.02
N GLN C 215 20.08 -34.88 -29.90
CA GLN C 215 20.41 -34.33 -31.24
C GLN C 215 19.46 -33.19 -31.58
N PHE C 216 20.01 -32.02 -31.91
CA PHE C 216 19.23 -30.83 -32.34
C PHE C 216 19.66 -30.48 -33.78
N LYS C 217 18.79 -29.80 -34.52
CA LYS C 217 19.04 -29.42 -35.95
C LYS C 217 19.47 -27.95 -36.02
N ASN C 218 19.16 -27.16 -34.98
CA ASN C 218 19.48 -25.72 -34.92
C ASN C 218 19.75 -25.32 -33.47
N ASN C 219 20.38 -24.17 -33.26
CA ASN C 219 20.70 -23.66 -31.91
C ASN C 219 19.42 -23.12 -31.27
N VAL C 220 18.37 -22.86 -32.06
CA VAL C 220 17.06 -22.40 -31.52
C VAL C 220 16.41 -23.59 -30.80
N GLU C 221 16.57 -24.81 -31.33
CA GLU C 221 16.03 -26.06 -30.72
C GLU C 221 16.77 -26.36 -29.41
N PHE C 222 18.09 -26.18 -29.42
CA PHE C 222 18.99 -26.45 -28.27
C PHE C 222 18.65 -25.46 -27.14
N CYS C 223 18.41 -24.20 -27.51
CA CYS C 223 18.17 -23.09 -26.54
C CYS C 223 16.75 -23.18 -26.01
N SER C 224 15.82 -23.74 -26.79
CA SER C 224 14.41 -23.96 -26.36
C SER C 224 14.38 -25.12 -25.37
N TYR C 225 15.25 -26.12 -25.57
CA TYR C 225 15.41 -27.28 -24.66
C TYR C 225 16.01 -26.79 -23.33
N PHE C 226 17.06 -25.97 -23.43
CA PHE C 226 17.73 -25.34 -22.26
C PHE C 226 16.68 -24.59 -21.43
N LEU C 227 15.84 -23.79 -22.09
CA LEU C 227 14.85 -22.93 -21.40
C LEU C 227 13.71 -23.79 -20.85
N ASP C 228 13.48 -24.98 -21.44
CA ASP C 228 12.41 -25.91 -21.00
C ASP C 228 12.89 -26.67 -19.76
N LYS C 229 14.21 -26.78 -19.59
CA LYS C 229 14.83 -27.55 -18.47
C LYS C 229 15.10 -26.60 -17.30
N LEU C 230 15.79 -25.48 -17.57
CA LEU C 230 16.20 -24.49 -16.54
C LEU C 230 14.96 -23.82 -15.93
N ILE C 231 13.97 -23.45 -16.75
CA ILE C 231 12.75 -22.72 -16.30
C ILE C 231 11.61 -23.72 -16.13
N PRO C 232 11.19 -24.08 -14.89
CA PRO C 232 10.01 -24.93 -14.69
C PRO C 232 8.72 -24.25 -15.20
N ASP C 233 7.75 -25.06 -15.65
CA ASP C 233 6.47 -24.57 -16.22
C ASP C 233 5.57 -24.11 -15.06
N ILE C 234 5.82 -22.91 -14.54
CA ILE C 234 5.03 -22.29 -13.44
C ILE C 234 4.68 -20.86 -13.87
N ASN C 235 3.51 -20.36 -13.48
CA ASN C 235 3.02 -19.01 -13.88
C ASN C 235 3.72 -17.94 -13.03
N ASP C 236 4.45 -18.35 -12.00
CA ASP C 236 5.31 -17.44 -11.17
C ASP C 236 6.59 -17.16 -11.97
N ASN C 237 6.95 -18.03 -12.91
CA ASN C 237 8.14 -17.86 -13.78
C ASN C 237 7.68 -17.14 -15.05
N ILE C 238 8.42 -16.10 -15.47
CA ILE C 238 8.06 -15.27 -16.66
C ILE C 238 9.31 -15.06 -17.51
N ILE C 239 9.14 -14.99 -18.83
CA ILE C 239 10.26 -14.80 -19.81
C ILE C 239 10.05 -13.47 -20.52
N ILE C 240 11.04 -12.59 -20.50
CA ILE C 240 10.99 -11.28 -21.20
C ILE C 240 12.11 -11.26 -22.24
N CYS C 241 11.76 -11.45 -23.52
CA CYS C 241 12.73 -11.46 -24.64
C CYS C 241 12.91 -10.02 -25.15
N ASP C 242 13.97 -9.35 -24.70
CA ASP C 242 14.30 -7.97 -25.11
C ASP C 242 15.15 -8.03 -26.37
N GLY C 243 15.72 -9.21 -26.68
CA GLY C 243 16.52 -9.46 -27.88
C GLY C 243 15.65 -9.94 -29.04
N PRO C 244 15.62 -9.22 -30.18
CA PRO C 244 14.72 -9.59 -31.29
C PRO C 244 15.01 -10.92 -32.02
N GLY C 245 16.28 -11.32 -32.09
CA GLY C 245 16.72 -12.54 -32.80
C GLY C 245 16.58 -13.77 -31.93
N SER C 246 16.37 -13.58 -30.63
CA SER C 246 16.22 -14.68 -29.64
C SER C 246 14.75 -14.97 -29.39
N PHE C 247 13.84 -14.21 -30.00
CA PHE C 247 12.38 -14.43 -29.87
C PHE C 247 12.05 -15.83 -30.40
N PRO C 248 12.45 -16.23 -31.63
CA PRO C 248 12.19 -17.59 -32.11
C PRO C 248 12.53 -18.72 -31.14
N LYS C 249 13.49 -18.52 -30.23
CA LYS C 249 13.99 -19.58 -29.32
C LYS C 249 13.15 -19.60 -28.03
N ILE C 250 12.10 -18.78 -27.94
CA ILE C 250 11.17 -18.75 -26.77
C ILE C 250 9.76 -19.12 -27.23
N LEU C 251 9.53 -19.16 -28.54
CA LEU C 251 8.22 -19.54 -29.15
C LEU C 251 8.18 -21.06 -29.31
N LYS C 252 9.34 -21.71 -29.27
CA LYS C 252 9.46 -23.18 -29.46
C LYS C 252 9.50 -23.88 -28.10
N THR C 253 9.52 -23.12 -26.99
CA THR C 253 9.53 -23.68 -25.62
C THR C 253 8.19 -24.39 -25.38
N ASN C 254 8.23 -25.63 -24.86
CA ASN C 254 7.02 -26.45 -24.56
C ASN C 254 6.48 -26.05 -23.19
N HIS C 255 6.15 -24.77 -23.00
CA HIS C 255 5.58 -24.23 -21.73
C HIS C 255 4.08 -23.95 -21.95
N LYS C 256 3.28 -24.10 -20.90
CA LYS C 256 1.82 -23.83 -20.94
C LYS C 256 1.41 -22.91 -19.78
N ASN C 257 2.33 -22.62 -18.85
CA ASN C 257 2.05 -21.77 -17.66
C ASN C 257 3.01 -20.58 -17.63
N VAL C 258 4.29 -20.80 -17.98
CA VAL C 258 5.34 -19.73 -17.99
C VAL C 258 4.83 -18.58 -18.86
N LYS C 259 4.68 -17.39 -18.27
CA LYS C 259 4.30 -16.15 -19.01
C LYS C 259 5.48 -15.77 -19.93
N LYS C 260 5.18 -15.34 -21.15
CA LYS C 260 6.21 -15.00 -22.17
C LYS C 260 5.91 -13.61 -22.71
N PHE C 261 6.79 -12.64 -22.46
CA PHE C 261 6.65 -11.24 -22.94
C PHE C 261 7.83 -10.90 -23.85
N ALA C 262 7.62 -9.98 -24.78
CA ALA C 262 8.67 -9.50 -25.70
C ALA C 262 8.66 -7.98 -25.71
N VAL C 263 9.84 -7.36 -25.68
CA VAL C 263 9.98 -5.87 -25.63
C VAL C 263 10.74 -5.43 -26.87
N ILE C 264 10.13 -4.57 -27.69
CA ILE C 264 10.81 -3.97 -28.87
C ILE C 264 11.62 -2.77 -28.38
N HIS C 265 12.92 -2.73 -28.67
CA HIS C 265 13.88 -1.75 -28.09
C HIS C 265 14.35 -0.74 -29.15
N VAL C 266 13.76 -0.78 -30.35
CA VAL C 266 14.22 0.08 -31.49
C VAL C 266 13.02 0.33 -32.42
N ASN C 267 13.19 1.20 -33.42
CA ASN C 267 12.21 1.40 -34.52
C ASN C 267 11.84 0.04 -35.11
N HIS C 268 10.55 -0.27 -35.20
CA HIS C 268 10.05 -1.52 -35.82
C HIS C 268 10.14 -1.41 -37.35
N TYR C 269 10.44 -0.23 -37.88
CA TYR C 269 10.49 0.02 -39.35
C TYR C 269 11.94 -0.11 -39.84
N LYS C 270 12.12 -0.49 -41.11
CA LYS C 270 13.44 -0.77 -41.72
C LYS C 270 14.32 0.49 -41.66
N ASN C 271 15.59 0.32 -41.27
CA ASN C 271 16.55 1.42 -41.08
C ASN C 271 16.81 2.07 -42.46
N PHE C 272 16.48 3.35 -42.60
CA PHE C 272 16.63 4.14 -43.86
C PHE C 272 15.76 3.50 -44.96
N ASP C 273 14.44 3.58 -44.80
CA ASP C 273 13.45 3.03 -45.76
C ASP C 273 12.04 3.51 -45.38
N ASP C 274 11.46 4.40 -46.20
CA ASP C 274 10.11 4.97 -45.99
C ASP C 274 9.10 4.19 -46.83
N THR C 275 9.36 2.91 -47.10
CA THR C 275 8.46 1.99 -47.83
C THR C 275 7.44 1.42 -46.84
N GLY C 276 7.62 1.70 -45.56
CA GLY C 276 6.78 1.15 -44.47
C GLY C 276 7.12 -0.32 -44.21
N ALA C 277 8.17 -0.84 -44.84
CA ALA C 277 8.66 -2.22 -44.62
C ALA C 277 9.14 -2.33 -43.18
N VAL C 278 8.61 -3.31 -42.43
CA VAL C 278 9.05 -3.63 -41.04
C VAL C 278 10.25 -4.58 -41.11
N LYS C 279 11.07 -4.62 -40.07
CA LYS C 279 12.28 -5.49 -39.99
C LYS C 279 11.79 -6.91 -39.77
N LYS C 280 12.47 -7.89 -40.38
CA LYS C 280 12.06 -9.33 -40.32
C LYS C 280 11.96 -9.78 -38.85
N GLN C 281 13.03 -9.60 -38.08
CA GLN C 281 13.10 -10.04 -36.66
C GLN C 281 11.89 -9.49 -35.90
N GLU C 282 11.61 -8.18 -36.06
CA GLU C 282 10.54 -7.48 -35.32
C GLU C 282 9.17 -7.89 -35.91
N ASP C 283 9.08 -8.10 -37.22
CA ASP C 283 7.82 -8.52 -37.88
C ASP C 283 7.36 -9.85 -37.24
N TYR C 284 8.30 -10.77 -37.03
CA TYR C 284 8.02 -12.10 -36.42
C TYR C 284 7.44 -11.90 -35.02
N ILE C 285 8.05 -11.03 -34.22
CA ILE C 285 7.61 -10.82 -32.80
C ILE C 285 6.18 -10.29 -32.84
N LEU C 286 5.84 -9.45 -33.83
CA LEU C 286 4.52 -8.80 -33.95
C LEU C 286 3.51 -9.78 -34.58
N ARG C 287 3.92 -10.52 -35.61
CA ARG C 287 3.04 -11.49 -36.33
C ARG C 287 2.62 -12.60 -35.35
N ASN C 288 3.51 -13.01 -34.45
CA ASN C 288 3.27 -14.16 -33.54
C ASN C 288 3.11 -13.62 -32.11
N ALA C 289 2.10 -12.77 -31.88
CA ALA C 289 1.83 -12.13 -30.57
C ALA C 289 0.59 -12.74 -29.94
N ASN C 290 -0.17 -13.52 -30.71
CA ASN C 290 -1.35 -14.29 -30.23
C ASN C 290 -0.81 -15.44 -29.38
N LYS C 291 0.37 -15.93 -29.74
CA LYS C 291 1.03 -17.09 -29.11
C LYS C 291 1.69 -16.64 -27.80
N ILE C 292 2.04 -15.36 -27.68
CA ILE C 292 2.73 -14.81 -26.48
C ILE C 292 1.69 -14.06 -25.62
N ASN C 293 2.07 -13.70 -24.40
CA ASN C 293 1.17 -13.03 -23.42
C ASN C 293 1.01 -11.55 -23.79
N GLY C 294 2.10 -10.87 -24.17
CA GLY C 294 2.07 -9.42 -24.45
C GLY C 294 3.32 -8.91 -25.14
N VAL C 295 3.19 -7.82 -25.90
CA VAL C 295 4.32 -7.12 -26.58
C VAL C 295 4.51 -5.76 -25.90
N VAL C 296 5.64 -5.52 -25.27
CA VAL C 296 5.90 -4.29 -24.47
C VAL C 296 6.71 -3.30 -25.32
N MET C 297 6.12 -2.14 -25.62
CA MET C 297 6.79 -1.05 -26.38
C MET C 297 7.26 -0.01 -25.37
N LEU C 298 8.26 0.79 -25.72
CA LEU C 298 8.87 1.80 -24.79
C LEU C 298 8.12 3.14 -24.95
N THR C 299 7.52 3.39 -26.12
CA THR C 299 6.79 4.65 -26.43
C THR C 299 5.37 4.29 -26.87
N GLU C 300 4.40 5.14 -26.54
CA GLU C 300 2.98 5.00 -26.96
C GLU C 300 2.87 5.32 -28.46
N ALA C 301 3.89 5.98 -29.01
CA ALA C 301 3.98 6.33 -30.45
C ALA C 301 4.17 5.07 -31.27
N GLN C 302 5.08 4.19 -30.80
CA GLN C 302 5.38 2.90 -31.47
C GLN C 302 4.14 2.00 -31.37
N LYS C 303 3.51 1.98 -30.19
CA LYS C 303 2.30 1.15 -29.93
C LYS C 303 1.23 1.52 -30.99
N LYS C 304 1.11 2.82 -31.32
CA LYS C 304 0.10 3.32 -32.29
C LYS C 304 0.42 2.79 -33.68
N ASP C 305 1.63 3.05 -34.19
CA ASP C 305 2.01 2.73 -35.60
C ASP C 305 2.21 1.22 -35.74
N ILE C 306 1.96 0.43 -34.69
CA ILE C 306 2.03 -1.06 -34.76
C ILE C 306 0.62 -1.66 -34.62
N ILE C 307 -0.23 -1.07 -33.76
CA ILE C 307 -1.62 -1.55 -33.53
C ILE C 307 -2.50 -1.16 -34.72
N GLU C 308 -1.98 -0.36 -35.65
CA GLU C 308 -2.72 0.07 -36.87
C GLU C 308 -2.19 -0.71 -38.09
N LYS C 309 -1.35 -1.71 -37.87
CA LYS C 309 -0.75 -2.53 -38.96
C LYS C 309 -0.92 -4.03 -38.67
N TYR C 310 -0.98 -4.44 -37.40
CA TYR C 310 -1.10 -5.85 -36.98
C TYR C 310 -2.39 -6.09 -36.20
N LYS C 311 -3.10 -5.01 -35.81
CA LYS C 311 -4.36 -5.09 -35.03
C LYS C 311 -4.15 -5.99 -33.80
N ILE C 312 -2.95 -5.97 -33.22
CA ILE C 312 -2.60 -6.75 -31.99
C ILE C 312 -3.37 -6.13 -30.81
N THR C 313 -3.78 -6.95 -29.84
CA THR C 313 -4.55 -6.51 -28.66
C THR C 313 -3.80 -6.90 -27.38
N ASN C 314 -2.55 -7.34 -27.52
CA ASN C 314 -1.71 -7.80 -26.39
C ASN C 314 -0.60 -6.77 -26.14
N ALA C 315 -0.56 -5.70 -26.93
CA ALA C 315 0.49 -4.66 -26.86
C ALA C 315 0.32 -3.83 -25.59
N TYR C 316 1.43 -3.35 -25.02
CA TYR C 316 1.45 -2.52 -23.79
C TYR C 316 2.64 -1.55 -23.86
N VAL C 317 2.48 -0.36 -23.26
CA VAL C 317 3.50 0.74 -23.32
C VAL C 317 4.10 0.93 -21.92
N ILE C 318 5.08 0.11 -21.55
CA ILE C 318 5.83 0.25 -20.26
C ILE C 318 7.24 0.73 -20.61
N SER C 319 7.62 1.91 -20.12
CA SER C 319 8.91 2.57 -20.44
C SER C 319 10.08 1.79 -19.82
N ASN C 320 11.30 2.07 -20.26
CA ASN C 320 12.54 1.47 -19.69
C ASN C 320 12.82 2.12 -18.34
N PHE C 321 13.14 1.31 -17.32
CA PHE C 321 13.60 1.80 -16.00
C PHE C 321 14.88 2.60 -16.20
N ILE C 322 14.97 3.77 -15.57
CA ILE C 322 16.21 4.61 -15.59
C ILE C 322 16.67 4.79 -14.15
N ASN C 323 17.90 4.37 -13.84
CA ASN C 323 18.50 4.57 -12.50
C ASN C 323 18.48 6.08 -12.22
N ILE C 324 17.84 6.49 -11.13
CA ILE C 324 17.77 7.93 -10.73
C ILE C 324 19.15 8.31 -10.17
N THR C 325 19.94 9.06 -10.96
CA THR C 325 21.27 9.57 -10.55
C THR C 325 21.06 10.56 -9.40
N ASP C 326 21.86 10.45 -8.33
CA ASP C 326 21.75 11.34 -7.14
C ASP C 326 22.16 12.75 -7.55
N ASP C 327 21.46 13.78 -7.07
CA ASP C 327 21.69 15.18 -7.48
C ASP C 327 23.06 15.63 -6.97
N TYR C 328 23.83 16.28 -7.85
CA TYR C 328 25.16 16.86 -7.55
C TYR C 328 25.08 18.34 -7.91
N ARG C 329 26.13 19.11 -7.59
CA ARG C 329 26.21 20.54 -7.95
C ARG C 329 27.12 20.69 -9.18
N ASP C 330 26.54 21.03 -10.33
CA ASP C 330 27.27 21.24 -11.60
C ASP C 330 27.76 22.70 -11.64
N LYS C 331 28.96 22.93 -12.16
CA LYS C 331 29.50 24.30 -12.36
C LYS C 331 29.32 24.69 -13.84
N ASN C 332 29.23 23.69 -14.74
CA ASN C 332 29.01 23.89 -16.19
C ASN C 332 29.93 24.99 -16.71
N ASP C 333 31.25 24.80 -16.59
CA ASP C 333 32.27 25.83 -16.91
C ASP C 333 33.10 25.40 -18.13
N ASN C 334 32.69 24.32 -18.81
CA ASN C 334 33.41 23.80 -20.00
C ASN C 334 32.45 23.85 -21.20
N LYS C 335 32.89 24.44 -22.31
CA LYS C 335 32.12 24.50 -23.57
C LYS C 335 32.34 23.19 -24.35
N VAL C 336 31.81 22.08 -23.83
CA VAL C 336 32.00 20.72 -24.42
C VAL C 336 30.63 20.08 -24.67
N VAL C 337 30.32 19.78 -25.92
CA VAL C 337 29.09 19.04 -26.32
C VAL C 337 29.45 17.55 -26.30
N GLY C 338 28.54 16.69 -25.83
CA GLY C 338 28.80 15.26 -25.60
C GLY C 338 27.92 14.35 -26.45
N HIS C 339 28.46 13.22 -26.90
CA HIS C 339 27.72 12.15 -27.61
C HIS C 339 28.28 10.79 -27.19
N ILE C 340 27.62 10.12 -26.25
CA ILE C 340 27.99 8.76 -25.77
C ILE C 340 27.11 7.76 -26.52
N SER C 341 27.57 7.26 -27.67
CA SER C 341 26.79 6.38 -28.58
C SER C 341 27.56 5.11 -28.88
N ARG C 342 27.18 4.38 -29.93
CA ARG C 342 27.77 3.06 -30.27
C ARG C 342 28.52 3.12 -31.60
N LEU C 343 28.81 4.33 -32.09
CA LEU C 343 29.47 4.52 -33.41
C LEU C 343 28.79 3.63 -34.45
N VAL C 344 27.49 3.85 -34.67
CA VAL C 344 26.62 3.01 -35.54
C VAL C 344 25.87 3.94 -36.48
N PRO C 345 25.63 3.57 -37.76
CA PRO C 345 24.88 4.42 -38.68
C PRO C 345 23.46 4.80 -38.19
N GLN C 346 22.98 4.16 -37.13
CA GLN C 346 21.72 4.50 -36.42
C GLN C 346 21.84 5.96 -35.95
N LYS C 347 22.98 6.30 -35.37
CA LYS C 347 23.29 7.68 -34.92
C LYS C 347 23.73 8.44 -36.16
N GLY C 348 23.41 9.74 -36.27
CA GLY C 348 23.69 10.52 -37.49
C GLY C 348 25.06 11.15 -37.45
N LEU C 349 26.11 10.34 -37.25
CA LEU C 349 27.52 10.82 -37.14
C LEU C 349 27.87 11.71 -38.34
N PRO C 350 27.53 11.35 -39.60
CA PRO C 350 27.73 12.25 -40.74
C PRO C 350 27.18 13.66 -40.52
N TYR C 351 25.94 13.78 -40.05
CA TYR C 351 25.26 15.08 -39.81
C TYR C 351 25.77 15.70 -38.51
N LEU C 352 26.47 14.91 -37.67
CA LEU C 352 27.01 15.38 -36.37
C LEU C 352 28.30 16.15 -36.63
N ILE C 353 29.18 15.63 -37.48
CA ILE C 353 30.42 16.34 -37.89
C ILE C 353 30.00 17.59 -38.66
N ASP C 354 28.82 17.57 -39.28
CA ASP C 354 28.33 18.68 -40.11
C ASP C 354 27.75 19.77 -39.20
N VAL C 355 27.20 19.38 -38.04
CA VAL C 355 26.74 20.35 -37.00
C VAL C 355 28.00 20.98 -36.38
N ALA C 356 29.04 20.16 -36.16
CA ALA C 356 30.30 20.58 -35.51
C ALA C 356 31.03 21.60 -36.40
N LYS C 357 30.86 21.49 -37.72
CA LYS C 357 31.47 22.47 -38.67
C LYS C 357 30.72 23.80 -38.53
N LYS C 358 29.40 23.77 -38.66
CA LYS C 358 28.55 24.99 -38.65
C LYS C 358 28.74 25.70 -37.30
N VAL C 359 29.14 24.96 -36.25
CA VAL C 359 29.34 25.53 -34.88
C VAL C 359 30.73 26.16 -34.79
N VAL C 360 31.77 25.41 -35.19
CA VAL C 360 33.20 25.85 -35.07
C VAL C 360 33.40 27.10 -35.94
N GLU C 361 32.63 27.24 -37.02
CA GLU C 361 32.66 28.43 -37.90
C GLU C 361 32.09 29.65 -37.15
N GLN C 362 31.72 29.49 -35.88
CA GLN C 362 31.23 30.61 -35.03
C GLN C 362 31.89 30.57 -33.65
N ASP C 363 32.65 29.51 -33.35
CA ASP C 363 33.36 29.35 -32.05
C ASP C 363 34.37 28.21 -32.16
N ASN C 364 35.67 28.53 -32.19
CA ASN C 364 36.76 27.53 -32.34
C ASN C 364 37.09 26.94 -30.96
N SER C 365 36.45 27.44 -29.90
CA SER C 365 36.75 27.05 -28.50
C SER C 365 35.89 25.85 -28.09
N VAL C 366 34.87 25.52 -28.88
CA VAL C 366 33.90 24.42 -28.57
C VAL C 366 34.55 23.09 -28.93
N GLU C 367 34.58 22.16 -27.97
CA GLU C 367 35.13 20.79 -28.18
C GLU C 367 33.96 19.80 -28.18
N PHE C 368 33.82 19.01 -29.25
CA PHE C 368 32.82 17.92 -29.35
C PHE C 368 33.47 16.64 -28.85
N HIS C 369 32.91 16.02 -27.82
CA HIS C 369 33.49 14.81 -27.19
C HIS C 369 32.57 13.62 -27.46
N LEU C 370 33.04 12.66 -28.25
CA LEU C 370 32.26 11.48 -28.69
C LEU C 370 32.86 10.22 -28.06
N TYR C 371 32.07 9.51 -27.24
CA TYR C 371 32.50 8.26 -26.56
C TYR C 371 31.74 7.08 -27.17
N GLY C 372 32.42 5.96 -27.35
CA GLY C 372 31.83 4.71 -27.88
C GLY C 372 32.77 3.96 -28.79
N THR C 373 32.47 2.69 -29.05
CA THR C 373 33.22 1.81 -29.99
C THR C 373 32.24 1.33 -31.05
N GLY C 374 32.68 1.15 -32.29
CA GLY C 374 31.83 0.59 -33.35
C GLY C 374 32.55 0.39 -34.67
N GLU C 375 31.77 0.28 -35.75
CA GLU C 375 32.25 -0.02 -37.13
C GLU C 375 32.45 1.29 -37.90
N GLU C 376 31.86 2.38 -37.45
CA GLU C 376 31.86 3.68 -38.19
C GLU C 376 32.92 4.62 -37.62
N LYS C 377 33.82 4.12 -36.76
CA LYS C 377 34.90 4.93 -36.13
C LYS C 377 35.76 5.58 -37.21
N SER C 378 36.28 4.77 -38.14
CA SER C 378 37.22 5.19 -39.21
C SER C 378 36.55 6.23 -40.12
N LYS C 379 35.24 6.06 -40.39
CA LYS C 379 34.47 7.01 -41.23
C LYS C 379 34.48 8.38 -40.54
N ILE C 380 34.04 8.42 -39.28
CA ILE C 380 33.97 9.68 -38.48
C ILE C 380 35.38 10.29 -38.43
N GLU C 381 36.42 9.47 -38.32
CA GLU C 381 37.82 9.97 -38.18
C GLU C 381 38.26 10.64 -39.49
N ASN C 382 37.78 10.15 -40.63
CA ASN C 382 38.12 10.73 -41.96
C ASN C 382 37.34 12.04 -42.13
N LEU C 383 36.06 12.03 -41.78
CA LEU C 383 35.18 13.22 -41.90
C LEU C 383 35.62 14.27 -40.87
N ILE C 384 36.49 13.87 -39.93
CA ILE C 384 37.08 14.80 -38.92
C ILE C 384 38.37 15.37 -39.49
N GLN C 385 39.24 14.50 -40.05
CA GLN C 385 40.51 14.93 -40.70
C GLN C 385 40.17 15.97 -41.77
N GLU C 386 39.39 15.59 -42.77
CA GLU C 386 38.76 16.56 -43.71
C GLU C 386 37.80 17.41 -42.89
N SER C 387 37.54 18.64 -43.33
CA SER C 387 36.75 19.65 -42.57
C SER C 387 37.62 20.22 -41.44
N ASN C 388 38.81 19.68 -41.24
CA ASN C 388 39.80 20.20 -40.26
C ASN C 388 39.11 20.39 -38.91
N LEU C 389 38.40 19.38 -38.42
CA LEU C 389 37.72 19.40 -37.10
C LEU C 389 38.48 18.48 -36.14
N THR C 390 39.81 18.46 -36.20
CA THR C 390 40.67 17.54 -35.39
C THR C 390 40.70 18.00 -33.94
N ASN C 391 40.85 19.30 -33.70
CA ASN C 391 41.00 19.89 -32.35
C ASN C 391 39.62 20.21 -31.76
N ASN C 392 38.55 20.05 -32.54
CA ASN C 392 37.16 20.36 -32.11
C ASN C 392 36.43 19.05 -31.82
N VAL C 393 36.18 18.22 -32.83
CA VAL C 393 35.48 16.92 -32.61
C VAL C 393 36.55 15.83 -32.48
N LYS C 394 36.57 15.16 -31.32
CA LYS C 394 37.53 14.07 -31.01
C LYS C 394 36.74 12.85 -30.52
N LEU C 395 37.13 11.65 -30.93
CA LEU C 395 36.52 10.37 -30.49
C LEU C 395 37.43 9.75 -29.43
N LEU C 396 36.90 9.45 -28.23
CA LEU C 396 37.74 9.08 -27.05
C LEU C 396 37.30 7.74 -26.44
N GLY C 397 36.85 6.78 -27.27
CA GLY C 397 36.63 5.38 -26.86
C GLY C 397 35.41 5.18 -25.97
N TYR C 398 35.15 3.94 -25.57
CA TYR C 398 34.01 3.53 -24.72
C TYR C 398 34.30 3.93 -23.27
N THR C 399 33.28 4.29 -22.51
CA THR C 399 33.40 4.67 -21.08
C THR C 399 32.52 3.75 -20.23
N THR C 400 33.10 3.18 -19.17
CA THR C 400 32.37 2.35 -18.17
C THR C 400 31.83 3.28 -17.08
N ASN C 401 32.39 4.48 -16.95
CA ASN C 401 31.97 5.50 -15.95
C ASN C 401 31.53 6.75 -16.72
N ALA C 402 30.43 6.65 -17.47
CA ALA C 402 29.87 7.76 -18.27
C ALA C 402 29.42 8.88 -17.34
N ILE C 403 28.77 8.53 -16.23
CA ILE C 403 28.25 9.50 -15.21
C ILE C 403 29.31 10.60 -15.00
N GLU C 404 30.56 10.21 -14.71
CA GLU C 404 31.67 11.16 -14.45
C GLU C 404 31.91 12.02 -15.70
N LYS C 405 31.97 11.40 -16.87
CA LYS C 405 32.34 12.10 -18.14
C LYS C 405 31.22 13.05 -18.57
N ILE C 406 29.95 12.72 -18.27
CA ILE C 406 28.76 13.54 -18.67
C ILE C 406 28.68 14.77 -17.75
N LYS C 407 29.02 14.61 -16.47
CA LYS C 407 29.05 15.72 -15.48
C LYS C 407 29.93 16.85 -16.01
N ASP C 408 30.90 16.53 -16.88
CA ASP C 408 31.86 17.52 -17.41
C ASP C 408 31.41 17.97 -18.81
N PHE C 409 30.10 18.15 -19.00
CA PHE C 409 29.52 18.59 -20.30
C PHE C 409 28.68 19.85 -20.10
N ARG C 410 28.34 20.50 -21.20
CA ARG C 410 27.41 21.67 -21.22
C ARG C 410 26.06 21.18 -21.76
N CYS C 411 26.07 20.54 -22.93
CA CYS C 411 24.86 19.95 -23.56
C CYS C 411 25.19 18.55 -24.07
N VAL C 412 24.16 17.77 -24.37
CA VAL C 412 24.29 16.45 -25.06
C VAL C 412 23.46 16.55 -26.35
N ILE C 413 23.95 15.97 -27.44
CA ILE C 413 23.29 16.08 -28.77
C ILE C 413 22.76 14.70 -29.16
N SER C 414 21.91 14.65 -30.19
CA SER C 414 21.42 13.40 -30.80
C SER C 414 21.15 13.66 -32.29
N THR C 415 21.90 12.99 -33.16
CA THR C 415 21.77 13.11 -34.62
C THR C 415 21.08 11.84 -35.15
N SER C 416 20.53 11.02 -34.27
CA SER C 416 20.00 9.67 -34.61
C SER C 416 18.88 9.79 -35.66
N GLN C 417 18.66 8.71 -36.41
CA GLN C 417 17.61 8.62 -37.46
C GLN C 417 16.53 7.63 -37.01
N PHE C 418 16.86 6.74 -36.08
CA PHE C 418 15.91 5.78 -35.46
C PHE C 418 16.42 5.45 -34.05
N GLU C 419 15.50 5.25 -33.10
CA GLU C 419 15.86 5.06 -31.68
C GLU C 419 14.74 4.30 -30.95
N GLY C 420 15.08 3.70 -29.81
CA GLY C 420 14.11 3.08 -28.89
C GLY C 420 13.62 4.11 -27.88
N GLN C 421 14.20 4.10 -26.70
CA GLN C 421 13.90 5.06 -25.61
C GLN C 421 14.79 6.29 -25.75
N GLY C 422 16.11 6.08 -25.92
CA GLY C 422 17.13 7.14 -25.88
C GLY C 422 17.62 7.34 -24.46
N LEU C 423 18.13 6.26 -23.84
CA LEU C 423 18.55 6.24 -22.43
C LEU C 423 19.71 7.21 -22.19
N SER C 424 20.69 7.28 -23.10
CA SER C 424 21.87 8.17 -22.96
C SER C 424 21.39 9.62 -22.77
N LEU C 425 20.40 10.04 -23.55
CA LEU C 425 19.84 11.42 -23.50
C LEU C 425 19.18 11.64 -22.14
N ILE C 426 18.39 10.66 -21.69
CA ILE C 426 17.64 10.69 -20.40
C ILE C 426 18.66 10.77 -19.24
N GLU C 427 19.74 10.00 -19.32
CA GLU C 427 20.82 9.97 -18.29
C GLU C 427 21.42 11.37 -18.19
N ALA C 428 21.66 12.00 -19.34
CA ALA C 428 22.21 13.37 -19.44
C ALA C 428 21.26 14.35 -18.74
N MET C 429 19.98 14.29 -19.10
CA MET C 429 18.95 15.21 -18.55
C MET C 429 18.94 15.09 -17.03
N LEU C 430 19.06 13.86 -16.52
CA LEU C 430 19.01 13.57 -15.06
C LEU C 430 20.28 14.11 -14.40
N LEU C 431 21.40 14.18 -15.13
CA LEU C 431 22.66 14.76 -14.63
C LEU C 431 22.61 16.29 -14.84
N LYS C 432 21.41 16.85 -15.00
CA LYS C 432 21.19 18.32 -15.14
C LYS C 432 21.98 18.85 -16.33
N LYS C 433 21.99 18.14 -17.45
CA LYS C 433 22.61 18.62 -18.72
C LYS C 433 21.51 18.82 -19.75
N PRO C 434 21.39 20.03 -20.36
CA PRO C 434 20.40 20.28 -21.42
C PRO C 434 20.66 19.40 -22.64
N VAL C 435 19.66 19.25 -23.51
CA VAL C 435 19.75 18.31 -24.67
C VAL C 435 19.15 18.97 -25.91
N VAL C 436 19.89 18.96 -27.00
CA VAL C 436 19.41 19.43 -28.34
C VAL C 436 19.46 18.22 -29.26
N ALA C 437 18.29 17.67 -29.63
CA ALA C 437 18.20 16.39 -30.37
C ALA C 437 17.34 16.56 -31.61
N PHE C 438 17.63 15.75 -32.64
CA PHE C 438 16.76 15.64 -33.85
C PHE C 438 15.53 14.83 -33.46
N ASP C 439 14.33 15.40 -33.62
CA ASP C 439 13.05 14.70 -33.35
C ASP C 439 12.93 13.56 -34.36
N VAL C 440 13.19 12.31 -33.92
CA VAL C 440 13.17 11.10 -34.81
C VAL C 440 12.06 10.17 -34.35
N LYS C 441 11.83 9.09 -35.10
CA LYS C 441 10.70 8.16 -34.86
C LYS C 441 10.94 7.43 -33.53
N TYR C 442 9.98 7.52 -32.62
CA TYR C 442 9.97 6.78 -31.32
C TYR C 442 11.23 7.13 -30.52
N GLY C 443 11.63 8.41 -30.53
CA GLY C 443 12.87 8.88 -29.90
C GLY C 443 12.61 9.89 -28.79
N PRO C 444 13.27 11.07 -28.86
CA PRO C 444 13.21 12.02 -27.74
C PRO C 444 11.93 12.87 -27.68
N SER C 445 11.01 12.69 -28.64
CA SER C 445 9.73 13.44 -28.71
C SER C 445 8.98 13.31 -27.37
N ASP C 446 9.07 12.15 -26.72
CA ASP C 446 8.27 11.84 -25.50
C ASP C 446 8.85 12.59 -24.29
N PHE C 447 10.09 13.11 -24.35
CA PHE C 447 10.70 13.75 -23.15
C PHE C 447 11.31 15.12 -23.47
N VAL C 448 11.96 15.34 -24.62
CA VAL C 448 12.62 16.64 -24.92
C VAL C 448 11.54 17.70 -25.19
N LYS C 449 11.47 18.73 -24.35
CA LYS C 449 10.52 19.85 -24.49
C LYS C 449 11.31 21.12 -24.83
N ASP C 450 10.96 21.78 -25.94
CA ASP C 450 11.67 22.98 -26.45
C ASP C 450 11.54 24.10 -25.40
N GLY C 451 12.67 24.57 -24.87
CA GLY C 451 12.73 25.69 -23.91
C GLY C 451 12.71 25.23 -22.47
N LYS C 452 12.09 24.08 -22.18
CA LYS C 452 11.95 23.58 -20.78
C LYS C 452 13.23 22.85 -20.38
N ASN C 453 13.51 21.70 -21.01
CA ASN C 453 14.65 20.82 -20.64
C ASN C 453 15.74 20.89 -21.70
N GLY C 454 15.42 21.46 -22.87
CA GLY C 454 16.33 21.51 -24.02
C GLY C 454 15.62 22.00 -25.26
N TYR C 455 16.01 21.51 -26.44
CA TYR C 455 15.45 21.99 -27.73
C TYR C 455 15.27 20.81 -28.68
N LEU C 456 14.06 20.63 -29.21
CA LEU C 456 13.74 19.59 -30.21
C LEU C 456 13.94 20.18 -31.60
N ILE C 457 14.86 19.63 -32.40
CA ILE C 457 15.18 20.15 -33.75
C ILE C 457 14.71 19.13 -34.79
N GLU C 458 14.32 19.63 -35.97
CA GLU C 458 13.82 18.78 -37.10
C GLU C 458 14.96 17.89 -37.57
N ASN C 459 14.65 16.68 -38.07
CA ASN C 459 15.67 15.70 -38.47
C ASN C 459 16.45 16.27 -39.66
N LYS C 460 17.78 16.26 -39.57
CA LYS C 460 18.74 16.72 -40.62
C LYS C 460 18.56 18.23 -40.87
N ASP C 461 18.50 19.02 -39.79
CA ASP C 461 18.50 20.51 -39.83
C ASP C 461 19.74 20.99 -39.08
N ILE C 462 20.92 20.87 -39.71
CA ILE C 462 22.23 21.18 -39.06
C ILE C 462 22.23 22.61 -38.55
N LYS C 463 21.61 23.54 -39.27
CA LYS C 463 21.64 25.00 -38.94
C LYS C 463 20.93 25.21 -37.59
N LYS C 464 19.65 24.84 -37.49
CA LYS C 464 18.83 25.10 -36.27
C LYS C 464 19.51 24.38 -35.09
N MET C 465 20.03 23.17 -35.33
CA MET C 465 20.75 22.39 -34.29
C MET C 465 21.92 23.22 -33.78
N ALA C 466 22.74 23.75 -34.70
CA ALA C 466 23.95 24.53 -34.38
C ALA C 466 23.54 25.75 -33.54
N ASN C 467 22.48 26.45 -33.94
CA ASN C 467 22.08 27.73 -33.31
C ASN C 467 21.64 27.46 -31.86
N LYS C 468 20.90 26.38 -31.61
CA LYS C 468 20.34 26.08 -30.27
C LYS C 468 21.46 25.56 -29.37
N ILE C 469 22.41 24.80 -29.93
CA ILE C 469 23.58 24.26 -29.19
C ILE C 469 24.48 25.44 -28.80
N LEU C 470 24.62 26.43 -29.69
CA LEU C 470 25.51 27.59 -29.48
C LEU C 470 24.92 28.49 -28.39
N LYS C 471 23.61 28.75 -28.45
CA LYS C 471 22.92 29.62 -27.45
C LYS C 471 23.17 29.02 -26.06
N LEU C 472 23.22 27.70 -25.95
CA LEU C 472 23.45 26.98 -24.67
C LEU C 472 24.93 27.07 -24.29
N LEU C 473 25.84 26.92 -25.27
CA LEU C 473 27.30 26.89 -25.03
C LEU C 473 27.80 28.32 -24.76
N HIS C 474 26.94 29.33 -24.92
CA HIS C 474 27.28 30.76 -24.67
C HIS C 474 26.53 31.27 -23.44
N ASP C 475 25.40 30.64 -23.08
CA ASP C 475 24.63 30.98 -21.85
C ASP C 475 24.64 29.77 -20.92
N LYS C 476 25.61 29.72 -20.01
CA LYS C 476 25.78 28.61 -19.04
C LYS C 476 24.57 28.57 -18.09
N GLU C 477 23.94 29.72 -17.82
CA GLU C 477 22.83 29.82 -16.83
C GLU C 477 21.58 29.13 -17.40
N LEU C 478 21.26 29.35 -18.68
CA LEU C 478 20.08 28.74 -19.33
C LEU C 478 20.33 27.23 -19.45
N SER C 479 21.55 26.83 -19.84
CA SER C 479 21.95 25.41 -19.89
C SER C 479 21.57 24.74 -18.57
N LYS C 480 22.00 25.32 -17.45
CA LYS C 480 21.76 24.77 -16.08
C LYS C 480 20.26 24.68 -15.82
N SER C 481 19.52 25.77 -16.05
CA SER C 481 18.06 25.86 -15.78
C SER C 481 17.35 24.74 -16.55
N LEU C 482 17.67 24.60 -17.84
CA LEU C 482 17.07 23.56 -18.72
C LEU C 482 17.44 22.18 -18.16
N GLY C 483 18.68 22.00 -17.75
CA GLY C 483 19.19 20.73 -17.17
C GLY C 483 18.39 20.32 -15.96
N LYS C 484 17.98 21.28 -15.13
CA LYS C 484 17.17 21.05 -13.91
C LYS C 484 15.79 20.52 -14.33
N HIS C 485 15.17 21.15 -15.33
CA HIS C 485 13.82 20.78 -15.81
C HIS C 485 13.88 19.38 -16.43
N GLY C 486 15.02 19.00 -17.01
CA GLY C 486 15.23 17.67 -17.63
C GLY C 486 15.23 16.57 -16.58
N ARG C 487 15.97 16.77 -15.50
CA ARG C 487 16.03 15.80 -14.37
C ARG C 487 14.62 15.63 -13.81
N ASP C 488 13.93 16.74 -13.56
CA ASP C 488 12.56 16.73 -12.97
C ASP C 488 11.62 16.04 -13.96
N THR C 489 11.75 16.33 -15.26
CA THR C 489 10.90 15.75 -16.33
C THR C 489 11.00 14.22 -16.28
N ILE C 490 12.23 13.70 -16.25
CA ILE C 490 12.49 12.23 -16.29
C ILE C 490 11.96 11.60 -15.00
N ILE C 491 12.18 12.25 -13.85
CA ILE C 491 11.79 11.69 -12.52
C ILE C 491 10.26 11.64 -12.43
N ASP C 492 9.57 12.66 -12.93
CA ASP C 492 8.08 12.74 -12.89
C ASP C 492 7.50 11.58 -13.71
N MET C 493 7.92 11.44 -14.97
CA MET C 493 7.35 10.46 -15.92
C MET C 493 7.92 9.06 -15.61
N TYR C 494 9.22 8.87 -15.81
CA TYR C 494 9.89 7.55 -15.71
C TYR C 494 10.43 7.38 -14.29
N GLN C 495 9.54 7.11 -13.32
CA GLN C 495 9.92 6.79 -11.93
C GLN C 495 9.94 5.28 -11.77
N PRO C 496 10.98 4.68 -11.13
CA PRO C 496 11.10 3.23 -11.02
C PRO C 496 9.85 2.53 -10.47
N GLU C 497 9.16 3.16 -9.52
CA GLU C 497 7.95 2.60 -8.87
C GLU C 497 6.80 2.54 -9.88
N LYS C 498 6.59 3.63 -10.64
CA LYS C 498 5.48 3.74 -11.62
C LYS C 498 5.62 2.66 -12.69
N LEU C 499 6.86 2.36 -13.10
CA LEU C 499 7.15 1.37 -14.17
C LEU C 499 6.96 -0.05 -13.63
N MET C 500 7.27 -0.26 -12.35
CA MET C 500 7.22 -1.61 -11.70
C MET C 500 5.77 -2.01 -11.45
N VAL C 501 4.88 -1.05 -11.15
CA VAL C 501 3.42 -1.33 -10.97
C VAL C 501 2.90 -1.88 -12.29
N LYS C 502 3.39 -1.36 -13.42
CA LYS C 502 2.91 -1.73 -14.77
C LYS C 502 3.42 -3.15 -15.09
N TRP C 503 4.65 -3.49 -14.68
CA TRP C 503 5.24 -4.83 -14.88
C TRP C 503 4.49 -5.86 -14.04
N LYS C 504 4.20 -5.54 -12.77
CA LYS C 504 3.53 -6.49 -11.83
C LYS C 504 2.08 -6.70 -12.27
N GLN C 505 1.46 -5.71 -12.89
CA GLN C 505 0.08 -5.80 -13.43
C GLN C 505 0.07 -6.86 -14.54
N LEU C 506 1.15 -6.94 -15.33
CA LEU C 506 1.30 -7.93 -16.41
C LEU C 506 1.76 -9.26 -15.82
N PHE C 507 2.35 -9.25 -14.63
CA PHE C 507 2.75 -10.48 -13.90
C PHE C 507 1.56 -11.03 -13.10
N ASN C 508 0.38 -10.43 -13.26
CA ASN C 508 -0.88 -10.89 -12.62
C ASN C 508 -2.08 -10.37 -13.42
N MET D 17 -14.15 -57.92 2.09
CA MET D 17 -14.37 -57.72 0.62
C MET D 17 -14.25 -56.23 0.29
N LYS D 18 -13.78 -55.89 -0.91
CA LYS D 18 -13.57 -54.50 -1.37
C LYS D 18 -14.90 -53.96 -1.94
N GLN D 19 -15.22 -52.71 -1.64
CA GLN D 19 -16.47 -52.04 -2.08
C GLN D 19 -16.11 -50.95 -3.08
N THR D 20 -16.61 -51.02 -4.32
CA THR D 20 -16.28 -50.06 -5.40
C THR D 20 -17.46 -49.09 -5.60
N TYR D 21 -17.16 -47.88 -6.04
CA TYR D 21 -18.15 -46.79 -6.28
C TYR D 21 -17.86 -46.15 -7.64
N MET D 22 -18.55 -46.64 -8.69
CA MET D 22 -18.46 -46.08 -10.06
C MET D 22 -19.21 -44.75 -10.07
N ILE D 23 -18.58 -43.66 -10.54
CA ILE D 23 -19.18 -42.30 -10.47
C ILE D 23 -19.46 -41.77 -11.88
N VAL D 24 -20.72 -41.43 -12.14
CA VAL D 24 -21.18 -40.71 -13.37
C VAL D 24 -22.19 -39.66 -12.92
N ASN D 25 -22.75 -38.86 -13.82
CA ASN D 25 -23.68 -37.76 -13.44
C ASN D 25 -25.13 -38.25 -13.46
N GLU D 26 -25.49 -39.10 -14.41
CA GLU D 26 -26.89 -39.58 -14.56
C GLU D 26 -26.90 -41.03 -15.05
N LEU D 27 -28.08 -41.67 -15.04
CA LEU D 27 -28.28 -43.05 -15.53
C LEU D 27 -29.74 -43.21 -16.00
N ASP D 28 -29.98 -43.08 -17.30
CA ASP D 28 -31.35 -43.19 -17.89
C ASP D 28 -31.43 -44.46 -18.74
N VAL D 29 -32.62 -44.77 -19.26
CA VAL D 29 -32.88 -45.97 -20.11
C VAL D 29 -32.26 -45.76 -21.49
N ASN D 30 -32.58 -44.63 -22.13
CA ASN D 30 -32.12 -44.30 -23.52
C ASN D 30 -30.67 -43.81 -23.44
N LYS D 31 -29.74 -44.68 -23.03
CA LYS D 31 -28.29 -44.33 -22.88
C LYS D 31 -27.45 -45.23 -23.78
N GLY D 32 -26.15 -44.97 -23.86
CA GLY D 32 -25.22 -45.61 -24.81
C GLY D 32 -24.17 -46.50 -24.15
N GLY D 33 -22.89 -46.22 -24.42
CA GLY D 33 -21.77 -47.13 -24.16
C GLY D 33 -21.29 -47.11 -22.72
N MET D 34 -20.88 -45.95 -22.22
CA MET D 34 -20.33 -45.80 -20.84
C MET D 34 -21.27 -46.52 -19.87
N THR D 35 -22.58 -46.36 -20.07
CA THR D 35 -23.64 -46.98 -19.24
C THR D 35 -23.43 -48.50 -19.24
N THR D 36 -23.49 -49.14 -20.41
CA THR D 36 -23.39 -50.62 -20.55
C THR D 36 -22.12 -51.09 -19.83
N ALA D 37 -20.99 -50.44 -20.08
CA ALA D 37 -19.66 -50.83 -19.52
C ALA D 37 -19.74 -50.87 -17.99
N MET D 38 -20.07 -49.73 -17.36
CA MET D 38 -20.12 -49.59 -15.88
C MET D 38 -21.04 -50.67 -15.31
N LEU D 39 -22.22 -50.85 -15.90
CA LEU D 39 -23.25 -51.76 -15.35
C LEU D 39 -22.83 -53.22 -15.55
N THR D 40 -22.03 -53.54 -16.58
CA THR D 40 -21.51 -54.92 -16.81
C THR D 40 -20.31 -55.14 -15.87
N ARG D 41 -19.46 -54.14 -15.70
CA ARG D 41 -18.33 -54.18 -14.74
C ARG D 41 -18.90 -54.43 -13.33
N SER D 42 -19.97 -53.72 -12.98
CA SER D 42 -20.64 -53.84 -11.66
C SER D 42 -21.04 -55.29 -11.43
N LYS D 43 -21.62 -55.95 -12.45
CA LYS D 43 -22.12 -57.34 -12.35
C LYS D 43 -20.94 -58.30 -12.20
N PHE D 44 -19.90 -58.15 -13.02
CA PHE D 44 -18.74 -59.09 -13.03
C PHE D 44 -17.92 -58.92 -11.75
N PHE D 45 -17.95 -57.72 -11.16
CA PHE D 45 -17.32 -57.43 -9.84
C PHE D 45 -18.12 -58.12 -8.74
N LEU D 46 -19.45 -57.97 -8.79
CA LEU D 46 -20.38 -58.56 -7.80
C LEU D 46 -20.40 -60.09 -7.95
N ASP D 47 -19.98 -60.61 -9.11
CA ASP D 47 -19.84 -62.07 -9.34
C ASP D 47 -18.47 -62.51 -8.83
N ASN D 48 -17.60 -61.56 -8.48
CA ASN D 48 -16.25 -61.83 -7.93
C ASN D 48 -16.20 -61.32 -6.49
N GLU D 49 -17.37 -61.14 -5.88
CA GLU D 49 -17.55 -60.76 -4.45
C GLU D 49 -17.05 -59.33 -4.19
N ILE D 50 -16.69 -58.58 -5.23
CA ILE D 50 -16.25 -57.16 -5.11
C ILE D 50 -17.49 -56.29 -5.30
N SER D 51 -17.87 -55.51 -4.28
CA SER D 51 -19.10 -54.67 -4.33
C SER D 51 -18.99 -53.67 -5.48
N GLY D 52 -20.09 -53.47 -6.22
CA GLY D 52 -20.17 -52.53 -7.34
C GLY D 52 -21.44 -51.71 -7.25
N ASP D 53 -21.31 -50.38 -7.12
CA ASP D 53 -22.46 -49.47 -6.96
C ASP D 53 -22.16 -48.17 -7.72
N ILE D 54 -23.18 -47.57 -8.31
CA ILE D 54 -23.05 -46.37 -9.18
C ILE D 54 -23.43 -45.16 -8.32
N ILE D 55 -22.74 -44.02 -8.51
CA ILE D 55 -23.06 -42.75 -7.81
C ILE D 55 -23.41 -41.69 -8.85
N THR D 56 -24.70 -41.41 -9.01
CA THR D 56 -25.22 -40.36 -9.91
C THR D 56 -25.41 -39.07 -9.10
N PHE D 57 -25.49 -37.91 -9.76
CA PHE D 57 -25.59 -36.58 -9.12
C PHE D 57 -26.75 -35.78 -9.71
N ASP D 58 -27.74 -36.45 -10.29
CA ASP D 58 -28.84 -35.79 -11.03
C ASP D 58 -30.14 -35.98 -10.24
N PHE D 59 -31.05 -35.02 -10.36
CA PHE D 59 -32.40 -35.12 -9.74
C PHE D 59 -33.36 -35.76 -10.74
N LYS D 60 -33.80 -36.97 -10.45
CA LYS D 60 -34.90 -37.62 -11.20
C LYS D 60 -35.84 -38.22 -10.15
N ALA D 61 -37.12 -37.81 -10.17
CA ALA D 61 -38.14 -38.28 -9.22
C ALA D 61 -38.47 -39.75 -9.53
N ASN D 62 -38.30 -40.15 -10.80
CA ASN D 62 -38.64 -41.51 -11.30
C ASN D 62 -37.37 -42.38 -11.32
N TYR D 63 -36.33 -42.01 -10.58
CA TYR D 63 -35.04 -42.74 -10.60
C TYR D 63 -35.27 -44.21 -10.22
N LYS D 64 -36.27 -44.48 -9.38
CA LYS D 64 -36.65 -45.85 -8.93
C LYS D 64 -37.21 -46.61 -10.13
N ASP D 65 -38.10 -45.98 -10.89
CA ASP D 65 -38.79 -46.62 -12.04
C ASP D 65 -37.77 -46.80 -13.17
N ILE D 66 -36.81 -45.87 -13.29
CA ILE D 66 -35.75 -45.93 -14.33
C ILE D 66 -34.88 -47.15 -14.07
N LEU D 67 -34.34 -47.29 -12.85
CA LEU D 67 -33.41 -48.39 -12.50
C LEU D 67 -34.18 -49.72 -12.51
N LYS D 68 -35.49 -49.69 -12.25
CA LYS D 68 -36.35 -50.91 -12.25
C LYS D 68 -36.45 -51.44 -13.69
N GLU D 69 -36.67 -50.55 -14.67
CA GLU D 69 -36.82 -50.92 -16.10
C GLU D 69 -35.44 -51.13 -16.72
N LEU D 70 -34.36 -50.77 -16.02
CA LEU D 70 -32.97 -51.02 -16.51
C LEU D 70 -32.56 -52.43 -16.08
N VAL D 71 -33.22 -52.98 -15.08
CA VAL D 71 -32.94 -54.35 -14.56
C VAL D 71 -33.87 -55.32 -15.28
N GLN D 72 -35.05 -54.86 -15.67
CA GLN D 72 -36.03 -55.67 -16.44
C GLN D 72 -35.58 -55.70 -17.91
N SER D 73 -34.72 -54.75 -18.32
CA SER D 73 -34.16 -54.68 -19.68
C SER D 73 -32.87 -55.48 -19.77
N LYS D 74 -32.54 -56.22 -18.70
CA LYS D 74 -31.32 -57.07 -18.61
C LYS D 74 -30.08 -56.22 -18.90
N LYS D 75 -30.06 -54.96 -18.45
CA LYS D 75 -28.93 -54.03 -18.69
C LYS D 75 -28.28 -53.65 -17.34
N MET D 76 -28.79 -54.18 -16.22
CA MET D 76 -28.20 -53.95 -14.87
C MET D 76 -28.54 -55.13 -13.97
N ASP D 77 -27.72 -55.37 -12.95
CA ASP D 77 -27.91 -56.47 -11.97
C ASP D 77 -28.73 -55.94 -10.79
N LYS D 78 -29.57 -56.79 -10.20
CA LYS D 78 -30.41 -56.43 -9.03
C LYS D 78 -29.50 -56.15 -7.81
N ARG D 79 -28.25 -56.60 -7.88
CA ARG D 79 -27.24 -56.41 -6.81
C ARG D 79 -26.55 -55.05 -6.99
N THR D 80 -27.03 -54.21 -7.91
CA THR D 80 -26.47 -52.86 -8.15
C THR D 80 -27.37 -51.82 -7.48
N GLN D 81 -26.77 -50.92 -6.71
CA GLN D 81 -27.50 -49.82 -6.03
C GLN D 81 -26.92 -48.50 -6.50
N MET D 82 -27.77 -47.61 -7.01
CA MET D 82 -27.34 -46.26 -7.46
C MET D 82 -27.53 -45.28 -6.30
N HIS D 83 -26.47 -44.56 -5.94
CA HIS D 83 -26.49 -43.55 -4.84
C HIS D 83 -26.64 -42.17 -5.47
N ASN D 84 -27.57 -41.37 -4.96
CA ASN D 84 -27.84 -39.99 -5.46
C ASN D 84 -27.95 -39.06 -4.26
N PRO D 85 -27.25 -37.90 -4.28
CA PRO D 85 -27.33 -36.91 -3.21
C PRO D 85 -28.77 -36.51 -2.83
N PHE D 86 -29.65 -36.41 -3.82
CA PHE D 86 -31.05 -35.94 -3.63
C PHE D 86 -31.85 -37.05 -2.94
N ILE D 87 -31.38 -38.30 -2.99
CA ILE D 87 -32.05 -39.44 -2.30
C ILE D 87 -31.42 -39.61 -0.91
N TYR D 88 -30.09 -39.61 -0.81
CA TYR D 88 -29.36 -39.84 0.46
C TYR D 88 -29.76 -38.77 1.49
N PHE D 89 -29.74 -37.50 1.11
CA PHE D 89 -30.00 -36.37 2.04
C PHE D 89 -31.51 -36.24 2.27
N LYS D 90 -32.33 -36.77 1.36
CA LYS D 90 -33.80 -36.80 1.55
C LYS D 90 -34.12 -37.78 2.66
N ASN D 91 -33.37 -38.89 2.73
CA ASN D 91 -33.59 -39.95 3.73
C ASN D 91 -33.15 -39.42 5.10
N ILE D 92 -32.12 -38.57 5.14
CA ILE D 92 -31.64 -37.92 6.40
C ILE D 92 -32.74 -36.98 6.90
N SER D 93 -33.32 -36.15 6.02
CA SER D 93 -34.34 -35.13 6.37
C SER D 93 -35.62 -35.80 6.88
N ASN D 94 -35.92 -36.99 6.37
CA ASN D 94 -37.17 -37.73 6.69
C ASN D 94 -37.04 -38.29 8.11
N LEU D 95 -35.83 -38.28 8.69
CA LEU D 95 -35.55 -38.81 10.03
C LEU D 95 -35.62 -37.69 11.07
N GLN D 96 -35.76 -36.43 10.64
CA GLN D 96 -35.66 -35.25 11.53
C GLN D 96 -37.05 -34.74 11.90
N HIS D 97 -38.09 -35.20 11.21
CA HIS D 97 -39.51 -34.85 11.51
C HIS D 97 -40.32 -36.16 11.52
N LYS D 98 -41.60 -36.08 11.89
CA LYS D 98 -42.44 -37.28 12.16
C LYS D 98 -43.69 -37.27 11.29
N LYS D 99 -44.39 -36.13 11.19
CA LYS D 99 -45.66 -36.02 10.42
C LYS D 99 -45.37 -35.26 9.11
N TYR D 100 -46.38 -35.14 8.25
CA TYR D 100 -46.24 -34.46 6.94
C TYR D 100 -46.61 -32.98 7.08
N ASN D 101 -45.76 -32.09 6.57
CA ASN D 101 -46.03 -30.62 6.59
C ASN D 101 -46.79 -30.27 5.30
N TYR D 102 -48.12 -30.16 5.41
CA TYR D 102 -49.02 -29.80 4.29
C TYR D 102 -49.13 -28.27 4.18
N THR D 103 -48.16 -27.54 4.73
CA THR D 103 -48.16 -26.05 4.72
C THR D 103 -48.11 -25.58 3.26
N MET D 104 -47.10 -26.02 2.52
CA MET D 104 -46.93 -25.72 1.08
C MET D 104 -48.24 -26.08 0.35
N THR D 105 -48.71 -27.31 0.55
CA THR D 105 -49.90 -27.85 -0.14
C THR D 105 -51.12 -26.97 0.21
N ARG D 106 -51.32 -26.70 1.50
CA ARG D 106 -52.49 -25.91 2.00
C ARG D 106 -52.40 -24.48 1.44
N ASN D 107 -51.18 -23.97 1.24
CA ASN D 107 -50.94 -22.60 0.69
C ASN D 107 -51.46 -22.55 -0.74
N LEU D 108 -50.98 -23.45 -1.60
CA LEU D 108 -51.42 -23.54 -3.02
C LEU D 108 -52.94 -23.72 -3.02
N SER D 109 -53.47 -24.61 -2.19
CA SER D 109 -54.92 -24.89 -2.13
C SER D 109 -55.66 -23.60 -1.78
N ASN D 110 -55.04 -22.75 -0.95
CA ASN D 110 -55.66 -21.48 -0.49
C ASN D 110 -55.72 -20.49 -1.67
N LEU D 111 -54.68 -20.44 -2.50
CA LEU D 111 -54.63 -19.50 -3.65
C LEU D 111 -55.47 -20.07 -4.78
N LEU D 112 -55.66 -21.38 -4.80
CA LEU D 112 -56.57 -22.05 -5.78
C LEU D 112 -58.01 -21.75 -5.36
N LYS D 113 -58.22 -21.37 -4.09
CA LYS D 113 -59.52 -20.83 -3.60
C LYS D 113 -59.50 -19.31 -3.78
N ASP D 114 -60.66 -18.66 -3.63
CA ASP D 114 -60.84 -17.23 -4.00
C ASP D 114 -60.44 -17.07 -5.47
N SER D 115 -60.47 -18.18 -6.21
CA SER D 115 -60.09 -18.27 -7.63
C SER D 115 -61.09 -19.15 -8.35
N VAL D 116 -61.41 -18.85 -9.62
CA VAL D 116 -62.35 -19.67 -10.44
C VAL D 116 -61.50 -20.50 -11.40
N GLU D 117 -61.85 -21.78 -11.56
CA GLU D 117 -61.10 -22.74 -12.44
C GLU D 117 -61.70 -22.71 -13.84
N ILE D 118 -61.10 -21.93 -14.76
CA ILE D 118 -61.48 -21.94 -16.20
C ILE D 118 -60.54 -22.93 -16.89
N LYS D 119 -61.09 -24.03 -17.42
CA LYS D 119 -60.29 -25.15 -18.00
C LYS D 119 -60.38 -25.12 -19.52
N GLU D 120 -59.27 -25.39 -20.20
CA GLU D 120 -59.20 -25.51 -21.68
C GLU D 120 -59.45 -26.96 -22.07
N ASN D 121 -58.70 -27.90 -21.49
CA ASN D 121 -58.76 -29.36 -21.77
C ASN D 121 -59.26 -30.09 -20.52
N SER D 122 -59.01 -31.39 -20.43
CA SER D 122 -59.34 -32.23 -19.23
C SER D 122 -58.14 -32.27 -18.28
N ARG D 123 -57.01 -31.67 -18.66
CA ARG D 123 -55.76 -31.64 -17.85
C ARG D 123 -55.30 -30.20 -17.62
N ILE D 124 -55.32 -29.37 -18.66
CA ILE D 124 -54.84 -27.96 -18.59
C ILE D 124 -55.98 -27.08 -18.07
N SER D 125 -55.82 -26.49 -16.88
CA SER D 125 -56.80 -25.58 -16.26
C SER D 125 -56.11 -24.29 -15.81
N ARG D 126 -56.85 -23.19 -15.72
CA ARG D 126 -56.34 -21.87 -15.26
C ARG D 126 -57.25 -21.34 -14.16
N PHE D 127 -56.66 -20.80 -13.08
CA PHE D 127 -57.40 -20.27 -11.91
C PHE D 127 -57.32 -18.75 -11.94
N PHE D 128 -58.46 -18.06 -11.79
CA PHE D 128 -58.55 -16.58 -11.86
C PHE D 128 -59.11 -16.01 -10.55
N ASN D 129 -58.32 -15.19 -9.86
CA ASN D 129 -58.75 -14.43 -8.66
C ASN D 129 -59.24 -13.06 -9.11
N ILE D 130 -60.51 -12.72 -8.84
CA ILE D 130 -61.11 -11.41 -9.22
C ILE D 130 -60.55 -10.32 -8.29
N MET D 131 -60.09 -10.72 -7.10
CA MET D 131 -59.44 -9.80 -6.12
C MET D 131 -58.13 -9.27 -6.74
N SER D 132 -57.41 -10.14 -7.46
CA SER D 132 -56.17 -9.77 -8.19
C SER D 132 -56.51 -9.44 -9.65
N ARG D 133 -57.75 -9.68 -10.07
CA ARG D 133 -58.21 -9.47 -11.47
C ARG D 133 -57.14 -9.97 -12.45
N GLU D 134 -56.55 -11.15 -12.17
CA GLU D 134 -55.42 -11.72 -12.94
C GLU D 134 -55.48 -13.25 -12.93
N TYR D 135 -54.80 -13.89 -13.86
CA TYR D 135 -54.62 -15.37 -13.90
C TYR D 135 -53.29 -15.70 -13.20
N LEU D 136 -53.36 -16.28 -12.01
CA LEU D 136 -52.17 -16.49 -11.13
C LEU D 136 -51.78 -17.97 -11.10
N ALA D 137 -52.40 -18.83 -11.91
CA ALA D 137 -52.14 -20.28 -11.83
C ALA D 137 -52.57 -21.02 -13.10
N TYR D 138 -51.81 -22.06 -13.45
CA TYR D 138 -52.12 -23.02 -14.54
C TYR D 138 -51.76 -24.42 -14.04
N LYS D 139 -52.61 -25.42 -14.27
CA LYS D 139 -52.41 -26.81 -13.77
C LYS D 139 -52.38 -27.79 -14.94
N ARG D 140 -51.55 -28.84 -14.82
CA ARG D 140 -51.47 -29.95 -15.80
C ARG D 140 -51.45 -31.26 -15.01
N GLU D 141 -52.63 -31.83 -14.76
CA GLU D 141 -52.81 -33.03 -13.89
C GLU D 141 -52.08 -34.25 -14.49
N THR D 142 -51.97 -34.32 -15.82
CA THR D 142 -51.34 -35.46 -16.54
C THR D 142 -51.95 -36.77 -16.00
N GLU D 143 -51.15 -37.64 -15.37
CA GLU D 143 -51.61 -38.95 -14.84
C GLU D 143 -50.99 -39.21 -13.46
N GLN D 144 -49.67 -39.29 -13.39
CA GLN D 144 -48.93 -39.61 -12.13
C GLN D 144 -48.26 -38.35 -11.56
N GLU D 145 -48.22 -37.26 -12.32
CA GLU D 145 -47.53 -36.01 -11.92
C GLU D 145 -48.42 -34.80 -12.24
N THR D 146 -48.94 -34.13 -11.21
CA THR D 146 -49.73 -32.87 -11.35
C THR D 146 -48.76 -31.69 -11.28
N ILE D 147 -48.72 -30.84 -12.31
CA ILE D 147 -47.78 -29.69 -12.38
C ILE D 147 -48.57 -28.38 -12.28
N PHE D 148 -48.18 -27.50 -11.37
CA PHE D 148 -48.75 -26.14 -11.20
C PHE D 148 -47.73 -25.10 -11.63
N ASP D 149 -48.14 -24.07 -12.36
CA ASP D 149 -47.30 -22.92 -12.76
C ASP D 149 -47.95 -21.64 -12.23
N LEU D 150 -47.21 -20.82 -11.50
CA LEU D 150 -47.76 -19.61 -10.85
C LEU D 150 -47.33 -18.36 -11.62
N PHE D 151 -48.26 -17.43 -11.87
CA PHE D 151 -48.03 -16.24 -12.74
C PHE D 151 -48.34 -14.93 -12.00
N LYS D 152 -47.61 -13.88 -12.34
CA LYS D 152 -47.88 -12.48 -11.87
C LYS D 152 -47.71 -11.54 -13.06
N ASN D 153 -48.78 -10.84 -13.44
CA ASN D 153 -48.80 -9.91 -14.60
C ASN D 153 -48.37 -10.68 -15.86
N ASN D 154 -48.92 -11.89 -16.04
CA ASN D 154 -48.68 -12.79 -17.20
C ASN D 154 -47.18 -13.10 -17.31
N LEU D 155 -46.48 -13.23 -16.17
CA LEU D 155 -45.07 -13.68 -16.13
C LEU D 155 -44.93 -14.77 -15.07
N ARG D 156 -44.40 -15.93 -15.45
CA ARG D 156 -44.25 -17.12 -14.56
C ARG D 156 -43.15 -16.86 -13.55
N TYR D 157 -43.41 -17.09 -12.25
CA TYR D 157 -42.41 -16.92 -11.17
C TYR D 157 -42.14 -18.26 -10.48
N LYS D 158 -43.06 -19.24 -10.53
CA LYS D 158 -42.87 -20.52 -9.81
C LYS D 158 -43.50 -21.69 -10.57
N ARG D 159 -43.00 -22.90 -10.31
CA ARG D 159 -43.55 -24.16 -10.86
C ARG D 159 -43.53 -25.22 -9.75
N ILE D 160 -44.71 -25.70 -9.34
CA ILE D 160 -44.80 -26.69 -8.23
C ILE D 160 -45.06 -28.07 -8.87
N TYR D 161 -44.20 -29.04 -8.57
CA TYR D 161 -44.32 -30.45 -9.04
C TYR D 161 -44.98 -31.27 -7.94
N PHE D 162 -45.87 -32.21 -8.31
CA PHE D 162 -46.57 -33.11 -7.38
C PHE D 162 -46.56 -34.54 -7.94
N TYR D 163 -45.48 -35.27 -7.70
CA TYR D 163 -45.33 -36.70 -8.12
C TYR D 163 -45.82 -37.59 -6.98
N LYS D 164 -46.83 -38.44 -7.26
CA LYS D 164 -47.39 -39.44 -6.31
C LYS D 164 -48.06 -38.74 -5.12
N GLY D 165 -48.55 -37.52 -5.32
CA GLY D 165 -49.30 -36.73 -4.31
C GLY D 165 -48.39 -35.89 -3.43
N LYS D 166 -47.08 -36.12 -3.49
CA LYS D 166 -46.10 -35.37 -2.67
C LYS D 166 -45.39 -34.34 -3.57
N ILE D 167 -45.19 -33.13 -3.07
CA ILE D 167 -44.38 -32.08 -3.75
C ILE D 167 -42.92 -32.54 -3.70
N VAL D 168 -42.29 -32.74 -4.85
CA VAL D 168 -40.89 -33.26 -4.94
C VAL D 168 -39.95 -32.09 -5.25
N LYS D 169 -40.42 -31.11 -6.01
CA LYS D 169 -39.55 -30.01 -6.50
C LYS D 169 -40.39 -28.75 -6.75
N THR D 170 -39.74 -27.59 -6.76
CA THR D 170 -40.33 -26.27 -7.13
C THR D 170 -39.26 -25.49 -7.88
N GLU D 171 -39.63 -24.77 -8.94
CA GLU D 171 -38.67 -24.02 -9.78
C GLU D 171 -39.07 -22.55 -9.83
N VAL D 172 -38.17 -21.64 -9.45
CA VAL D 172 -38.40 -20.17 -9.56
C VAL D 172 -37.84 -19.70 -10.91
N PHE D 173 -38.58 -18.86 -11.62
CA PHE D 173 -38.20 -18.33 -12.96
C PHE D 173 -38.12 -16.80 -12.91
N ASN D 174 -37.43 -16.19 -13.89
CA ASN D 174 -37.24 -14.72 -13.96
C ASN D 174 -38.32 -14.12 -14.88
N SER D 175 -38.12 -12.88 -15.34
CA SER D 175 -39.03 -12.16 -16.25
C SER D 175 -38.93 -12.75 -17.66
N ASP D 176 -37.85 -13.49 -17.94
CA ASP D 176 -37.57 -14.10 -19.26
C ASP D 176 -37.83 -15.61 -19.21
N ASN D 177 -38.63 -16.06 -18.23
CA ASN D 177 -38.93 -17.49 -17.94
C ASN D 177 -37.63 -18.31 -18.07
N ASN D 178 -36.66 -18.05 -17.20
CA ASN D 178 -35.39 -18.82 -17.14
C ASN D 178 -35.17 -19.23 -15.67
N LEU D 179 -34.81 -20.49 -15.43
CA LEU D 179 -34.67 -21.04 -14.06
C LEU D 179 -33.57 -20.27 -13.32
N ILE D 180 -33.91 -19.67 -12.19
CA ILE D 180 -32.96 -18.91 -11.33
C ILE D 180 -32.82 -19.62 -9.99
N ALA D 181 -33.74 -20.52 -9.65
CA ALA D 181 -33.73 -21.26 -8.36
C ALA D 181 -34.43 -22.61 -8.50
N GLU D 182 -33.89 -23.63 -7.84
CA GLU D 182 -34.44 -25.01 -7.81
C GLU D 182 -34.51 -25.47 -6.35
N GLN D 183 -35.72 -25.68 -5.82
CA GLN D 183 -35.93 -26.09 -4.41
C GLN D 183 -36.43 -27.54 -4.39
N PHE D 184 -35.96 -28.35 -3.45
CA PHE D 184 -36.28 -29.80 -3.36
C PHE D 184 -36.83 -30.11 -1.96
N TYR D 185 -38.02 -30.69 -1.89
CA TYR D 185 -38.70 -31.07 -0.61
C TYR D 185 -38.58 -32.57 -0.39
N ASP D 186 -38.81 -33.04 0.84
CA ASP D 186 -38.63 -34.47 1.21
C ASP D 186 -39.99 -35.18 1.19
N ASP D 187 -40.09 -36.35 1.84
CA ASP D 187 -41.32 -37.18 1.84
C ASP D 187 -42.12 -36.89 3.11
N ASN D 188 -41.59 -36.05 4.01
CA ASN D 188 -42.34 -35.56 5.20
C ASN D 188 -42.81 -34.13 4.92
N GLY D 189 -42.45 -33.56 3.76
CA GLY D 189 -42.93 -32.26 3.27
C GLY D 189 -42.06 -31.10 3.71
N TYR D 190 -40.74 -31.30 3.79
CA TYR D 190 -39.78 -30.26 4.24
C TYR D 190 -38.68 -30.09 3.21
N LEU D 191 -38.34 -28.84 2.88
CA LEU D 191 -37.22 -28.51 1.97
C LEU D 191 -35.91 -28.96 2.63
N TYR D 192 -35.08 -29.70 1.89
CA TYR D 192 -33.75 -30.15 2.35
C TYR D 192 -32.66 -29.53 1.46
N LEU D 193 -33.04 -28.99 0.30
CA LEU D 193 -32.05 -28.46 -0.67
C LEU D 193 -32.64 -27.28 -1.45
N TYR D 194 -31.87 -26.20 -1.56
CA TYR D 194 -32.23 -24.98 -2.31
C TYR D 194 -31.02 -24.57 -3.16
N ARG D 195 -31.14 -24.61 -4.47
CA ARG D 195 -30.05 -24.28 -5.41
C ARG D 195 -30.41 -23.01 -6.18
N GLN D 196 -29.43 -22.15 -6.44
CA GLN D 196 -29.59 -20.97 -7.33
C GLN D 196 -28.98 -21.33 -8.69
N ILE D 197 -29.63 -20.95 -9.78
CA ILE D 197 -29.13 -21.27 -11.15
C ILE D 197 -28.72 -19.97 -11.83
N ASN D 198 -27.51 -19.94 -12.40
CA ASN D 198 -27.03 -18.81 -13.23
C ASN D 198 -27.67 -18.93 -14.61
N PRO D 199 -28.63 -18.07 -14.99
CA PRO D 199 -29.23 -18.16 -16.33
C PRO D 199 -28.26 -17.66 -17.43
N GLU D 200 -27.15 -17.05 -17.04
CA GLU D 200 -26.13 -16.48 -17.97
C GLU D 200 -25.34 -17.62 -18.63
N LYS D 201 -24.77 -18.52 -17.84
CA LYS D 201 -23.92 -19.62 -18.35
C LYS D 201 -24.59 -20.97 -18.05
N LYS D 202 -25.91 -20.96 -17.81
CA LYS D 202 -26.71 -22.17 -17.50
C LYS D 202 -25.89 -23.12 -16.62
N SER D 203 -25.50 -22.66 -15.43
CA SER D 203 -24.64 -23.40 -14.47
C SER D 203 -25.38 -23.57 -13.14
N ILE D 204 -24.83 -24.36 -12.23
CA ILE D 204 -25.37 -24.54 -10.85
C ILE D 204 -24.56 -23.66 -9.91
N GLY D 205 -25.24 -22.82 -9.12
CA GLY D 205 -24.61 -21.85 -8.20
C GLY D 205 -24.59 -22.37 -6.78
N LYS D 206 -24.84 -21.48 -5.81
CA LYS D 206 -24.80 -21.80 -4.36
C LYS D 206 -25.88 -22.84 -4.04
N THR D 207 -25.48 -23.95 -3.42
CA THR D 207 -26.40 -25.01 -2.93
C THR D 207 -26.55 -24.83 -1.41
N TYR D 208 -27.73 -25.13 -0.86
CA TYR D 208 -28.06 -24.94 0.57
C TYR D 208 -28.73 -26.21 1.11
N LEU D 209 -28.03 -26.98 1.95
CA LEU D 209 -28.59 -28.18 2.62
C LEU D 209 -29.28 -27.75 3.93
N VAL D 210 -30.61 -27.68 3.94
CA VAL D 210 -31.39 -27.21 5.11
C VAL D 210 -31.42 -28.34 6.15
N CYS D 211 -31.20 -29.58 5.71
CA CYS D 211 -31.15 -30.78 6.58
C CYS D 211 -29.88 -30.75 7.44
N LYS D 212 -28.88 -29.96 7.06
CA LYS D 212 -27.60 -29.83 7.81
C LYS D 212 -27.27 -28.36 8.08
N GLU D 213 -28.18 -27.44 7.73
CA GLU D 213 -27.98 -25.97 7.87
C GLU D 213 -26.54 -25.63 7.44
N LYS D 214 -26.14 -26.12 6.26
CA LYS D 214 -24.81 -25.87 5.65
C LYS D 214 -25.01 -25.14 4.32
N GLN D 215 -23.93 -24.76 3.65
CA GLN D 215 -23.98 -24.05 2.35
C GLN D 215 -22.70 -24.32 1.56
N PHE D 216 -22.84 -24.59 0.27
CA PHE D 216 -21.74 -24.84 -0.68
C PHE D 216 -21.87 -23.84 -1.83
N LYS D 217 -20.79 -23.55 -2.55
CA LYS D 217 -20.77 -22.53 -3.63
C LYS D 217 -21.07 -23.18 -4.98
N ASN D 218 -20.62 -24.42 -5.19
CA ASN D 218 -20.78 -25.16 -6.47
C ASN D 218 -21.39 -26.53 -6.15
N ASN D 219 -22.07 -27.14 -7.11
CA ASN D 219 -22.61 -28.52 -6.94
C ASN D 219 -21.43 -29.46 -6.80
N VAL D 220 -20.24 -29.08 -7.28
CA VAL D 220 -19.00 -29.89 -7.07
C VAL D 220 -18.83 -30.08 -5.56
N GLU D 221 -18.85 -28.98 -4.79
CA GLU D 221 -18.61 -28.99 -3.32
C GLU D 221 -19.70 -29.81 -2.63
N PHE D 222 -20.96 -29.61 -2.99
CA PHE D 222 -22.12 -30.33 -2.41
C PHE D 222 -21.93 -31.83 -2.64
N CYS D 223 -21.49 -32.21 -3.84
CA CYS D 223 -21.37 -33.62 -4.26
C CYS D 223 -20.12 -34.24 -3.66
N SER D 224 -19.06 -33.45 -3.45
CA SER D 224 -17.81 -33.91 -2.78
C SER D 224 -18.14 -34.22 -1.31
N TYR D 225 -18.99 -33.39 -0.70
CA TYR D 225 -19.47 -33.58 0.69
C TYR D 225 -20.31 -34.86 0.75
N PHE D 226 -21.19 -35.05 -0.23
CA PHE D 226 -22.04 -36.27 -0.36
C PHE D 226 -21.14 -37.50 -0.31
N LEU D 227 -20.10 -37.51 -1.15
CA LEU D 227 -19.16 -38.66 -1.28
C LEU D 227 -18.36 -38.81 0.01
N ASP D 228 -18.08 -37.71 0.72
CA ASP D 228 -17.26 -37.73 1.95
C ASP D 228 -18.08 -38.36 3.08
N LYS D 229 -19.40 -38.33 2.97
CA LYS D 229 -20.33 -38.84 4.01
C LYS D 229 -20.77 -40.27 3.65
N LEU D 230 -21.05 -40.54 2.38
CA LEU D 230 -21.54 -41.86 1.92
C LEU D 230 -20.41 -42.89 1.98
N ILE D 231 -19.24 -42.55 1.46
CA ILE D 231 -18.09 -43.48 1.37
C ILE D 231 -17.15 -43.18 2.53
N PRO D 232 -16.97 -44.11 3.50
CA PRO D 232 -16.00 -43.95 4.58
C PRO D 232 -14.56 -44.07 4.09
N ASP D 233 -13.61 -43.45 4.78
CA ASP D 233 -12.17 -43.44 4.39
C ASP D 233 -11.54 -44.78 4.79
N ILE D 234 -11.69 -45.79 3.94
CA ILE D 234 -11.06 -47.14 4.12
C ILE D 234 -10.50 -47.56 2.76
N ASN D 235 -9.30 -48.14 2.73
CA ASN D 235 -8.59 -48.54 1.48
C ASN D 235 -9.46 -49.53 0.70
N ASP D 236 -10.29 -50.31 1.40
CA ASP D 236 -11.20 -51.30 0.78
C ASP D 236 -12.34 -50.57 0.06
N ASN D 237 -12.58 -49.29 0.35
CA ASN D 237 -13.58 -48.47 -0.38
C ASN D 237 -12.86 -47.77 -1.55
N ILE D 238 -13.33 -47.99 -2.78
CA ILE D 238 -12.64 -47.49 -4.01
C ILE D 238 -13.62 -46.66 -4.84
N ILE D 239 -13.17 -45.52 -5.37
CA ILE D 239 -13.96 -44.64 -6.28
C ILE D 239 -13.46 -44.85 -7.72
N ILE D 240 -14.36 -45.17 -8.65
CA ILE D 240 -14.02 -45.33 -10.09
C ILE D 240 -14.84 -44.33 -10.91
N CYS D 241 -14.30 -43.13 -11.14
CA CYS D 241 -14.99 -42.09 -11.95
C CYS D 241 -14.87 -42.43 -13.44
N ASP D 242 -16.00 -42.75 -14.08
CA ASP D 242 -16.06 -43.10 -15.52
C ASP D 242 -16.48 -41.84 -16.29
N GLY D 243 -17.32 -41.01 -15.67
CA GLY D 243 -17.82 -39.76 -16.25
C GLY D 243 -16.75 -38.67 -16.21
N PRO D 244 -16.42 -38.03 -17.36
CA PRO D 244 -15.31 -37.06 -17.40
C PRO D 244 -15.60 -35.75 -16.66
N GLY D 245 -16.86 -35.30 -16.65
CA GLY D 245 -17.29 -34.04 -16.04
C GLY D 245 -17.50 -34.18 -14.54
N SER D 246 -17.45 -35.41 -14.02
CA SER D 246 -17.65 -35.71 -12.58
C SER D 246 -16.32 -35.97 -11.90
N PHE D 247 -15.22 -36.03 -12.66
CA PHE D 247 -13.85 -36.21 -12.08
C PHE D 247 -13.57 -35.04 -11.14
N PRO D 248 -13.74 -33.76 -11.54
CA PRO D 248 -13.51 -32.64 -10.63
C PRO D 248 -14.13 -32.81 -9.22
N LYS D 249 -15.27 -33.48 -9.11
CA LYS D 249 -16.04 -33.60 -7.85
C LYS D 249 -15.52 -34.80 -7.04
N ILE D 250 -14.36 -35.34 -7.38
CA ILE D 250 -13.76 -36.53 -6.69
C ILE D 250 -12.35 -36.18 -6.20
N LEU D 251 -11.74 -35.15 -6.78
CA LEU D 251 -10.39 -34.67 -6.39
C LEU D 251 -10.54 -33.73 -5.19
N LYS D 252 -11.73 -33.15 -5.02
CA LYS D 252 -12.01 -32.15 -3.97
C LYS D 252 -12.52 -32.86 -2.71
N THR D 253 -12.70 -34.19 -2.76
CA THR D 253 -13.12 -34.97 -1.56
C THR D 253 -11.99 -34.92 -0.54
N ASN D 254 -12.31 -35.16 0.73
CA ASN D 254 -11.33 -35.12 1.85
C ASN D 254 -10.94 -36.55 2.22
N HIS D 255 -11.02 -37.49 1.28
CA HIS D 255 -10.60 -38.89 1.48
C HIS D 255 -9.06 -38.96 1.50
N LYS D 256 -8.50 -39.74 2.42
CA LYS D 256 -7.03 -39.90 2.59
C LYS D 256 -6.61 -41.36 2.45
N ASN D 257 -7.54 -42.30 2.29
CA ASN D 257 -7.22 -43.74 2.19
C ASN D 257 -7.98 -44.38 1.03
N VAL D 258 -9.16 -43.86 0.68
CA VAL D 258 -10.01 -44.36 -0.42
C VAL D 258 -9.21 -44.29 -1.73
N LYS D 259 -9.13 -45.41 -2.46
CA LYS D 259 -8.47 -45.47 -3.79
C LYS D 259 -9.37 -44.73 -4.79
N LYS D 260 -8.77 -44.01 -5.73
CA LYS D 260 -9.52 -43.19 -6.72
C LYS D 260 -8.92 -43.43 -8.10
N PHE D 261 -9.64 -44.13 -8.97
CA PHE D 261 -9.23 -44.37 -10.37
C PHE D 261 -10.18 -43.62 -11.30
N ALA D 262 -9.73 -43.28 -12.49
CA ALA D 262 -10.56 -42.62 -13.52
C ALA D 262 -10.42 -43.39 -14.83
N VAL D 263 -11.53 -43.83 -15.41
CA VAL D 263 -11.54 -44.59 -16.68
C VAL D 263 -11.88 -43.63 -17.80
N ILE D 264 -11.06 -43.57 -18.84
CA ILE D 264 -11.31 -42.74 -20.05
C ILE D 264 -12.09 -43.59 -21.05
N HIS D 265 -13.20 -43.09 -21.59
CA HIS D 265 -14.14 -43.89 -22.42
C HIS D 265 -14.18 -43.40 -23.87
N VAL D 266 -13.36 -42.40 -24.22
CA VAL D 266 -13.41 -41.72 -25.55
C VAL D 266 -11.99 -41.32 -25.95
N ASN D 267 -11.82 -40.76 -27.15
CA ASN D 267 -10.53 -40.18 -27.62
C ASN D 267 -10.24 -38.93 -26.80
N HIS D 268 -9.01 -38.78 -26.30
CA HIS D 268 -8.57 -37.63 -25.47
C HIS D 268 -8.29 -36.42 -26.36
N TYR D 269 -8.47 -36.54 -27.68
CA TYR D 269 -8.13 -35.47 -28.63
C TYR D 269 -9.41 -34.75 -29.06
N LYS D 270 -9.39 -33.42 -29.10
CA LYS D 270 -10.54 -32.58 -29.54
C LYS D 270 -11.11 -33.16 -30.83
N ASN D 271 -12.43 -33.38 -30.87
CA ASN D 271 -13.14 -34.07 -31.99
C ASN D 271 -12.87 -33.30 -33.29
N PHE D 272 -12.35 -33.99 -34.31
CA PHE D 272 -12.10 -33.42 -35.66
C PHE D 272 -11.35 -32.09 -35.53
N ASP D 273 -10.15 -32.12 -34.95
CA ASP D 273 -9.26 -30.93 -34.87
C ASP D 273 -7.92 -31.26 -35.52
N ASP D 274 -7.33 -32.40 -35.16
CA ASP D 274 -6.03 -32.87 -35.72
C ASP D 274 -4.97 -31.78 -35.53
N THR D 275 -5.15 -30.88 -34.55
CA THR D 275 -4.14 -29.86 -34.18
C THR D 275 -3.35 -30.36 -32.97
N GLY D 276 -3.85 -31.42 -32.30
CA GLY D 276 -3.23 -32.01 -31.10
C GLY D 276 -3.89 -31.52 -29.82
N ALA D 277 -4.91 -30.67 -29.93
CA ALA D 277 -5.68 -30.15 -28.77
C ALA D 277 -6.34 -31.33 -28.04
N VAL D 278 -6.15 -31.40 -26.72
CA VAL D 278 -6.79 -32.44 -25.84
C VAL D 278 -8.08 -31.85 -25.28
N LYS D 279 -9.07 -32.70 -25.02
CA LYS D 279 -10.42 -32.26 -24.56
C LYS D 279 -10.30 -31.71 -23.14
N LYS D 280 -11.08 -30.68 -22.81
CA LYS D 280 -10.97 -29.92 -21.54
C LYS D 280 -11.14 -30.87 -20.36
N GLN D 281 -12.30 -31.51 -20.24
CA GLN D 281 -12.64 -32.41 -19.11
C GLN D 281 -11.55 -33.49 -18.99
N GLU D 282 -11.05 -34.00 -20.11
CA GLU D 282 -10.08 -35.12 -20.10
C GLU D 282 -8.67 -34.59 -19.79
N ASP D 283 -8.36 -33.34 -20.14
CA ASP D 283 -7.05 -32.73 -19.79
C ASP D 283 -6.94 -32.68 -18.26
N TYR D 284 -8.01 -32.22 -17.58
CA TYR D 284 -8.09 -32.16 -16.10
C TYR D 284 -7.81 -33.56 -15.54
N ILE D 285 -8.45 -34.58 -16.11
CA ILE D 285 -8.33 -35.99 -15.62
C ILE D 285 -6.86 -36.41 -15.74
N LEU D 286 -6.20 -36.07 -16.84
CA LEU D 286 -4.81 -36.54 -17.11
C LEU D 286 -3.81 -35.63 -16.39
N ARG D 287 -4.09 -34.33 -16.28
CA ARG D 287 -3.16 -33.35 -15.63
C ARG D 287 -3.09 -33.63 -14.13
N ASN D 288 -4.22 -33.94 -13.50
CA ASN D 288 -4.32 -34.14 -12.04
C ASN D 288 -4.28 -35.65 -11.74
N ALA D 289 -3.35 -36.38 -12.36
CA ALA D 289 -3.21 -37.84 -12.21
C ALA D 289 -2.24 -38.15 -11.06
N ASN D 290 -1.39 -37.18 -10.72
CA ASN D 290 -0.44 -37.28 -9.58
C ASN D 290 -1.23 -37.30 -8.27
N LYS D 291 -2.46 -36.76 -8.29
CA LYS D 291 -3.30 -36.62 -7.08
C LYS D 291 -4.26 -37.81 -6.99
N ILE D 292 -4.42 -38.58 -8.07
CA ILE D 292 -5.27 -39.81 -8.10
C ILE D 292 -4.34 -41.03 -8.07
N ASN D 293 -4.91 -42.24 -8.02
CA ASN D 293 -4.15 -43.51 -7.88
C ASN D 293 -3.77 -44.05 -9.26
N GLY D 294 -4.61 -43.87 -10.27
CA GLY D 294 -4.36 -44.42 -11.63
C GLY D 294 -5.40 -43.99 -12.64
N VAL D 295 -5.00 -43.93 -13.92
CA VAL D 295 -5.91 -43.62 -15.07
C VAL D 295 -6.07 -44.89 -15.90
N VAL D 296 -7.27 -45.45 -15.96
CA VAL D 296 -7.56 -46.70 -16.72
C VAL D 296 -7.96 -46.33 -18.15
N MET D 297 -7.24 -46.86 -19.15
CA MET D 297 -7.53 -46.63 -20.58
C MET D 297 -8.05 -47.95 -21.16
N LEU D 298 -8.97 -47.90 -22.13
CA LEU D 298 -9.61 -49.11 -22.72
C LEU D 298 -8.66 -49.74 -23.75
N THR D 299 -7.83 -48.93 -24.42
CA THR D 299 -6.86 -49.40 -25.45
C THR D 299 -5.44 -49.10 -24.96
N GLU D 300 -4.44 -49.69 -25.63
CA GLU D 300 -3.01 -49.48 -25.34
C GLU D 300 -2.48 -48.33 -26.21
N ALA D 301 -3.12 -48.10 -27.36
CA ALA D 301 -2.78 -47.02 -28.31
C ALA D 301 -3.03 -45.67 -27.62
N GLN D 302 -4.12 -45.56 -26.86
CA GLN D 302 -4.46 -44.33 -26.11
C GLN D 302 -3.43 -44.14 -24.99
N LYS D 303 -3.12 -45.22 -24.25
CA LYS D 303 -2.09 -45.20 -23.18
C LYS D 303 -0.81 -44.59 -23.76
N LYS D 304 -0.46 -44.98 -25.00
CA LYS D 304 0.79 -44.52 -25.68
C LYS D 304 0.66 -43.04 -26.03
N ASP D 305 -0.44 -42.63 -26.66
CA ASP D 305 -0.61 -41.25 -27.18
C ASP D 305 -0.88 -40.29 -26.01
N ILE D 306 -1.06 -40.80 -24.79
CA ILE D 306 -1.34 -39.97 -23.59
C ILE D 306 -0.07 -39.88 -22.72
N ILE D 307 0.67 -40.98 -22.60
CA ILE D 307 1.97 -41.02 -21.84
C ILE D 307 2.99 -40.17 -22.62
N GLU D 308 2.68 -39.80 -23.85
CA GLU D 308 3.58 -38.99 -24.72
C GLU D 308 3.45 -37.51 -24.35
N LYS D 309 2.23 -37.03 -24.12
CA LYS D 309 1.95 -35.60 -23.87
C LYS D 309 2.19 -35.28 -22.38
N TYR D 310 2.12 -36.30 -21.51
CA TYR D 310 2.33 -36.16 -20.05
C TYR D 310 2.87 -37.47 -19.49
N LYS D 311 3.82 -37.40 -18.55
CA LYS D 311 4.55 -38.57 -18.01
C LYS D 311 3.70 -39.28 -16.95
N ILE D 312 2.42 -39.54 -17.22
CA ILE D 312 1.51 -40.26 -16.28
C ILE D 312 2.12 -41.65 -16.05
N THR D 313 2.64 -41.90 -14.86
CA THR D 313 3.29 -43.18 -14.47
C THR D 313 2.23 -44.11 -13.87
N ASN D 314 0.98 -43.65 -13.80
CA ASN D 314 -0.15 -44.40 -13.19
C ASN D 314 -1.15 -44.76 -14.29
N ALA D 315 -0.67 -45.02 -15.50
CA ALA D 315 -1.50 -45.38 -16.67
C ALA D 315 -1.71 -46.90 -16.67
N TYR D 316 -2.95 -47.36 -16.94
CA TYR D 316 -3.29 -48.80 -16.90
C TYR D 316 -4.21 -49.14 -18.08
N VAL D 317 -3.79 -50.14 -18.87
CA VAL D 317 -4.53 -50.62 -20.09
C VAL D 317 -5.42 -51.80 -19.69
N ILE D 318 -6.44 -51.57 -18.87
CA ILE D 318 -7.48 -52.59 -18.54
C ILE D 318 -8.69 -52.30 -19.42
N SER D 319 -9.10 -53.25 -20.26
CA SER D 319 -10.20 -53.08 -21.24
C SER D 319 -11.55 -53.05 -20.51
N ASN D 320 -12.62 -52.84 -21.26
CA ASN D 320 -14.02 -52.87 -20.75
C ASN D 320 -14.48 -54.32 -20.68
N PHE D 321 -15.50 -54.58 -19.85
CA PHE D 321 -16.13 -55.91 -19.69
C PHE D 321 -17.23 -56.06 -20.74
N ILE D 322 -17.21 -57.16 -21.50
CA ILE D 322 -18.24 -57.46 -22.53
C ILE D 322 -18.92 -58.78 -22.16
N ASN D 323 -20.26 -58.81 -22.21
CA ASN D 323 -21.08 -60.01 -21.90
C ASN D 323 -20.92 -61.01 -23.06
N ILE D 324 -20.63 -62.27 -22.75
CA ILE D 324 -20.40 -63.35 -23.76
C ILE D 324 -21.72 -63.63 -24.50
N THR D 325 -22.86 -63.17 -23.95
CA THR D 325 -24.23 -63.27 -24.55
C THR D 325 -24.46 -64.68 -25.11
N ASP D 326 -23.84 -65.71 -24.53
CA ASP D 326 -24.01 -67.13 -24.90
C ASP D 326 -23.81 -67.30 -26.41
N ASP D 327 -24.54 -68.22 -27.05
CA ASP D 327 -24.46 -68.47 -28.52
C ASP D 327 -25.85 -68.83 -29.03
N TYR D 328 -25.98 -69.01 -30.36
CA TYR D 328 -27.26 -69.34 -31.03
C TYR D 328 -26.96 -69.87 -32.44
N ARG D 329 -28.00 -70.29 -33.16
CA ARG D 329 -27.88 -70.73 -34.57
C ARG D 329 -27.84 -69.49 -35.46
N ASP D 330 -26.65 -69.11 -35.93
CA ASP D 330 -26.44 -67.95 -36.84
C ASP D 330 -27.32 -68.13 -38.08
N LYS D 331 -28.37 -67.32 -38.20
CA LYS D 331 -29.29 -67.34 -39.38
C LYS D 331 -29.09 -66.06 -40.18
N ASN D 332 -27.97 -65.97 -40.91
CA ASN D 332 -27.66 -64.84 -41.83
C ASN D 332 -28.49 -65.01 -43.11
N ASP D 333 -29.81 -64.85 -43.03
CA ASP D 333 -30.74 -65.13 -44.15
C ASP D 333 -31.27 -63.82 -44.74
N ASN D 334 -31.14 -62.70 -44.03
CA ASN D 334 -31.62 -61.37 -44.48
C ASN D 334 -30.41 -60.54 -44.92
N LYS D 335 -30.62 -59.57 -45.81
CA LYS D 335 -29.57 -58.65 -46.30
C LYS D 335 -29.73 -57.30 -45.60
N VAL D 336 -29.36 -57.23 -44.32
CA VAL D 336 -29.51 -55.98 -43.50
C VAL D 336 -28.15 -55.63 -42.87
N VAL D 337 -27.66 -54.43 -43.16
CA VAL D 337 -26.45 -53.87 -42.48
C VAL D 337 -26.96 -53.04 -41.31
N GLY D 338 -26.42 -53.27 -40.10
CA GLY D 338 -26.94 -52.68 -38.85
C GLY D 338 -26.00 -51.61 -38.29
N HIS D 339 -26.55 -50.68 -37.52
CA HIS D 339 -25.80 -49.62 -36.79
C HIS D 339 -26.62 -49.18 -35.58
N ILE D 340 -26.40 -49.79 -34.42
CA ILE D 340 -27.05 -49.39 -33.14
C ILE D 340 -26.09 -48.44 -32.42
N SER D 341 -26.30 -47.13 -32.53
CA SER D 341 -25.35 -46.11 -32.00
C SER D 341 -26.10 -44.83 -31.65
N ARG D 342 -25.48 -43.97 -30.83
CA ARG D 342 -26.02 -42.64 -30.48
C ARG D 342 -26.06 -41.80 -31.75
N LEU D 343 -27.23 -41.21 -32.06
CA LEU D 343 -27.38 -40.32 -33.25
C LEU D 343 -26.65 -39.01 -32.95
N VAL D 344 -25.32 -39.04 -33.05
CA VAL D 344 -24.41 -37.91 -32.68
C VAL D 344 -23.43 -37.72 -33.82
N PRO D 345 -22.80 -36.52 -33.96
CA PRO D 345 -21.80 -36.28 -34.99
C PRO D 345 -20.52 -37.12 -34.84
N GLN D 346 -20.26 -37.61 -33.62
CA GLN D 346 -19.13 -38.52 -33.31
C GLN D 346 -19.09 -39.65 -34.35
N LYS D 347 -20.24 -40.23 -34.66
CA LYS D 347 -20.38 -41.30 -35.66
C LYS D 347 -20.52 -40.62 -37.04
N GLY D 348 -19.91 -41.17 -38.08
CA GLY D 348 -19.98 -40.58 -39.44
C GLY D 348 -21.26 -40.99 -40.13
N LEU D 349 -22.42 -40.61 -39.57
CA LEU D 349 -23.77 -40.99 -40.10
C LEU D 349 -23.89 -40.46 -41.53
N PRO D 350 -23.34 -39.26 -41.82
CA PRO D 350 -23.34 -38.75 -43.20
C PRO D 350 -22.62 -39.70 -44.16
N TYR D 351 -21.50 -40.28 -43.70
CA TYR D 351 -20.65 -41.19 -44.51
C TYR D 351 -21.40 -42.52 -44.72
N LEU D 352 -22.28 -42.91 -43.80
CA LEU D 352 -23.00 -44.20 -43.88
C LEU D 352 -24.04 -44.10 -45.00
N ILE D 353 -24.75 -42.97 -45.06
CA ILE D 353 -25.76 -42.69 -46.13
C ILE D 353 -25.04 -42.67 -47.48
N ASP D 354 -23.78 -42.22 -47.49
CA ASP D 354 -22.96 -42.13 -48.73
C ASP D 354 -22.54 -43.54 -49.14
N VAL D 355 -22.27 -44.42 -48.17
CA VAL D 355 -21.92 -45.85 -48.44
C VAL D 355 -23.19 -46.55 -48.95
N ALA D 356 -24.35 -46.26 -48.34
CA ALA D 356 -25.64 -46.89 -48.66
C ALA D 356 -26.05 -46.54 -50.09
N LYS D 357 -25.83 -45.29 -50.50
CA LYS D 357 -26.08 -44.85 -51.91
C LYS D 357 -25.33 -45.81 -52.83
N LYS D 358 -24.03 -45.98 -52.60
CA LYS D 358 -23.13 -46.79 -53.45
C LYS D 358 -23.57 -48.26 -53.40
N VAL D 359 -23.84 -48.80 -52.21
CA VAL D 359 -24.25 -50.23 -52.05
C VAL D 359 -25.52 -50.47 -52.85
N VAL D 360 -26.53 -49.62 -52.67
CA VAL D 360 -27.89 -49.81 -53.25
C VAL D 360 -27.83 -49.56 -54.77
N GLU D 361 -26.90 -48.72 -55.22
CA GLU D 361 -26.70 -48.47 -56.68
C GLU D 361 -26.45 -49.80 -57.39
N GLN D 362 -25.88 -50.80 -56.71
CA GLN D 362 -25.49 -52.08 -57.34
C GLN D 362 -26.40 -53.22 -56.86
N ASP D 363 -26.92 -53.18 -55.63
CA ASP D 363 -27.81 -54.24 -55.09
C ASP D 363 -29.24 -53.69 -54.98
N ASN D 364 -29.47 -52.74 -54.07
CA ASN D 364 -30.80 -52.11 -53.81
C ASN D 364 -31.74 -53.12 -53.15
N SER D 365 -31.26 -54.31 -52.80
CA SER D 365 -32.04 -55.33 -52.04
C SER D 365 -31.58 -55.31 -50.58
N VAL D 366 -30.55 -54.53 -50.25
CA VAL D 366 -29.96 -54.42 -48.89
C VAL D 366 -30.70 -53.31 -48.14
N GLU D 367 -31.13 -53.57 -46.91
CA GLU D 367 -31.82 -52.59 -46.04
C GLU D 367 -30.86 -52.14 -44.94
N PHE D 368 -30.38 -50.90 -45.00
CA PHE D 368 -29.51 -50.31 -43.95
C PHE D 368 -30.38 -49.93 -42.75
N HIS D 369 -30.39 -50.78 -41.72
CA HIS D 369 -31.23 -50.58 -40.51
C HIS D 369 -30.39 -49.94 -39.40
N LEU D 370 -30.53 -48.63 -39.22
CA LEU D 370 -29.81 -47.85 -38.17
C LEU D 370 -30.74 -47.70 -36.97
N TYR D 371 -30.30 -48.14 -35.79
CA TYR D 371 -31.05 -48.06 -34.51
C TYR D 371 -30.39 -47.03 -33.60
N GLY D 372 -31.19 -46.33 -32.79
CA GLY D 372 -30.68 -45.36 -31.79
C GLY D 372 -31.48 -44.08 -31.79
N THR D 373 -31.29 -43.26 -30.77
CA THR D 373 -31.91 -41.92 -30.60
C THR D 373 -30.79 -40.89 -30.51
N GLY D 374 -31.07 -39.61 -30.77
CA GLY D 374 -30.06 -38.53 -30.67
C GLY D 374 -30.50 -37.24 -31.33
N GLU D 375 -29.52 -36.38 -31.67
CA GLU D 375 -29.76 -35.00 -32.15
C GLU D 375 -29.60 -34.93 -33.67
N GLU D 376 -28.96 -35.92 -34.30
CA GLU D 376 -28.68 -35.92 -35.76
C GLU D 376 -29.78 -36.70 -36.49
N LYS D 377 -30.93 -36.93 -35.86
CA LYS D 377 -32.07 -37.69 -36.44
C LYS D 377 -32.64 -36.90 -37.62
N SER D 378 -33.08 -35.67 -37.37
CA SER D 378 -33.68 -34.75 -38.39
C SER D 378 -32.73 -34.62 -39.58
N LYS D 379 -31.42 -34.47 -39.32
CA LYS D 379 -30.38 -34.34 -40.37
C LYS D 379 -30.36 -35.60 -41.21
N ILE D 380 -30.10 -36.76 -40.60
CA ILE D 380 -29.98 -38.08 -41.30
C ILE D 380 -31.25 -38.33 -42.11
N GLU D 381 -32.42 -37.91 -41.59
CA GLU D 381 -33.73 -38.12 -42.26
C GLU D 381 -33.77 -37.32 -43.56
N ASN D 382 -33.33 -36.06 -43.54
CA ASN D 382 -33.30 -35.17 -44.73
C ASN D 382 -32.27 -35.70 -45.73
N LEU D 383 -31.12 -36.18 -45.23
CA LEU D 383 -30.06 -36.77 -46.08
C LEU D 383 -30.62 -37.99 -46.81
N ILE D 384 -31.35 -38.85 -46.09
CA ILE D 384 -32.00 -40.07 -46.65
C ILE D 384 -32.99 -39.62 -47.73
N GLN D 385 -33.75 -38.55 -47.47
CA GLN D 385 -34.79 -38.02 -48.40
C GLN D 385 -34.13 -37.47 -49.66
N GLU D 386 -33.03 -36.71 -49.50
CA GLU D 386 -32.37 -36.01 -50.63
C GLU D 386 -31.58 -37.01 -51.48
N SER D 387 -31.53 -38.29 -51.10
CA SER D 387 -30.72 -39.32 -51.77
C SER D 387 -31.59 -40.53 -52.15
N ASN D 388 -32.91 -40.39 -52.10
CA ASN D 388 -33.86 -41.47 -52.47
C ASN D 388 -33.43 -42.77 -51.77
N LEU D 389 -33.10 -42.70 -50.48
CA LEU D 389 -32.73 -43.89 -49.68
C LEU D 389 -33.79 -44.10 -48.59
N THR D 390 -35.06 -43.91 -48.92
CA THR D 390 -36.20 -43.99 -47.97
C THR D 390 -36.60 -45.46 -47.77
N ASN D 391 -36.51 -46.28 -48.82
CA ASN D 391 -36.95 -47.69 -48.80
C ASN D 391 -35.72 -48.59 -48.56
N ASN D 392 -34.56 -47.99 -48.29
CA ASN D 392 -33.29 -48.74 -48.13
C ASN D 392 -32.69 -48.44 -46.75
N VAL D 393 -32.53 -47.15 -46.43
CA VAL D 393 -31.97 -46.72 -45.12
C VAL D 393 -33.13 -46.23 -44.24
N LYS D 394 -33.41 -46.94 -43.16
CA LYS D 394 -34.51 -46.60 -42.21
C LYS D 394 -33.95 -46.49 -40.80
N LEU D 395 -34.21 -45.37 -40.13
CA LEU D 395 -33.87 -45.17 -38.69
C LEU D 395 -35.06 -45.64 -37.86
N LEU D 396 -34.88 -46.69 -37.05
CA LEU D 396 -36.00 -47.32 -36.31
C LEU D 396 -36.13 -46.72 -34.91
N GLY D 397 -35.10 -46.82 -34.06
CA GLY D 397 -35.09 -46.13 -32.76
C GLY D 397 -34.30 -46.88 -31.70
N TYR D 398 -34.43 -46.46 -30.44
CA TYR D 398 -33.69 -47.06 -29.31
C TYR D 398 -34.27 -48.44 -29.01
N THR D 399 -33.41 -49.45 -28.92
CA THR D 399 -33.80 -50.85 -28.58
C THR D 399 -33.19 -51.22 -27.23
N THR D 400 -34.02 -51.73 -26.32
CA THR D 400 -33.60 -52.25 -25.00
C THR D 400 -32.98 -53.63 -25.18
N ASN D 401 -33.40 -54.36 -26.22
CA ASN D 401 -32.87 -55.70 -26.56
C ASN D 401 -32.26 -55.66 -27.96
N ALA D 402 -31.07 -55.08 -28.07
CA ALA D 402 -30.29 -55.03 -29.33
C ALA D 402 -29.85 -56.46 -29.68
N ILE D 403 -29.78 -57.34 -28.67
CA ILE D 403 -29.37 -58.77 -28.86
C ILE D 403 -30.24 -59.37 -29.97
N GLU D 404 -31.56 -59.25 -29.83
CA GLU D 404 -32.53 -59.76 -30.84
C GLU D 404 -32.35 -59.01 -32.16
N LYS D 405 -32.08 -57.71 -32.10
CA LYS D 405 -32.01 -56.86 -33.33
C LYS D 405 -30.72 -57.17 -34.10
N ILE D 406 -29.61 -57.46 -33.41
CA ILE D 406 -28.29 -57.71 -34.06
C ILE D 406 -28.31 -59.09 -34.72
N LYS D 407 -29.01 -60.05 -34.13
CA LYS D 407 -29.11 -61.44 -34.66
C LYS D 407 -29.68 -61.40 -36.07
N ASP D 408 -30.78 -60.68 -36.28
CA ASP D 408 -31.49 -60.59 -37.58
C ASP D 408 -30.76 -59.58 -38.48
N PHE D 409 -29.43 -59.65 -38.53
CA PHE D 409 -28.58 -58.82 -39.42
C PHE D 409 -27.67 -59.75 -40.24
N ARG D 410 -26.92 -59.19 -41.18
CA ARG D 410 -25.90 -59.92 -41.95
C ARG D 410 -24.53 -59.44 -41.48
N CYS D 411 -24.25 -58.15 -41.62
CA CYS D 411 -23.00 -57.48 -41.17
C CYS D 411 -23.36 -56.27 -40.32
N VAL D 412 -22.37 -55.69 -39.64
CA VAL D 412 -22.52 -54.41 -38.89
C VAL D 412 -21.48 -53.42 -39.42
N ILE D 413 -21.89 -52.17 -39.60
CA ILE D 413 -21.01 -51.10 -40.16
C ILE D 413 -20.63 -50.14 -39.03
N SER D 414 -19.55 -49.38 -39.21
CA SER D 414 -19.11 -48.31 -38.29
C SER D 414 -18.39 -47.22 -39.07
N THR D 415 -19.11 -46.16 -39.43
CA THR D 415 -18.57 -45.02 -40.19
C THR D 415 -18.09 -43.94 -39.22
N SER D 416 -17.86 -44.29 -37.95
CA SER D 416 -17.46 -43.35 -36.87
C SER D 416 -16.15 -42.64 -37.24
N GLN D 417 -15.83 -41.55 -36.55
CA GLN D 417 -14.57 -40.79 -36.77
C GLN D 417 -13.71 -40.86 -35.51
N PHE D 418 -14.30 -41.14 -34.35
CA PHE D 418 -13.59 -41.34 -33.06
C PHE D 418 -14.46 -42.16 -32.10
N GLU D 419 -13.83 -42.98 -31.25
CA GLU D 419 -14.53 -43.88 -30.30
C GLU D 419 -13.56 -44.43 -29.26
N GLY D 420 -14.10 -45.19 -28.30
CA GLY D 420 -13.35 -45.96 -27.29
C GLY D 420 -13.27 -47.42 -27.67
N GLN D 421 -13.59 -48.33 -26.74
CA GLN D 421 -13.52 -49.80 -26.99
C GLN D 421 -14.34 -50.12 -28.24
N GLY D 422 -15.61 -49.69 -28.29
CA GLY D 422 -16.55 -49.99 -29.39
C GLY D 422 -17.44 -51.16 -29.03
N LEU D 423 -18.11 -51.08 -27.88
CA LEU D 423 -18.95 -52.17 -27.31
C LEU D 423 -19.94 -52.68 -28.35
N SER D 424 -20.59 -51.78 -29.10
CA SER D 424 -21.63 -52.12 -30.11
C SER D 424 -21.06 -53.15 -31.10
N LEU D 425 -19.92 -52.82 -31.72
CA LEU D 425 -19.25 -53.68 -32.74
C LEU D 425 -18.85 -55.00 -32.07
N ILE D 426 -18.29 -54.91 -30.86
CA ILE D 426 -17.79 -56.09 -30.09
C ILE D 426 -18.99 -57.02 -29.80
N GLU D 427 -20.10 -56.45 -29.33
CA GLU D 427 -21.33 -57.22 -28.98
C GLU D 427 -21.85 -57.92 -30.24
N ALA D 428 -21.82 -57.24 -31.39
CA ALA D 428 -22.27 -57.79 -32.68
C ALA D 428 -21.38 -58.97 -33.06
N MET D 429 -20.05 -58.78 -33.00
CA MET D 429 -19.07 -59.85 -33.30
C MET D 429 -19.35 -61.07 -32.40
N LEU D 430 -19.65 -60.83 -31.12
CA LEU D 430 -19.89 -61.91 -30.13
C LEU D 430 -21.17 -62.65 -30.49
N LEU D 431 -22.10 -62.00 -31.20
CA LEU D 431 -23.33 -62.65 -31.70
C LEU D 431 -23.07 -63.22 -33.11
N LYS D 432 -21.82 -63.62 -33.38
CA LYS D 432 -21.41 -64.26 -34.65
C LYS D 432 -21.87 -63.40 -35.84
N LYS D 433 -21.56 -62.10 -35.82
CA LYS D 433 -21.88 -61.18 -36.95
C LYS D 433 -20.58 -60.58 -37.49
N PRO D 434 -20.31 -60.65 -38.81
CA PRO D 434 -19.15 -60.00 -39.41
C PRO D 434 -19.26 -58.47 -39.27
N VAL D 435 -18.13 -57.77 -39.31
CA VAL D 435 -18.08 -56.30 -39.04
C VAL D 435 -17.24 -55.62 -40.13
N VAL D 436 -17.75 -54.52 -40.66
CA VAL D 436 -17.03 -53.66 -41.64
C VAL D 436 -16.97 -52.25 -41.05
N ALA D 437 -15.83 -51.86 -40.48
CA ALA D 437 -15.72 -50.60 -39.71
C ALA D 437 -14.52 -49.78 -40.20
N PHE D 438 -14.56 -48.46 -39.93
CA PHE D 438 -13.48 -47.51 -40.28
C PHE D 438 -12.37 -47.62 -39.24
N ASP D 439 -11.11 -47.52 -39.68
CA ASP D 439 -9.92 -47.56 -38.80
C ASP D 439 -9.80 -46.20 -38.09
N VAL D 440 -10.58 -46.01 -37.03
CA VAL D 440 -10.59 -44.75 -36.22
C VAL D 440 -9.59 -44.94 -35.08
N LYS D 441 -9.34 -43.88 -34.30
CA LYS D 441 -8.33 -43.91 -33.22
C LYS D 441 -8.86 -44.70 -32.03
N TYR D 442 -8.08 -45.69 -31.57
CA TYR D 442 -8.31 -46.46 -30.32
C TYR D 442 -9.61 -47.28 -30.40
N GLY D 443 -9.93 -47.86 -31.56
CA GLY D 443 -11.16 -48.66 -31.74
C GLY D 443 -10.91 -49.98 -32.45
N PRO D 444 -11.40 -50.13 -33.70
CA PRO D 444 -11.33 -51.41 -34.41
C PRO D 444 -9.91 -51.89 -34.72
N SER D 445 -8.91 -51.01 -34.58
CA SER D 445 -7.47 -51.33 -34.80
C SER D 445 -6.99 -52.39 -33.80
N ASP D 446 -7.80 -52.73 -32.80
CA ASP D 446 -7.38 -53.68 -31.72
C ASP D 446 -8.20 -54.97 -31.76
N PHE D 447 -9.36 -55.00 -32.43
CA PHE D 447 -10.25 -56.19 -32.45
C PHE D 447 -10.57 -56.62 -33.88
N VAL D 448 -10.99 -55.70 -34.76
CA VAL D 448 -11.39 -56.04 -36.16
C VAL D 448 -10.13 -56.43 -36.94
N LYS D 449 -9.96 -57.73 -37.21
CA LYS D 449 -8.85 -58.30 -38.01
C LYS D 449 -9.34 -58.54 -39.44
N ASP D 450 -8.74 -57.86 -40.42
CA ASP D 450 -9.15 -57.91 -41.84
C ASP D 450 -9.01 -59.36 -42.35
N GLY D 451 -10.13 -59.97 -42.76
CA GLY D 451 -10.18 -61.34 -43.31
C GLY D 451 -10.57 -62.37 -42.26
N LYS D 452 -10.38 -62.09 -40.98
CA LYS D 452 -10.65 -63.05 -39.87
C LYS D 452 -12.09 -62.85 -39.37
N ASN D 453 -12.37 -61.71 -38.72
CA ASN D 453 -13.69 -61.44 -38.09
C ASN D 453 -14.46 -60.42 -38.93
N GLY D 454 -13.81 -59.82 -39.92
CA GLY D 454 -14.41 -58.79 -40.77
C GLY D 454 -13.37 -58.02 -41.56
N TYR D 455 -13.64 -56.76 -41.88
CA TYR D 455 -12.74 -55.93 -42.73
C TYR D 455 -12.62 -54.53 -42.10
N LEU D 456 -11.38 -54.05 -41.95
CA LEU D 456 -11.09 -52.69 -41.41
C LEU D 456 -10.77 -51.78 -42.59
N ILE D 457 -11.64 -50.81 -42.88
CA ILE D 457 -11.49 -49.90 -44.06
C ILE D 457 -10.92 -48.56 -43.57
N GLU D 458 -10.08 -47.93 -44.41
CA GLU D 458 -9.47 -46.59 -44.12
C GLU D 458 -10.60 -45.59 -43.88
N ASN D 459 -10.39 -44.61 -42.99
CA ASN D 459 -11.45 -43.68 -42.51
C ASN D 459 -12.10 -42.95 -43.70
N LYS D 460 -11.39 -42.77 -44.82
CA LYS D 460 -11.91 -42.03 -45.99
C LYS D 460 -11.86 -42.91 -47.24
N ASP D 461 -12.53 -44.07 -47.20
CA ASP D 461 -12.60 -45.02 -48.36
C ASP D 461 -14.00 -45.63 -48.42
N ILE D 462 -15.02 -44.79 -48.68
CA ILE D 462 -16.45 -45.23 -48.80
C ILE D 462 -16.53 -46.37 -49.82
N LYS D 463 -15.74 -46.30 -50.90
CA LYS D 463 -15.69 -47.33 -51.97
C LYS D 463 -15.38 -48.69 -51.34
N LYS D 464 -14.26 -48.79 -50.60
CA LYS D 464 -13.82 -50.07 -49.99
C LYS D 464 -14.88 -50.53 -48.99
N MET D 465 -15.40 -49.62 -48.16
CA MET D 465 -16.46 -49.92 -47.17
C MET D 465 -17.66 -50.53 -47.92
N ALA D 466 -18.08 -49.91 -49.02
CA ALA D 466 -19.22 -50.36 -49.84
C ALA D 466 -18.91 -51.75 -50.40
N ASN D 467 -17.76 -51.91 -51.06
CA ASN D 467 -17.38 -53.17 -51.74
C ASN D 467 -17.45 -54.32 -50.71
N LYS D 468 -16.89 -54.11 -49.52
CA LYS D 468 -16.78 -55.18 -48.48
C LYS D 468 -18.16 -55.45 -47.88
N ILE D 469 -19.00 -54.41 -47.73
CA ILE D 469 -20.38 -54.55 -47.18
C ILE D 469 -21.21 -55.36 -48.18
N LEU D 470 -21.05 -55.06 -49.48
CA LEU D 470 -21.77 -55.76 -50.57
C LEU D 470 -21.30 -57.22 -50.62
N LYS D 471 -19.98 -57.44 -50.64
CA LYS D 471 -19.37 -58.79 -50.69
C LYS D 471 -20.01 -59.67 -49.60
N LEU D 472 -20.14 -59.14 -48.38
CA LEU D 472 -20.67 -59.90 -47.22
C LEU D 472 -22.16 -60.17 -47.41
N LEU D 473 -22.91 -59.18 -47.92
CA LEU D 473 -24.37 -59.30 -48.16
C LEU D 473 -24.60 -60.11 -49.45
N HIS D 474 -23.54 -60.64 -50.07
CA HIS D 474 -23.64 -61.50 -51.27
C HIS D 474 -23.03 -62.88 -50.99
N ASP D 475 -22.26 -63.02 -49.92
CA ASP D 475 -21.70 -64.34 -49.50
C ASP D 475 -22.04 -64.57 -48.02
N LYS D 476 -23.27 -65.01 -47.76
CA LYS D 476 -23.77 -65.36 -46.40
C LYS D 476 -22.78 -66.31 -45.71
N GLU D 477 -22.08 -67.14 -46.50
CA GLU D 477 -21.10 -68.15 -46.00
C GLU D 477 -19.94 -67.42 -45.31
N LEU D 478 -19.27 -66.52 -46.01
CA LEU D 478 -18.08 -65.80 -45.48
C LEU D 478 -18.52 -64.95 -44.29
N SER D 479 -19.74 -64.41 -44.34
CA SER D 479 -20.33 -63.61 -43.23
C SER D 479 -20.31 -64.45 -41.95
N LYS D 480 -20.84 -65.68 -42.01
CA LYS D 480 -20.97 -66.58 -40.83
C LYS D 480 -19.58 -67.00 -40.34
N SER D 481 -18.67 -67.32 -41.25
CA SER D 481 -17.29 -67.75 -40.92
C SER D 481 -16.58 -66.62 -40.17
N LEU D 482 -16.67 -65.40 -40.73
CA LEU D 482 -16.07 -64.19 -40.12
C LEU D 482 -16.75 -63.95 -38.77
N GLY D 483 -18.08 -64.09 -38.71
CA GLY D 483 -18.86 -63.95 -37.47
C GLY D 483 -18.31 -64.85 -36.37
N LYS D 484 -18.00 -66.10 -36.71
CA LYS D 484 -17.48 -67.11 -35.76
C LYS D 484 -16.19 -66.58 -35.12
N HIS D 485 -15.24 -66.13 -35.95
CA HIS D 485 -13.93 -65.58 -35.48
C HIS D 485 -14.17 -64.35 -34.62
N GLY D 486 -15.21 -63.55 -34.95
CA GLY D 486 -15.61 -62.38 -34.16
C GLY D 486 -15.75 -62.76 -32.69
N ARG D 487 -16.62 -63.72 -32.41
CA ARG D 487 -16.87 -64.24 -31.03
C ARG D 487 -15.53 -64.73 -30.45
N ASP D 488 -14.81 -65.58 -31.17
CA ASP D 488 -13.53 -66.18 -30.71
C ASP D 488 -12.60 -65.06 -30.25
N THR D 489 -12.31 -64.08 -31.11
CA THR D 489 -11.40 -62.95 -30.81
C THR D 489 -11.92 -62.20 -29.58
N ILE D 490 -13.19 -61.80 -29.58
CA ILE D 490 -13.81 -61.01 -28.48
C ILE D 490 -13.57 -61.75 -27.14
N ILE D 491 -13.84 -63.06 -27.10
CA ILE D 491 -13.70 -63.87 -25.86
C ILE D 491 -12.20 -63.96 -25.52
N ASP D 492 -11.39 -64.54 -26.40
CA ASP D 492 -9.94 -64.78 -26.17
C ASP D 492 -9.29 -63.55 -25.54
N MET D 493 -9.66 -62.34 -26.00
CA MET D 493 -9.00 -61.09 -25.56
C MET D 493 -9.72 -60.52 -24.34
N TYR D 494 -11.05 -60.35 -24.42
CA TYR D 494 -11.86 -59.71 -23.36
C TYR D 494 -12.50 -60.81 -22.50
N GLN D 495 -11.66 -61.62 -21.84
CA GLN D 495 -12.11 -62.66 -20.87
C GLN D 495 -12.47 -61.96 -19.56
N PRO D 496 -13.75 -61.98 -19.13
CA PRO D 496 -14.16 -61.28 -17.90
C PRO D 496 -13.30 -61.64 -16.69
N GLU D 497 -12.72 -62.85 -16.68
CA GLU D 497 -11.84 -63.34 -15.59
C GLU D 497 -10.50 -62.60 -15.62
N LYS D 498 -9.91 -62.45 -16.81
CA LYS D 498 -8.58 -61.80 -16.99
C LYS D 498 -8.70 -60.30 -16.76
N LEU D 499 -9.90 -59.73 -16.95
CA LEU D 499 -10.15 -58.28 -16.79
C LEU D 499 -10.32 -57.97 -15.31
N MET D 500 -10.85 -58.92 -14.53
CA MET D 500 -11.06 -58.76 -13.07
C MET D 500 -9.71 -58.97 -12.37
N VAL D 501 -8.80 -59.74 -12.96
CA VAL D 501 -7.43 -59.93 -12.41
C VAL D 501 -6.76 -58.56 -12.42
N LYS D 502 -6.97 -57.78 -13.49
CA LYS D 502 -6.34 -56.45 -13.68
C LYS D 502 -6.93 -55.48 -12.65
N TRP D 503 -8.26 -55.46 -12.52
CA TRP D 503 -8.98 -54.57 -11.58
C TRP D 503 -8.59 -54.91 -10.13
N LYS D 504 -8.61 -56.19 -9.76
CA LYS D 504 -8.36 -56.62 -8.34
C LYS D 504 -6.92 -56.31 -7.94
N GLN D 505 -5.97 -56.36 -8.89
CA GLN D 505 -4.54 -56.05 -8.63
C GLN D 505 -4.43 -54.57 -8.26
N LEU D 506 -5.13 -53.70 -9.00
CA LEU D 506 -5.18 -52.24 -8.73
C LEU D 506 -5.71 -52.01 -7.31
N PHE D 507 -6.48 -52.96 -6.78
CA PHE D 507 -7.07 -52.88 -5.41
C PHE D 507 -6.13 -53.58 -4.42
#